data_7YSR
#
_entry.id   7YSR
#
_cell.length_a   1.00
_cell.length_b   1.00
_cell.length_c   1.00
_cell.angle_alpha   90.00
_cell.angle_beta   90.00
_cell.angle_gamma   90.00
#
_symmetry.space_group_name_H-M   'P 1'
#
loop_
_entity.id
_entity.type
_entity.pdbx_description
1 polymer 'Tubulin alpha chain'
2 polymer 'Tubulin beta-1 chain'
3 non-polymer "GUANOSINE-5'-TRIPHOSPHATE"
4 non-polymer "5'-GUANOSINE-DIPHOSPHATE-MONOTHIOPHOSPHATE"
#
loop_
_entity_poly.entity_id
_entity_poly.type
_entity_poly.pdbx_seq_one_letter_code
_entity_poly.pdbx_strand_id
1 'polypeptide(L)'
;MRECISIHVGQAGVQIGNACWELYCLEHGIQPDGQMPSDKTVGGGDDSFNTFFSETGAGKHVPRAVFVDLEPTVVDEVRT
GTYRQLFHPEQLITGKEDAANNYARGHYTIGKEIVDLVLDRIRKLADQCTGLQGFLIFHSFGGGTGSGFTSLLMERLSVD
YGKKSKLEFAIYPAPQVSTAVVEPYNSILTTHTTLEHSDCAFMVDNEAIYDICRRNLDIERPTYTNLNRLIGQIVSSITA
SLRFDGALNVDLTEFQTNLVPYPRIHFPLVTYAPVISAEKAYHEQLSVAEITNACFEPANQMVKCDPRHGKYMACCMLYR
GDVVPKDVNAAIATIKTKRTIQFVDWCPTGFKVGINYQPPTVVPGGDLAKVQRAVCMLSNTTAIAEAWARLDHKFDLMYA
KRAFVHWYVGEGMEEGEFSEAREDLAALEKDYEEVGMDSGDGEGEGAEEY
;
A,C
2 'polypeptide(L)'
;MREIVHIQAGQCGNQIGAKFWEIISDEHGIDATGAYHGDSDLQLERINVYYNEASGGKYVPRAVLVDLEPGTMDSVRSGP
FGQIFRPDNFVFGQSGAGNNWAKGHYTEGAELVDSVLDVVRKEAESCDCLQGFQLTHSLGGGTGSGMGTLLISKIREEYP
DRIMNTYSVVPSPKVSDTVVEPYNATLSVHQLVENTDETYCIDNEALYDICFRTLKLTTPTYGDLNHLVSLTMSGVTTCL
RFPGQLNADLRKLAVNMVPFPRLHFFMPGFAPLTSRGSQQYRALTVPELTQQMFDAKNMMAACDPRHGRYLTVAAIFRGR
MSMKEVDEQMLNIQNKNSSYFVEWIPNNVKTAVCDIPPRGLKMSATFIGNSTAIQELFKRISEQFTAMFRRKAFLHWYTG
EGMDEMEFTEAESNMNDLVSEYQQYQEATADEDAEFEEEQEAEVDEN
;
B,D
#
# COMPACT_ATOMS: atom_id res chain seq x y z
N MET A 1 -30.10 -0.06 -26.06
CA MET A 1 -30.87 1.14 -26.35
C MET A 1 -31.37 1.78 -25.06
N ARG A 2 -32.52 1.31 -24.57
CA ARG A 2 -33.13 1.85 -23.36
C ARG A 2 -32.50 1.16 -22.14
N GLU A 3 -31.25 1.51 -21.89
CA GLU A 3 -30.49 0.87 -20.83
C GLU A 3 -30.88 1.41 -19.45
N CYS A 4 -30.55 0.64 -18.42
CA CYS A 4 -30.70 1.05 -17.04
C CYS A 4 -29.47 0.63 -16.25
N ILE A 5 -29.03 1.51 -15.34
CA ILE A 5 -27.81 1.31 -14.59
C ILE A 5 -28.17 0.91 -13.17
N SER A 6 -27.60 -0.20 -12.71
CA SER A 6 -27.87 -0.73 -11.38
C SER A 6 -26.71 -0.43 -10.45
N ILE A 7 -27.03 -0.11 -9.20
CA ILE A 7 -26.07 0.19 -8.15
C ILE A 7 -26.46 -0.64 -6.93
N HIS A 8 -25.47 -1.26 -6.30
CA HIS A 8 -25.68 -2.02 -5.07
C HIS A 8 -24.73 -1.50 -4.01
N VAL A 9 -25.26 -1.11 -2.86
CA VAL A 9 -24.47 -0.56 -1.78
C VAL A 9 -24.66 -1.41 -0.53
N GLY A 10 -23.56 -1.78 0.11
CA GLY A 10 -23.61 -2.58 1.31
C GLY A 10 -23.75 -4.05 1.02
N GLN A 11 -23.66 -4.85 2.09
CA GLN A 11 -23.77 -6.30 1.95
C GLN A 11 -25.14 -6.71 1.42
N ALA A 12 -26.20 -6.09 1.93
CA ALA A 12 -27.54 -6.39 1.44
C ALA A 12 -27.65 -6.06 -0.04
N GLY A 13 -27.14 -4.90 -0.44
CA GLY A 13 -27.15 -4.54 -1.84
C GLY A 13 -26.39 -5.53 -2.70
N VAL A 14 -25.23 -5.98 -2.22
CA VAL A 14 -24.42 -6.91 -3.00
C VAL A 14 -25.15 -8.24 -3.17
N GLN A 15 -25.72 -8.77 -2.09
CA GLN A 15 -26.41 -10.05 -2.19
C GLN A 15 -27.64 -9.94 -3.09
N ILE A 16 -28.41 -8.86 -2.92
CA ILE A 16 -29.60 -8.67 -3.74
C ILE A 16 -29.21 -8.56 -5.21
N GLY A 17 -28.13 -7.81 -5.50
CA GLY A 17 -27.69 -7.67 -6.86
C GLY A 17 -27.21 -8.98 -7.46
N ASN A 18 -26.52 -9.79 -6.66
CA ASN A 18 -26.10 -11.11 -7.14
C ASN A 18 -27.30 -11.95 -7.54
N ALA A 19 -28.32 -11.99 -6.66
CA ALA A 19 -29.52 -12.76 -6.98
C ALA A 19 -30.21 -12.20 -8.22
N CYS A 20 -30.31 -10.88 -8.32
CA CYS A 20 -30.98 -10.27 -9.47
C CYS A 20 -30.26 -10.60 -10.77
N TRP A 21 -28.93 -10.50 -10.77
CA TRP A 21 -28.18 -10.75 -12.00
C TRP A 21 -28.22 -12.21 -12.39
N GLU A 22 -28.13 -13.12 -11.43
CA GLU A 22 -28.28 -14.53 -11.80
C GLU A 22 -29.68 -14.80 -12.35
N LEU A 23 -30.70 -14.16 -11.76
CA LEU A 23 -32.06 -14.37 -12.25
C LEU A 23 -32.23 -13.84 -13.67
N TYR A 24 -31.73 -12.65 -13.96
CA TYR A 24 -31.85 -12.11 -15.32
C TYR A 24 -31.06 -12.95 -16.30
N CYS A 25 -29.85 -13.36 -15.93
CA CYS A 25 -29.03 -14.17 -16.83
C CYS A 25 -29.72 -15.49 -17.15
N LEU A 26 -30.36 -16.10 -16.15
CA LEU A 26 -31.16 -17.28 -16.43
C LEU A 26 -32.34 -16.95 -17.33
N GLU A 27 -32.97 -15.80 -17.10
CA GLU A 27 -34.14 -15.41 -17.88
C GLU A 27 -33.79 -15.26 -19.36
N HIS A 28 -32.68 -14.59 -19.65
CA HIS A 28 -32.25 -14.38 -21.03
C HIS A 28 -31.40 -15.54 -21.55
N GLY A 29 -31.21 -16.57 -20.75
CA GLY A 29 -30.35 -17.68 -21.17
C GLY A 29 -28.88 -17.34 -21.14
N ILE A 30 -28.49 -16.32 -20.40
CA ILE A 30 -27.09 -15.89 -20.35
C ILE A 30 -26.31 -16.85 -19.46
N GLN A 31 -25.23 -17.40 -19.99
CA GLN A 31 -24.38 -18.28 -19.22
C GLN A 31 -23.63 -17.50 -18.15
N PRO A 32 -23.16 -18.17 -17.10
CA PRO A 32 -22.23 -17.50 -16.16
C PRO A 32 -20.99 -16.97 -16.84
N ASP A 33 -20.56 -17.60 -17.94
CA ASP A 33 -19.51 -17.03 -18.75
C ASP A 33 -19.96 -15.74 -19.43
N GLY A 34 -21.23 -15.62 -19.79
CA GLY A 34 -21.77 -14.46 -20.44
C GLY A 34 -22.32 -14.71 -21.83
N GLN A 35 -22.23 -15.94 -22.33
CA GLN A 35 -22.75 -16.28 -23.65
C GLN A 35 -24.18 -16.80 -23.52
N MET A 36 -24.75 -17.23 -24.63
CA MET A 36 -26.12 -17.75 -24.62
C MET A 36 -26.14 -19.27 -24.56
N ASP A 47 -33.15 -9.56 -27.98
CA ASP A 47 -32.63 -8.21 -28.22
C ASP A 47 -32.70 -7.34 -26.99
N SER A 48 -33.73 -7.56 -26.17
CA SER A 48 -33.92 -6.74 -24.98
C SER A 48 -32.80 -6.91 -23.95
N PHE A 49 -31.98 -7.96 -24.08
CA PHE A 49 -30.84 -8.13 -23.21
C PHE A 49 -29.88 -6.95 -23.28
N ASN A 50 -29.86 -6.23 -24.40
CA ASN A 50 -29.03 -5.04 -24.50
C ASN A 50 -29.45 -3.97 -23.51
N THR A 51 -30.69 -4.02 -23.03
CA THR A 51 -31.15 -3.04 -22.04
C THR A 51 -30.47 -3.22 -20.69
N PHE A 52 -29.83 -4.36 -20.45
CA PHE A 52 -29.14 -4.59 -19.19
C PHE A 52 -27.75 -5.20 -19.33
N PHE A 53 -27.41 -5.76 -20.49
CA PHE A 53 -26.11 -6.41 -20.67
C PHE A 53 -25.51 -5.95 -21.98
N SER A 54 -24.33 -5.35 -21.91
CA SER A 54 -23.65 -4.90 -23.11
C SER A 54 -22.93 -6.07 -23.76
N GLU A 55 -23.10 -6.21 -25.07
CA GLU A 55 -22.42 -7.25 -25.84
C GLU A 55 -21.10 -6.69 -26.35
N THR A 56 -20.00 -7.27 -25.90
CA THR A 56 -18.66 -6.76 -26.19
C THR A 56 -17.87 -7.80 -26.97
N GLY A 57 -17.35 -7.39 -28.12
CA GLY A 57 -16.42 -8.20 -28.89
C GLY A 57 -17.06 -9.26 -29.75
N ALA A 58 -17.43 -10.40 -29.13
CA ALA A 58 -18.02 -11.50 -29.89
C ALA A 58 -18.73 -12.42 -28.91
N GLY A 59 -20.06 -12.45 -28.98
CA GLY A 59 -20.85 -13.40 -28.21
C GLY A 59 -20.70 -13.30 -26.70
N LYS A 60 -19.89 -12.35 -26.24
CA LYS A 60 -19.63 -12.15 -24.82
C LYS A 60 -20.45 -10.97 -24.33
N HIS A 61 -21.03 -11.10 -23.14
CA HIS A 61 -21.91 -10.07 -22.60
C HIS A 61 -21.52 -9.79 -21.16
N VAL A 62 -21.61 -8.52 -20.78
CA VAL A 62 -21.29 -8.12 -19.41
C VAL A 62 -22.40 -7.24 -18.87
N PRO A 63 -22.86 -7.46 -17.65
CA PRO A 63 -23.92 -6.62 -17.09
C PRO A 63 -23.43 -5.22 -16.81
N ARG A 64 -24.38 -4.27 -16.88
CA ARG A 64 -24.10 -2.88 -16.53
C ARG A 64 -24.38 -2.67 -15.05
N ALA A 65 -23.50 -3.24 -14.23
CA ALA A 65 -23.66 -3.23 -12.79
C ALA A 65 -22.40 -2.71 -12.12
N VAL A 66 -22.59 -2.07 -10.97
CA VAL A 66 -21.49 -1.61 -10.12
C VAL A 66 -21.73 -2.13 -8.72
N PHE A 67 -20.74 -2.79 -8.16
CA PHE A 67 -20.80 -3.30 -6.79
C PHE A 67 -19.78 -2.53 -5.96
N VAL A 68 -20.23 -1.95 -4.85
CA VAL A 68 -19.38 -1.11 -4.02
C VAL A 68 -19.67 -1.41 -2.55
N ASP A 69 -18.61 -1.42 -1.75
CA ASP A 69 -18.72 -1.63 -0.31
C ASP A 69 -17.48 -1.07 0.36
N LEU A 70 -17.62 -0.75 1.65
CA LEU A 70 -16.50 -0.28 2.44
C LEU A 70 -15.67 -1.42 3.02
N GLU A 71 -16.12 -2.66 2.87
CA GLU A 71 -15.39 -3.83 3.32
C GLU A 71 -15.26 -4.82 2.17
N PRO A 72 -14.13 -5.53 2.07
CA PRO A 72 -13.88 -6.37 0.90
C PRO A 72 -14.49 -7.76 0.97
N THR A 73 -15.20 -8.11 2.04
CA THR A 73 -15.66 -9.48 2.23
C THR A 73 -16.61 -9.91 1.13
N VAL A 74 -17.77 -9.26 1.04
CA VAL A 74 -18.81 -9.71 0.12
C VAL A 74 -18.39 -9.49 -1.33
N VAL A 75 -17.69 -8.38 -1.60
CA VAL A 75 -17.23 -8.12 -2.96
C VAL A 75 -16.23 -9.19 -3.39
N ASP A 76 -15.30 -9.55 -2.51
CA ASP A 76 -14.37 -10.63 -2.82
C ASP A 76 -15.10 -11.94 -3.02
N GLU A 77 -16.11 -12.22 -2.21
CA GLU A 77 -16.90 -13.43 -2.38
C GLU A 77 -17.56 -13.46 -3.76
N VAL A 78 -18.07 -12.31 -4.20
CA VAL A 78 -18.61 -12.21 -5.54
C VAL A 78 -17.52 -12.48 -6.57
N ARG A 79 -16.31 -11.95 -6.34
CA ARG A 79 -15.20 -12.22 -7.24
C ARG A 79 -14.92 -13.71 -7.36
N THR A 80 -15.12 -14.45 -6.27
CA THR A 80 -14.92 -15.89 -6.28
C THR A 80 -16.17 -16.66 -6.68
N GLY A 81 -17.29 -15.98 -6.92
CA GLY A 81 -18.50 -16.65 -7.31
C GLY A 81 -18.43 -17.21 -8.72
N THR A 82 -19.42 -18.03 -9.06
CA THR A 82 -19.48 -18.61 -10.39
C THR A 82 -19.66 -17.54 -11.46
N TYR A 83 -20.28 -16.43 -11.11
CA TYR A 83 -20.52 -15.33 -12.03
C TYR A 83 -19.29 -14.43 -12.20
N ARG A 84 -18.12 -14.91 -11.76
CA ARG A 84 -16.89 -14.16 -11.99
C ARG A 84 -16.64 -13.96 -13.48
N GLN A 85 -16.86 -15.01 -14.27
CA GLN A 85 -16.72 -14.91 -15.72
C GLN A 85 -17.76 -13.99 -16.33
N LEU A 86 -18.80 -13.63 -15.58
CA LEU A 86 -19.82 -12.72 -16.09
C LEU A 86 -19.43 -11.27 -15.87
N PHE A 87 -19.16 -10.90 -14.61
CA PHE A 87 -18.80 -9.53 -14.29
C PHE A 87 -17.37 -9.25 -14.73
N HIS A 88 -17.18 -8.12 -15.42
CA HIS A 88 -15.82 -7.69 -15.71
C HIS A 88 -15.19 -7.22 -14.41
N PRO A 89 -13.90 -7.48 -14.20
CA PRO A 89 -13.36 -7.40 -12.82
C PRO A 89 -13.52 -6.07 -12.12
N GLU A 90 -13.37 -4.94 -12.81
CA GLU A 90 -13.18 -3.69 -12.08
C GLU A 90 -14.48 -2.94 -11.79
N GLN A 91 -15.64 -3.45 -12.23
CA GLN A 91 -16.89 -2.88 -11.74
C GLN A 91 -17.10 -3.13 -10.26
N LEU A 92 -16.41 -4.12 -9.69
CA LEU A 92 -16.50 -4.42 -8.27
C LEU A 92 -15.56 -3.52 -7.49
N ILE A 93 -16.06 -2.92 -6.42
CA ILE A 93 -15.32 -1.95 -5.64
C ILE A 93 -15.17 -2.47 -4.21
N THR A 94 -13.98 -2.30 -3.64
CA THR A 94 -13.70 -2.74 -2.28
C THR A 94 -13.12 -1.57 -1.48
N GLY A 95 -13.46 -1.52 -0.20
CA GLY A 95 -12.88 -0.57 0.73
C GLY A 95 -11.96 -1.24 1.72
N LYS A 96 -11.62 -0.49 2.75
CA LYS A 96 -10.77 -1.01 3.83
C LYS A 96 -11.48 -1.02 5.17
N GLU A 97 -12.11 0.08 5.57
CA GLU A 97 -12.85 0.17 6.82
C GLU A 97 -14.33 0.34 6.51
N ASP A 98 -15.15 -0.56 7.07
CA ASP A 98 -16.59 -0.41 6.95
C ASP A 98 -17.09 0.70 7.86
N ALA A 99 -18.25 1.25 7.52
CA ALA A 99 -18.86 2.25 8.39
C ALA A 99 -19.28 1.66 9.73
N ALA A 100 -19.53 0.35 9.78
CA ALA A 100 -19.87 -0.35 11.01
C ALA A 100 -21.14 0.23 11.63
N ASN A 101 -22.22 0.19 10.86
CA ASN A 101 -23.53 0.65 11.30
C ASN A 101 -23.49 2.09 11.77
N ASN A 102 -22.69 2.91 11.08
CA ASN A 102 -22.52 4.32 11.42
C ASN A 102 -22.68 5.13 10.15
N TYR A 103 -23.78 5.89 10.05
CA TYR A 103 -24.02 6.68 8.87
C TYR A 103 -22.94 7.73 8.67
N ALA A 104 -22.50 8.36 9.76
CA ALA A 104 -21.45 9.37 9.65
C ALA A 104 -20.16 8.76 9.12
N ARG A 105 -19.83 7.54 9.55
CA ARG A 105 -18.63 6.89 9.05
C ARG A 105 -18.72 6.66 7.55
N GLY A 106 -19.87 6.19 7.08
CA GLY A 106 -20.04 5.91 5.66
C GLY A 106 -20.33 7.13 4.81
N HIS A 107 -20.54 8.29 5.42
CA HIS A 107 -20.84 9.49 4.67
C HIS A 107 -19.71 10.50 4.67
N TYR A 108 -18.89 10.54 5.72
CA TYR A 108 -17.88 11.57 5.88
C TYR A 108 -16.47 11.00 5.94
N THR A 109 -16.28 9.84 6.56
CA THR A 109 -14.94 9.33 6.78
C THR A 109 -14.37 8.68 5.53
N ILE A 110 -15.02 7.64 5.03
CA ILE A 110 -14.51 6.85 3.92
C ILE A 110 -15.18 7.21 2.61
N GLY A 111 -16.48 7.51 2.63
CA GLY A 111 -17.18 7.79 1.40
C GLY A 111 -16.67 9.02 0.68
N LYS A 112 -16.23 10.03 1.43
CA LYS A 112 -15.86 11.31 0.84
C LYS A 112 -14.65 11.20 -0.09
N GLU A 113 -13.89 10.11 -0.01
CA GLU A 113 -12.72 9.93 -0.87
C GLU A 113 -12.84 8.78 -1.85
N ILE A 114 -13.87 7.94 -1.72
CA ILE A 114 -14.09 6.84 -2.66
C ILE A 114 -15.37 6.98 -3.44
N VAL A 115 -16.13 8.06 -3.23
CA VAL A 115 -17.33 8.29 -4.05
C VAL A 115 -16.94 8.56 -5.49
N ASP A 116 -15.79 9.20 -5.72
CA ASP A 116 -15.37 9.53 -7.07
C ASP A 116 -15.15 8.28 -7.91
N LEU A 117 -14.72 7.17 -7.29
CA LEU A 117 -14.51 5.94 -8.04
C LEU A 117 -15.82 5.44 -8.65
N VAL A 118 -16.86 5.31 -7.82
CA VAL A 118 -18.14 4.84 -8.34
C VAL A 118 -18.75 5.87 -9.28
N LEU A 119 -18.47 7.16 -9.05
CA LEU A 119 -18.93 8.18 -10.00
C LEU A 119 -18.32 7.97 -11.37
N ASP A 120 -17.01 7.70 -11.42
CA ASP A 120 -16.35 7.44 -12.69
C ASP A 120 -16.89 6.17 -13.34
N ARG A 121 -17.15 5.13 -12.53
CA ARG A 121 -17.68 3.89 -13.07
C ARG A 121 -19.04 4.13 -13.74
N ILE A 122 -19.95 4.79 -13.04
CA ILE A 122 -21.27 5.03 -13.62
C ILE A 122 -21.17 5.98 -14.79
N ARG A 123 -20.21 6.91 -14.78
CA ARG A 123 -20.06 7.81 -15.92
C ARG A 123 -19.62 7.06 -17.16
N LYS A 124 -18.64 6.16 -17.03
CA LYS A 124 -18.20 5.41 -18.19
C LYS A 124 -19.27 4.43 -18.64
N LEU A 125 -20.09 3.93 -17.72
CA LEU A 125 -21.23 3.10 -18.14
C LEU A 125 -22.26 3.90 -18.91
N ALA A 126 -22.54 5.13 -18.45
CA ALA A 126 -23.53 5.97 -19.11
C ALA A 126 -23.04 6.53 -20.43
N ASP A 127 -21.72 6.64 -20.62
CA ASP A 127 -21.20 7.16 -21.88
C ASP A 127 -21.46 6.22 -23.04
N GLN A 128 -21.49 4.92 -22.79
CA GLN A 128 -21.74 3.94 -23.83
C GLN A 128 -23.22 3.59 -23.97
N CYS A 129 -24.09 4.25 -23.21
CA CYS A 129 -25.53 4.07 -23.32
C CYS A 129 -26.17 5.39 -23.74
N THR A 130 -27.05 5.33 -24.73
CA THR A 130 -27.67 6.53 -25.27
C THR A 130 -29.11 6.74 -24.82
N GLY A 131 -29.82 5.68 -24.47
CA GLY A 131 -31.21 5.79 -24.07
C GLY A 131 -31.43 5.44 -22.62
N LEU A 132 -30.53 5.88 -21.75
CA LEU A 132 -30.59 5.57 -20.33
C LEU A 132 -31.90 6.03 -19.72
N GLN A 133 -32.76 5.08 -19.34
CA GLN A 133 -34.06 5.43 -18.76
C GLN A 133 -33.88 6.01 -17.36
N GLY A 134 -33.08 5.36 -16.53
CA GLY A 134 -32.91 5.81 -15.16
C GLY A 134 -31.98 4.88 -14.41
N PHE A 135 -31.89 5.11 -13.11
CA PHE A 135 -30.99 4.37 -12.24
C PHE A 135 -31.78 3.54 -11.23
N LEU A 136 -31.27 2.36 -10.94
CA LEU A 136 -31.77 1.53 -9.86
C LEU A 136 -30.70 1.44 -8.78
N ILE A 137 -31.12 1.54 -7.51
CA ILE A 137 -30.19 1.44 -6.39
C ILE A 137 -30.78 0.44 -5.40
N PHE A 138 -29.94 -0.43 -4.86
CA PHE A 138 -30.33 -1.37 -3.82
C PHE A 138 -29.43 -1.20 -2.62
N HIS A 139 -30.02 -0.95 -1.45
CA HIS A 139 -29.22 -0.78 -0.25
C HIS A 139 -30.11 -1.03 0.97
N SER A 140 -29.51 -0.88 2.14
CA SER A 140 -30.19 -1.10 3.41
C SER A 140 -30.00 0.11 4.32
N PHE A 141 -31.08 0.50 5.00
CA PHE A 141 -31.00 1.61 5.94
C PHE A 141 -30.14 1.27 7.14
N GLY A 142 -30.23 0.03 7.63
CA GLY A 142 -29.54 -0.33 8.85
C GLY A 142 -28.03 -0.27 8.72
N GLY A 143 -27.50 -0.78 7.61
CA GLY A 143 -26.07 -0.76 7.41
C GLY A 143 -25.54 0.65 7.24
N GLY A 144 -24.37 0.90 7.83
CA GLY A 144 -23.78 2.22 7.71
C GLY A 144 -23.42 2.57 6.28
N THR A 145 -22.83 1.61 5.56
CA THR A 145 -22.51 1.84 4.16
C THR A 145 -23.76 2.12 3.35
N GLY A 146 -24.75 1.22 3.44
CA GLY A 146 -25.95 1.32 2.66
C GLY A 146 -26.79 2.55 2.93
N SER A 147 -26.51 3.26 4.02
CA SER A 147 -27.15 4.55 4.25
C SER A 147 -26.25 5.68 3.77
N GLY A 148 -25.05 5.80 4.36
CA GLY A 148 -24.21 6.96 4.09
C GLY A 148 -23.73 7.02 2.65
N PHE A 149 -23.10 5.95 2.18
CA PHE A 149 -22.51 5.98 0.85
C PHE A 149 -23.61 6.02 -0.20
N THR A 150 -24.73 5.34 0.05
CA THR A 150 -25.89 5.43 -0.83
C THR A 150 -26.34 6.87 -0.98
N SER A 151 -26.54 7.57 0.15
CA SER A 151 -26.99 8.95 0.08
C SER A 151 -25.99 9.80 -0.68
N LEU A 152 -24.70 9.62 -0.39
CA LEU A 152 -23.67 10.46 -1.01
C LEU A 152 -23.67 10.29 -2.52
N LEU A 153 -23.58 9.04 -3.00
CA LEU A 153 -23.59 8.81 -4.44
C LEU A 153 -24.90 9.25 -5.05
N MET A 154 -25.99 9.18 -4.27
CA MET A 154 -27.29 9.58 -4.80
C MET A 154 -27.32 11.07 -5.07
N GLU A 155 -26.81 11.89 -4.13
CA GLU A 155 -26.77 13.32 -4.42
C GLU A 155 -25.78 13.64 -5.53
N ARG A 156 -24.68 12.89 -5.63
CA ARG A 156 -23.78 13.12 -6.76
C ARG A 156 -24.48 12.85 -8.08
N LEU A 157 -25.23 11.76 -8.15
CA LEU A 157 -26.00 11.46 -9.36
C LEU A 157 -27.04 12.53 -9.64
N SER A 158 -27.73 13.00 -8.59
CA SER A 158 -28.78 13.99 -8.77
C SER A 158 -28.19 15.31 -9.29
N VAL A 159 -27.07 15.75 -8.73
CA VAL A 159 -26.48 17.00 -9.20
C VAL A 159 -25.78 16.83 -10.55
N ASP A 160 -25.42 15.61 -10.92
CA ASP A 160 -24.87 15.37 -12.25
C ASP A 160 -25.95 15.10 -13.29
N TYR A 161 -27.21 14.93 -12.87
CA TYR A 161 -28.26 14.56 -13.79
C TYR A 161 -29.54 15.37 -13.66
N GLY A 162 -29.78 16.02 -12.52
CA GLY A 162 -30.99 16.82 -12.37
C GLY A 162 -32.24 15.98 -12.30
N LYS A 163 -33.03 15.99 -13.38
CA LYS A 163 -34.34 15.36 -13.39
C LYS A 163 -34.33 13.90 -13.80
N LYS A 164 -33.16 13.30 -13.99
CA LYS A 164 -33.11 11.90 -14.37
C LYS A 164 -33.73 11.02 -13.30
N SER A 165 -34.57 10.08 -13.73
CA SER A 165 -35.29 9.23 -12.80
C SER A 165 -34.34 8.31 -12.04
N LYS A 166 -34.61 8.15 -10.74
CA LYS A 166 -33.83 7.27 -9.88
C LYS A 166 -34.78 6.52 -8.96
N LEU A 167 -34.55 5.23 -8.81
CA LEU A 167 -35.38 4.37 -7.96
C LEU A 167 -34.52 3.75 -6.87
N GLU A 168 -35.08 3.67 -5.67
CA GLU A 168 -34.37 3.21 -4.50
C GLU A 168 -35.07 1.99 -3.91
N PHE A 169 -34.29 0.97 -3.56
CA PHE A 169 -34.78 -0.25 -2.92
C PHE A 169 -34.07 -0.32 -1.57
N ALA A 170 -34.72 0.23 -0.55
CA ALA A 170 -34.14 0.29 0.78
C ALA A 170 -34.71 -0.83 1.64
N ILE A 171 -33.82 -1.60 2.25
CA ILE A 171 -34.23 -2.64 3.17
C ILE A 171 -34.58 -1.96 4.49
N TYR A 172 -35.82 -1.54 4.63
CA TYR A 172 -36.21 -0.77 5.79
C TYR A 172 -36.17 -1.66 7.02
N PRO A 173 -35.39 -1.31 8.04
CA PRO A 173 -35.29 -2.19 9.21
C PRO A 173 -36.63 -2.34 9.91
N ALA A 174 -36.90 -3.55 10.37
CA ALA A 174 -38.17 -3.85 11.00
C ALA A 174 -38.27 -3.14 12.35
N PRO A 175 -39.50 -2.88 12.82
CA PRO A 175 -39.66 -2.28 14.16
C PRO A 175 -39.08 -3.14 15.27
N GLN A 176 -38.93 -4.45 15.05
CA GLN A 176 -38.36 -5.33 16.06
C GLN A 176 -37.20 -6.19 15.57
N VAL A 177 -37.07 -6.44 14.27
CA VAL A 177 -35.90 -7.11 13.71
C VAL A 177 -34.99 -6.03 13.17
N SER A 178 -33.94 -5.71 13.93
CA SER A 178 -32.96 -4.72 13.52
C SER A 178 -31.61 -5.14 14.06
N THR A 179 -30.69 -5.49 13.16
CA THR A 179 -29.39 -6.00 13.58
C THR A 179 -28.63 -4.96 14.38
N ALA A 180 -28.49 -3.75 13.84
CA ALA A 180 -27.76 -2.71 14.54
C ALA A 180 -28.67 -2.02 15.54
N VAL A 181 -28.21 -1.93 16.79
CA VAL A 181 -28.99 -1.23 17.80
C VAL A 181 -29.05 0.26 17.53
N VAL A 182 -28.14 0.77 16.71
CA VAL A 182 -28.12 2.18 16.36
C VAL A 182 -28.83 2.44 15.03
N GLU A 183 -29.69 1.51 14.60
CA GLU A 183 -30.42 1.71 13.36
C GLU A 183 -31.28 2.97 13.34
N PRO A 184 -31.97 3.39 14.41
CA PRO A 184 -32.79 4.61 14.28
C PRO A 184 -31.99 5.83 13.89
N TYR A 185 -30.78 6.00 14.44
CA TYR A 185 -29.97 7.16 14.12
C TYR A 185 -29.62 7.19 12.63
N ASN A 186 -29.10 6.08 12.11
CA ASN A 186 -28.73 6.02 10.71
C ASN A 186 -29.96 6.19 9.82
N SER A 187 -31.07 5.56 10.19
CA SER A 187 -32.27 5.67 9.37
C SER A 187 -32.76 7.12 9.29
N ILE A 188 -32.83 7.79 10.44
CA ILE A 188 -33.31 9.17 10.44
C ILE A 188 -32.36 10.06 9.64
N LEU A 189 -31.04 9.91 9.87
CA LEU A 189 -30.09 10.76 9.18
C LEU A 189 -30.15 10.54 7.66
N THR A 190 -30.14 9.27 7.25
CA THR A 190 -30.13 8.99 5.82
C THR A 190 -31.46 9.35 5.16
N THR A 191 -32.57 9.27 5.89
CA THR A 191 -33.84 9.68 5.31
C THR A 191 -33.90 11.19 5.15
N HIS A 192 -33.40 11.93 6.15
CA HIS A 192 -33.27 13.37 5.98
C HIS A 192 -32.38 13.71 4.80
N THR A 193 -31.33 12.92 4.58
CA THR A 193 -30.39 13.21 3.51
C THR A 193 -30.96 12.85 2.14
N THR A 194 -31.83 11.84 2.09
CA THR A 194 -32.29 11.30 0.82
C THR A 194 -33.71 11.74 0.45
N LEU A 195 -34.40 12.45 1.33
CA LEU A 195 -35.80 12.79 1.08
C LEU A 195 -35.94 13.63 -0.19
N GLU A 196 -35.05 14.61 -0.36
CA GLU A 196 -35.26 15.61 -1.40
C GLU A 196 -34.99 15.06 -2.80
N HIS A 197 -34.00 14.17 -2.94
CA HIS A 197 -33.56 13.79 -4.28
C HIS A 197 -33.92 12.37 -4.68
N SER A 198 -34.24 11.48 -3.73
CA SER A 198 -34.65 10.12 -4.09
C SER A 198 -36.06 10.19 -4.64
N ASP A 199 -36.20 9.90 -5.94
CA ASP A 199 -37.49 10.06 -6.60
C ASP A 199 -38.53 9.12 -6.00
N CYS A 200 -38.15 7.86 -5.78
CA CYS A 200 -39.12 6.86 -5.31
C CYS A 200 -38.34 5.78 -4.57
N ALA A 201 -38.62 5.64 -3.27
CA ALA A 201 -37.99 4.63 -2.44
C ALA A 201 -39.03 3.60 -2.02
N PHE A 202 -38.66 2.33 -2.07
CA PHE A 202 -39.55 1.23 -1.72
C PHE A 202 -39.13 0.64 -0.39
N MET A 203 -40.07 0.60 0.55
CA MET A 203 -39.82 0.03 1.87
C MET A 203 -39.98 -1.48 1.81
N VAL A 204 -39.08 -2.19 2.50
CA VAL A 204 -39.13 -3.65 2.57
C VAL A 204 -38.83 -4.06 4.00
N ASP A 205 -39.67 -4.91 4.58
CA ASP A 205 -39.53 -5.37 5.96
C ASP A 205 -39.04 -6.81 5.97
N ASN A 206 -37.94 -7.05 6.69
CA ASN A 206 -37.40 -8.40 6.76
C ASN A 206 -38.34 -9.35 7.47
N GLU A 207 -38.93 -8.91 8.58
CA GLU A 207 -39.82 -9.79 9.34
C GLU A 207 -41.06 -10.14 8.52
N ALA A 208 -41.57 -9.18 7.73
CA ALA A 208 -42.71 -9.47 6.88
C ALA A 208 -42.36 -10.53 5.84
N ILE A 209 -41.17 -10.45 5.25
CA ILE A 209 -40.74 -11.46 4.30
C ILE A 209 -40.64 -12.81 4.99
N TYR A 210 -40.07 -12.84 6.21
CA TYR A 210 -39.97 -14.08 6.95
C TYR A 210 -41.34 -14.70 7.13
N ASP A 211 -42.31 -13.90 7.58
CA ASP A 211 -43.65 -14.41 7.82
C ASP A 211 -44.27 -14.92 6.53
N ILE A 212 -44.15 -14.15 5.45
CA ILE A 212 -44.76 -14.55 4.18
C ILE A 212 -44.17 -15.86 3.69
N CYS A 213 -42.85 -16.00 3.79
CA CYS A 213 -42.20 -17.24 3.35
C CYS A 213 -42.63 -18.41 4.22
N ARG A 214 -42.75 -18.21 5.53
CA ARG A 214 -43.04 -19.35 6.40
C ARG A 214 -44.49 -19.77 6.35
N ARG A 215 -45.43 -18.84 6.13
CA ARG A 215 -46.84 -19.19 6.14
C ARG A 215 -47.38 -19.56 4.77
N ASN A 216 -46.87 -18.97 3.69
CA ASN A 216 -47.37 -19.24 2.36
C ASN A 216 -46.54 -20.30 1.65
N LEU A 217 -45.22 -20.07 1.55
CA LEU A 217 -44.35 -21.08 0.98
C LEU A 217 -44.14 -22.26 1.90
N ASP A 218 -44.57 -22.15 3.16
CA ASP A 218 -44.51 -23.25 4.12
C ASP A 218 -43.07 -23.71 4.34
N ILE A 219 -42.14 -22.76 4.34
CA ILE A 219 -40.73 -23.04 4.60
C ILE A 219 -40.45 -22.70 6.05
N GLU A 220 -40.00 -23.70 6.81
CA GLU A 220 -39.75 -23.48 8.23
C GLU A 220 -38.46 -22.68 8.46
N ARG A 221 -37.41 -22.98 7.71
CA ARG A 221 -36.10 -22.39 7.92
C ARG A 221 -35.54 -21.87 6.60
N PRO A 222 -35.95 -20.67 6.17
CA PRO A 222 -35.34 -20.05 5.00
C PRO A 222 -34.17 -19.14 5.35
N THR A 223 -33.14 -19.20 4.51
CA THR A 223 -31.97 -18.34 4.64
C THR A 223 -32.20 -17.08 3.81
N TYR A 224 -31.24 -16.16 3.81
CA TYR A 224 -31.36 -14.97 2.99
C TYR A 224 -31.39 -15.27 1.50
N THR A 225 -31.03 -16.48 1.08
CA THR A 225 -31.14 -16.83 -0.32
C THR A 225 -32.57 -16.72 -0.81
N ASN A 226 -33.53 -17.21 -0.01
CA ASN A 226 -34.93 -17.13 -0.41
C ASN A 226 -35.42 -15.69 -0.48
N LEU A 227 -35.02 -14.86 0.49
CA LEU A 227 -35.38 -13.46 0.46
C LEU A 227 -34.84 -12.78 -0.79
N ASN A 228 -33.58 -13.09 -1.14
CA ASN A 228 -32.99 -12.52 -2.34
C ASN A 228 -33.73 -13.01 -3.58
N ARG A 229 -34.18 -14.26 -3.58
CA ARG A 229 -34.97 -14.77 -4.69
C ARG A 229 -36.25 -13.96 -4.85
N LEU A 230 -36.94 -13.69 -3.74
CA LEU A 230 -38.16 -12.90 -3.81
C LEU A 230 -37.90 -11.50 -4.33
N ILE A 231 -36.83 -10.86 -3.83
CA ILE A 231 -36.52 -9.50 -4.27
C ILE A 231 -36.17 -9.48 -5.74
N GLY A 232 -35.38 -10.46 -6.19
CA GLY A 232 -35.06 -10.54 -7.61
C GLY A 232 -36.28 -10.75 -8.46
N GLN A 233 -37.22 -11.58 -8.00
CA GLN A 233 -38.47 -11.75 -8.73
C GLN A 233 -39.24 -10.45 -8.82
N ILE A 234 -39.27 -9.69 -7.73
CA ILE A 234 -39.96 -8.40 -7.73
C ILE A 234 -39.33 -7.48 -8.78
N VAL A 235 -38.00 -7.36 -8.76
CA VAL A 235 -37.35 -6.44 -9.69
C VAL A 235 -37.50 -6.91 -11.12
N SER A 236 -37.48 -8.24 -11.34
CA SER A 236 -37.72 -8.76 -12.68
C SER A 236 -39.12 -8.42 -13.16
N SER A 237 -40.12 -8.54 -12.28
CA SER A 237 -41.47 -8.14 -12.66
C SER A 237 -41.55 -6.66 -12.98
N ILE A 238 -40.81 -5.84 -12.23
CA ILE A 238 -40.79 -4.40 -12.50
C ILE A 238 -40.18 -4.12 -13.87
N THR A 239 -39.07 -4.77 -14.17
CA THR A 239 -38.30 -4.46 -15.38
C THR A 239 -38.77 -5.21 -16.61
N ALA A 240 -39.72 -6.15 -16.47
CA ALA A 240 -40.20 -6.89 -17.63
C ALA A 240 -40.80 -5.97 -18.68
N SER A 241 -41.33 -4.82 -18.26
CA SER A 241 -41.88 -3.88 -19.23
C SER A 241 -40.81 -3.40 -20.21
N LEU A 242 -39.62 -3.07 -19.70
CA LEU A 242 -38.54 -2.66 -20.57
C LEU A 242 -37.88 -3.84 -21.27
N ARG A 243 -37.75 -4.97 -20.58
CA ARG A 243 -37.05 -6.12 -21.12
C ARG A 243 -37.96 -7.05 -21.93
N PHE A 244 -39.24 -6.75 -22.03
CA PHE A 244 -40.14 -7.61 -22.79
C PHE A 244 -41.34 -6.79 -23.25
N ASP A 245 -41.99 -7.28 -24.30
CA ASP A 245 -43.15 -6.61 -24.86
C ASP A 245 -44.41 -7.00 -24.09
N GLY A 246 -45.39 -6.10 -24.12
CA GLY A 246 -46.64 -6.34 -23.44
C GLY A 246 -47.75 -5.52 -24.05
N ALA A 247 -48.98 -5.81 -23.60
CA ALA A 247 -50.14 -5.08 -24.10
C ALA A 247 -50.05 -3.60 -23.74
N LEU A 248 -49.63 -3.30 -22.51
CA LEU A 248 -49.50 -1.91 -22.05
C LEU A 248 -48.19 -1.81 -21.28
N ASN A 249 -47.11 -1.49 -21.98
CA ASN A 249 -45.82 -1.33 -21.34
C ASN A 249 -45.80 -0.05 -20.52
N VAL A 250 -45.06 -0.09 -19.41
CA VAL A 250 -44.96 1.04 -18.49
C VAL A 250 -43.50 1.44 -18.35
N ASP A 251 -43.23 2.73 -18.46
CA ASP A 251 -41.88 3.27 -18.37
C ASP A 251 -41.56 3.67 -16.94
N LEU A 252 -40.25 3.75 -16.66
CA LEU A 252 -39.80 4.09 -15.31
C LEU A 252 -40.25 5.48 -14.90
N THR A 253 -40.22 6.44 -15.84
CA THR A 253 -40.68 7.78 -15.54
C THR A 253 -42.15 7.79 -15.13
N GLU A 254 -42.95 6.87 -15.68
CA GLU A 254 -44.35 6.81 -15.32
C GLU A 254 -44.55 6.45 -13.85
N PHE A 255 -43.58 5.74 -13.26
CA PHE A 255 -43.70 5.39 -11.84
C PHE A 255 -43.65 6.62 -10.96
N GLN A 256 -42.68 7.50 -11.19
CA GLN A 256 -42.63 8.75 -10.45
C GLN A 256 -43.67 9.75 -10.93
N THR A 257 -44.24 9.53 -12.11
CA THR A 257 -45.34 10.38 -12.56
C THR A 257 -46.65 10.03 -11.88
N ASN A 258 -46.86 8.75 -11.57
CA ASN A 258 -48.14 8.29 -11.02
C ASN A 258 -48.17 8.27 -9.50
N LEU A 259 -47.21 7.61 -8.87
CA LEU A 259 -47.25 7.34 -7.45
C LEU A 259 -46.64 8.45 -6.60
N VAL A 260 -46.61 9.67 -7.12
CA VAL A 260 -46.06 10.80 -6.37
C VAL A 260 -47.11 11.91 -6.37
N PRO A 261 -48.14 11.84 -5.52
CA PRO A 261 -49.11 12.93 -5.46
C PRO A 261 -48.46 14.25 -5.09
N TYR A 262 -47.48 14.23 -4.21
CA TYR A 262 -46.66 15.38 -3.88
C TYR A 262 -45.24 14.91 -3.67
N PRO A 263 -44.25 15.76 -3.95
CA PRO A 263 -42.85 15.31 -3.88
C PRO A 263 -42.45 14.77 -2.52
N ARG A 264 -43.05 15.27 -1.44
CA ARG A 264 -42.63 14.84 -0.11
C ARG A 264 -42.92 13.35 0.12
N ILE A 265 -44.16 12.92 -0.15
CA ILE A 265 -44.57 11.56 0.13
C ILE A 265 -44.27 10.72 -1.11
N HIS A 266 -43.16 9.99 -1.07
CA HIS A 266 -42.76 9.13 -2.19
C HIS A 266 -42.20 7.82 -1.65
N PHE A 267 -42.91 7.21 -0.70
CA PHE A 267 -42.48 5.95 -0.09
C PHE A 267 -43.57 4.90 -0.25
N PRO A 268 -43.71 4.34 -1.45
CA PRO A 268 -44.70 3.28 -1.65
C PRO A 268 -44.11 1.90 -1.37
N LEU A 269 -44.95 1.04 -0.82
CA LEU A 269 -44.57 -0.33 -0.54
C LEU A 269 -44.98 -1.24 -1.70
N VAL A 270 -44.51 -2.49 -1.66
CA VAL A 270 -44.69 -3.44 -2.74
C VAL A 270 -45.26 -4.73 -2.19
N THR A 271 -45.86 -5.52 -3.09
CA THR A 271 -46.46 -6.80 -2.75
C THR A 271 -46.35 -7.72 -3.96
N TYR A 272 -46.32 -9.02 -3.70
CA TYR A 272 -46.19 -10.02 -4.75
C TYR A 272 -47.29 -11.06 -4.62
N ALA A 273 -47.66 -11.66 -5.75
CA ALA A 273 -48.60 -12.76 -5.72
C ALA A 273 -48.49 -13.59 -7.00
N PRO A 274 -48.64 -14.91 -6.92
CA PRO A 274 -48.76 -15.65 -5.67
C PRO A 274 -47.42 -16.20 -5.19
N VAL A 275 -47.31 -16.51 -3.91
CA VAL A 275 -46.11 -17.14 -3.35
C VAL A 275 -46.55 -18.48 -2.78
N ILE A 276 -46.43 -19.52 -3.61
CA ILE A 276 -46.89 -20.85 -3.24
C ILE A 276 -45.85 -21.88 -3.66
N SER A 277 -45.91 -23.05 -3.03
CA SER A 277 -45.07 -24.17 -3.39
C SER A 277 -45.70 -24.95 -4.54
N ALA A 278 -44.91 -25.86 -5.12
CA ALA A 278 -45.42 -26.67 -6.24
C ALA A 278 -46.58 -27.55 -5.80
N GLU A 279 -46.47 -28.18 -4.62
CA GLU A 279 -47.54 -29.05 -4.16
C GLU A 279 -48.83 -28.27 -3.96
N LYS A 280 -48.73 -27.05 -3.44
CA LYS A 280 -49.90 -26.17 -3.40
C LYS A 280 -50.33 -25.79 -4.81
N ALA A 281 -49.36 -25.61 -5.72
CA ALA A 281 -49.67 -25.19 -7.07
C ALA A 281 -50.46 -26.23 -7.85
N TYR A 282 -50.34 -27.51 -7.51
CA TYR A 282 -51.16 -28.52 -8.18
C TYR A 282 -52.64 -28.27 -7.95
N HIS A 283 -53.01 -27.94 -6.71
CA HIS A 283 -54.42 -27.79 -6.36
C HIS A 283 -54.98 -26.42 -6.68
N GLU A 284 -54.14 -25.46 -7.07
CA GLU A 284 -54.58 -24.09 -7.30
C GLU A 284 -54.40 -23.73 -8.78
N GLN A 285 -55.49 -23.30 -9.40
CA GLN A 285 -55.44 -22.75 -10.75
C GLN A 285 -55.56 -21.24 -10.67
N LEU A 286 -54.76 -20.55 -11.47
CA LEU A 286 -54.59 -19.11 -11.36
C LEU A 286 -55.72 -18.36 -12.05
N SER A 287 -56.26 -17.38 -11.36
CA SER A 287 -57.19 -16.42 -11.94
C SER A 287 -56.75 -15.03 -11.53
N VAL A 288 -57.08 -14.04 -12.36
CA VAL A 288 -56.67 -12.67 -12.07
C VAL A 288 -57.32 -12.18 -10.79
N ALA A 289 -58.59 -12.52 -10.58
CA ALA A 289 -59.29 -12.05 -9.39
C ALA A 289 -58.68 -12.61 -8.12
N GLU A 290 -58.38 -13.92 -8.10
CA GLU A 290 -57.85 -14.53 -6.89
C GLU A 290 -56.49 -13.94 -6.54
N ILE A 291 -55.60 -13.80 -7.53
CA ILE A 291 -54.27 -13.29 -7.24
C ILE A 291 -54.34 -11.83 -6.85
N THR A 292 -55.24 -11.06 -7.47
CA THR A 292 -55.32 -9.64 -7.16
C THR A 292 -55.86 -9.42 -5.75
N ASN A 293 -56.90 -10.16 -5.36
CA ASN A 293 -57.42 -9.98 -4.00
C ASN A 293 -56.46 -10.53 -2.95
N ALA A 294 -55.72 -11.61 -3.28
CA ALA A 294 -54.70 -12.07 -2.36
C ALA A 294 -53.59 -11.04 -2.20
N CYS A 295 -53.21 -10.39 -3.30
CA CYS A 295 -52.18 -9.35 -3.24
C CYS A 295 -52.67 -8.16 -2.41
N PHE A 296 -53.93 -7.78 -2.55
CA PHE A 296 -54.45 -6.68 -1.77
C PHE A 296 -54.68 -7.05 -0.31
N GLU A 297 -54.57 -8.31 0.04
CA GLU A 297 -54.68 -8.71 1.45
C GLU A 297 -53.51 -8.11 2.23
N PRO A 298 -53.75 -7.49 3.38
CA PRO A 298 -52.66 -6.77 4.06
C PRO A 298 -51.45 -7.60 4.43
N ALA A 299 -51.66 -8.86 4.84
CA ALA A 299 -50.52 -9.67 5.29
C ALA A 299 -49.60 -10.07 4.16
N ASN A 300 -50.09 -10.06 2.91
CA ASN A 300 -49.23 -10.42 1.79
C ASN A 300 -48.16 -9.36 1.52
N GLN A 301 -48.35 -8.14 2.01
CA GLN A 301 -47.36 -7.09 1.82
C GLN A 301 -46.11 -7.37 2.64
N MET A 302 -44.95 -7.04 2.07
CA MET A 302 -43.69 -7.17 2.79
C MET A 302 -43.32 -5.91 3.55
N VAL A 303 -44.31 -5.12 3.98
CA VAL A 303 -44.11 -4.04 4.92
C VAL A 303 -45.07 -4.25 6.08
N LYS A 304 -44.54 -4.27 7.29
CA LYS A 304 -45.34 -4.57 8.48
C LYS A 304 -46.17 -3.35 8.86
N CYS A 305 -47.22 -3.13 8.07
CA CYS A 305 -48.20 -2.09 8.34
C CYS A 305 -49.54 -2.53 7.77
N ASP A 306 -50.61 -2.24 8.49
CA ASP A 306 -51.95 -2.51 7.99
C ASP A 306 -52.42 -1.32 7.16
N PRO A 307 -52.58 -1.47 5.83
CA PRO A 307 -53.04 -0.33 5.02
C PRO A 307 -54.41 0.18 5.44
N ARG A 308 -55.28 -0.68 5.95
CA ARG A 308 -56.61 -0.25 6.37
C ARG A 308 -56.55 0.74 7.53
N HIS A 309 -55.45 0.76 8.28
CA HIS A 309 -55.28 1.78 9.30
C HIS A 309 -55.08 3.16 8.71
N GLY A 310 -54.82 3.25 7.41
CA GLY A 310 -54.67 4.52 6.72
C GLY A 310 -55.59 4.58 5.51
N LYS A 311 -55.04 5.06 4.39
CA LYS A 311 -55.79 5.16 3.16
C LYS A 311 -54.93 4.71 1.99
N TYR A 312 -55.42 4.92 0.77
CA TYR A 312 -54.68 4.61 -0.45
C TYR A 312 -54.62 5.87 -1.31
N MET A 313 -53.42 6.23 -1.74
CA MET A 313 -53.25 7.36 -2.66
C MET A 313 -53.03 6.93 -4.11
N ALA A 314 -52.42 5.77 -4.33
CA ALA A 314 -52.19 5.29 -5.69
C ALA A 314 -52.03 3.79 -5.66
N CYS A 315 -52.20 3.18 -6.83
CA CYS A 315 -52.05 1.74 -6.97
C CYS A 315 -51.50 1.45 -8.37
N CYS A 316 -50.62 0.45 -8.46
CA CYS A 316 -50.01 0.09 -9.73
C CYS A 316 -49.90 -1.43 -9.77
N MET A 317 -50.77 -2.06 -10.57
CA MET A 317 -50.69 -3.50 -10.79
C MET A 317 -49.76 -3.78 -11.96
N LEU A 318 -48.96 -4.83 -11.83
CA LEU A 318 -48.11 -5.31 -12.91
C LEU A 318 -48.39 -6.80 -13.08
N TYR A 319 -49.19 -7.14 -14.08
CA TYR A 319 -49.47 -8.53 -14.39
C TYR A 319 -48.53 -9.01 -15.49
N ARG A 320 -47.99 -10.20 -15.32
CA ARG A 320 -47.12 -10.79 -16.32
C ARG A 320 -47.60 -12.20 -16.64
N GLY A 321 -47.57 -12.53 -17.92
CA GLY A 321 -48.10 -13.78 -18.41
C GLY A 321 -49.22 -13.58 -19.41
N ASP A 322 -50.16 -14.52 -19.40
CA ASP A 322 -51.30 -14.48 -20.31
C ASP A 322 -52.55 -14.12 -19.50
N VAL A 323 -52.79 -12.83 -19.37
CA VAL A 323 -53.95 -12.31 -18.65
C VAL A 323 -54.73 -11.39 -19.58
N VAL A 324 -55.99 -11.70 -19.80
CA VAL A 324 -56.83 -10.90 -20.70
C VAL A 324 -57.08 -9.53 -20.07
N PRO A 325 -56.93 -8.44 -20.81
CA PRO A 325 -57.16 -7.11 -20.22
C PRO A 325 -58.56 -6.92 -19.67
N LYS A 326 -59.57 -7.54 -20.29
CA LYS A 326 -60.93 -7.45 -19.75
C LYS A 326 -61.01 -8.06 -18.36
N ASP A 327 -60.31 -9.19 -18.16
CA ASP A 327 -60.30 -9.81 -16.84
C ASP A 327 -59.68 -8.89 -15.80
N VAL A 328 -58.57 -8.25 -16.14
CA VAL A 328 -57.91 -7.33 -15.23
C VAL A 328 -58.85 -6.18 -14.89
N ASN A 329 -59.51 -5.62 -15.92
CA ASN A 329 -60.41 -4.51 -15.69
C ASN A 329 -61.56 -4.92 -14.77
N ALA A 330 -62.13 -6.10 -15.01
CA ALA A 330 -63.24 -6.57 -14.19
C ALA A 330 -62.81 -6.74 -12.74
N ALA A 331 -61.67 -7.40 -12.51
CA ALA A 331 -61.21 -7.63 -11.15
C ALA A 331 -60.92 -6.32 -10.44
N ILE A 332 -60.25 -5.39 -11.12
CA ILE A 332 -59.88 -4.11 -10.50
C ILE A 332 -61.14 -3.32 -10.16
N ALA A 333 -62.11 -3.28 -11.09
CA ALA A 333 -63.34 -2.55 -10.81
C ALA A 333 -64.09 -3.17 -9.65
N THR A 334 -64.18 -4.50 -9.60
CA THR A 334 -64.89 -5.14 -8.51
C THR A 334 -64.24 -4.84 -7.16
N ILE A 335 -62.91 -4.92 -7.10
CA ILE A 335 -62.24 -4.63 -5.84
C ILE A 335 -62.38 -3.15 -5.48
N LYS A 336 -62.38 -2.27 -6.48
CA LYS A 336 -62.63 -0.86 -6.22
C LYS A 336 -64.00 -0.66 -5.60
N THR A 337 -65.00 -1.40 -6.07
CA THR A 337 -66.33 -1.33 -5.49
C THR A 337 -66.36 -1.86 -4.07
N LYS A 338 -65.42 -2.72 -3.70
CA LYS A 338 -65.42 -3.28 -2.35
C LYS A 338 -65.12 -2.21 -1.31
N ARG A 339 -65.82 -2.31 -0.18
CA ARG A 339 -65.65 -1.37 0.92
C ARG A 339 -64.43 -1.66 1.77
N THR A 340 -63.78 -2.80 1.56
CA THR A 340 -62.68 -3.21 2.43
C THR A 340 -61.54 -2.20 2.39
N ILE A 341 -61.22 -1.69 1.21
CA ILE A 341 -60.11 -0.75 1.03
C ILE A 341 -60.69 0.63 0.74
N GLN A 342 -60.23 1.63 1.48
CA GLN A 342 -60.68 3.00 1.30
C GLN A 342 -59.61 3.79 0.56
N PHE A 343 -60.05 4.69 -0.30
CA PHE A 343 -59.16 5.51 -1.12
C PHE A 343 -59.37 6.97 -0.79
N VAL A 344 -58.30 7.76 -0.95
CA VAL A 344 -58.36 9.17 -0.61
C VAL A 344 -59.30 9.90 -1.56
N ASP A 345 -60.00 10.90 -1.03
CA ASP A 345 -61.06 11.56 -1.80
C ASP A 345 -60.52 12.26 -3.04
N TRP A 346 -59.42 12.99 -2.91
CA TRP A 346 -58.97 13.81 -4.03
C TRP A 346 -58.28 13.00 -5.12
N CYS A 347 -58.21 11.68 -5.00
CA CYS A 347 -57.63 10.82 -6.02
C CYS A 347 -58.61 9.71 -6.36
N PRO A 348 -59.73 10.05 -7.00
CA PRO A 348 -60.70 9.00 -7.38
C PRO A 348 -60.16 8.00 -8.37
N THR A 349 -59.27 8.42 -9.27
CA THR A 349 -58.68 7.56 -10.29
C THR A 349 -57.18 7.50 -10.05
N GLY A 350 -56.76 6.59 -9.17
CA GLY A 350 -55.35 6.47 -8.83
C GLY A 350 -54.78 5.10 -9.14
N PHE A 351 -55.15 4.55 -10.29
CA PHE A 351 -54.76 3.20 -10.66
C PHE A 351 -53.88 3.21 -11.90
N LYS A 352 -53.09 2.15 -12.05
CA LYS A 352 -52.30 1.94 -13.25
C LYS A 352 -52.09 0.44 -13.40
N VAL A 353 -52.24 -0.06 -14.63
CA VAL A 353 -52.14 -1.48 -14.92
C VAL A 353 -51.12 -1.69 -16.03
N GLY A 354 -50.17 -2.57 -15.79
CA GLY A 354 -49.21 -2.94 -16.81
C GLY A 354 -49.24 -4.43 -17.11
N ILE A 355 -49.66 -4.79 -18.31
CA ILE A 355 -49.77 -6.18 -18.73
C ILE A 355 -48.56 -6.53 -19.58
N ASN A 356 -47.91 -7.64 -19.27
CA ASN A 356 -46.75 -8.10 -20.01
C ASN A 356 -46.93 -9.56 -20.37
N TYR A 357 -46.35 -9.95 -21.50
CA TYR A 357 -46.51 -11.29 -22.05
C TYR A 357 -45.44 -12.27 -21.58
N GLN A 358 -44.55 -11.86 -20.69
CA GLN A 358 -43.48 -12.72 -20.24
C GLN A 358 -43.87 -13.41 -18.94
N PRO A 359 -43.98 -14.74 -18.91
CA PRO A 359 -44.23 -15.42 -17.64
C PRO A 359 -43.07 -15.23 -16.69
N PRO A 360 -43.32 -15.22 -15.38
CA PRO A 360 -42.23 -15.00 -14.43
C PRO A 360 -41.20 -16.11 -14.49
N THR A 361 -39.93 -15.72 -14.36
CA THR A 361 -38.84 -16.67 -14.44
C THR A 361 -38.73 -17.45 -13.13
N VAL A 362 -38.39 -18.74 -13.25
CA VAL A 362 -38.21 -19.61 -12.09
C VAL A 362 -36.75 -20.00 -12.03
N VAL A 363 -36.15 -19.90 -10.84
CA VAL A 363 -34.76 -20.26 -10.63
C VAL A 363 -34.71 -21.70 -10.14
N PRO A 364 -33.78 -22.53 -10.64
CA PRO A 364 -33.69 -23.90 -10.13
C PRO A 364 -33.45 -23.93 -8.63
N GLY A 365 -34.12 -24.86 -7.95
CA GLY A 365 -34.07 -24.90 -6.51
C GLY A 365 -34.85 -23.80 -5.84
N GLY A 366 -35.59 -22.99 -6.59
CA GLY A 366 -36.28 -21.87 -6.03
C GLY A 366 -37.53 -22.26 -5.26
N ASP A 367 -37.80 -21.46 -4.22
CA ASP A 367 -39.01 -21.67 -3.42
C ASP A 367 -40.27 -21.42 -4.26
N LEU A 368 -40.27 -20.39 -5.09
CA LEU A 368 -41.39 -20.16 -5.98
C LEU A 368 -41.49 -21.24 -7.04
N ALA A 369 -42.72 -21.57 -7.40
CA ALA A 369 -43.01 -22.58 -8.41
C ALA A 369 -43.42 -21.89 -9.72
N LYS A 370 -42.93 -22.43 -10.83
CA LYS A 370 -43.23 -21.83 -12.13
C LYS A 370 -44.73 -21.89 -12.40
N VAL A 371 -45.32 -20.72 -12.66
CA VAL A 371 -46.74 -20.58 -12.94
C VAL A 371 -46.91 -19.62 -14.11
N GLN A 372 -48.09 -19.68 -14.73
CA GLN A 372 -48.33 -18.87 -15.92
C GLN A 372 -48.52 -17.40 -15.59
N ARG A 373 -49.28 -17.11 -14.52
CA ARG A 373 -49.63 -15.74 -14.18
C ARG A 373 -48.92 -15.31 -12.90
N ALA A 374 -48.66 -14.01 -12.81
CA ALA A 374 -48.06 -13.43 -11.62
C ALA A 374 -48.36 -11.94 -11.62
N VAL A 375 -48.43 -11.36 -10.41
CA VAL A 375 -48.73 -9.96 -10.24
C VAL A 375 -47.78 -9.36 -9.20
N CYS A 376 -47.27 -8.17 -9.50
CA CYS A 376 -46.53 -7.35 -8.56
C CYS A 376 -47.26 -6.03 -8.38
N MET A 377 -47.55 -5.67 -7.14
CA MET A 377 -48.37 -4.51 -6.82
C MET A 377 -47.52 -3.47 -6.11
N LEU A 378 -47.71 -2.21 -6.50
CA LEU A 378 -47.04 -1.09 -5.84
C LEU A 378 -48.09 -0.12 -5.35
N SER A 379 -48.07 0.18 -4.05
CA SER A 379 -49.10 1.05 -3.49
C SER A 379 -48.45 2.11 -2.62
N ASN A 380 -48.92 3.34 -2.78
CA ASN A 380 -48.53 4.45 -1.92
C ASN A 380 -49.65 4.65 -0.90
N THR A 381 -49.65 3.81 0.12
CA THR A 381 -50.67 3.88 1.15
C THR A 381 -50.27 4.87 2.23
N THR A 382 -51.19 5.13 3.15
CA THR A 382 -50.95 6.03 4.27
C THR A 382 -50.41 5.31 5.50
N ALA A 383 -50.49 3.98 5.53
CA ALA A 383 -50.03 3.24 6.70
C ALA A 383 -48.53 3.40 6.94
N ILE A 384 -47.76 3.67 5.89
CA ILE A 384 -46.32 3.83 6.02
C ILE A 384 -45.96 4.87 7.05
N ALA A 385 -46.62 6.03 7.01
CA ALA A 385 -46.36 7.08 7.99
C ALA A 385 -46.44 6.54 9.41
N GLU A 386 -47.40 5.64 9.67
CA GLU A 386 -47.48 4.98 10.96
C GLU A 386 -46.10 4.52 11.42
N ALA A 387 -45.48 3.63 10.64
CA ALA A 387 -44.16 3.14 11.01
C ALA A 387 -43.19 4.29 11.22
N TRP A 388 -43.19 5.27 10.31
CA TRP A 388 -42.33 6.43 10.47
C TRP A 388 -42.50 7.05 11.83
N ALA A 389 -43.76 7.31 12.22
CA ALA A 389 -44.00 7.88 13.55
C ALA A 389 -43.34 7.03 14.62
N ARG A 390 -43.61 5.72 14.60
CA ARG A 390 -42.96 4.82 15.56
C ARG A 390 -41.46 4.95 15.48
N LEU A 391 -40.91 4.95 14.27
CA LEU A 391 -39.46 5.12 14.11
C LEU A 391 -39.00 6.41 14.78
N ASP A 392 -39.71 7.51 14.51
CA ASP A 392 -39.35 8.77 15.14
C ASP A 392 -39.40 8.64 16.65
N HIS A 393 -40.43 7.96 17.17
CA HIS A 393 -40.51 7.73 18.60
C HIS A 393 -39.25 7.04 19.10
N LYS A 394 -38.79 6.01 18.37
CA LYS A 394 -37.56 5.33 18.76
C LYS A 394 -36.41 6.30 18.90
N PHE A 395 -36.28 7.23 17.95
CA PHE A 395 -35.22 8.22 18.03
C PHE A 395 -35.28 8.97 19.35
N ASP A 396 -36.48 9.37 19.77
CA ASP A 396 -36.62 10.06 21.05
C ASP A 396 -36.07 9.21 22.19
N LEU A 397 -36.44 7.93 22.21
CA LEU A 397 -36.00 7.06 23.30
C LEU A 397 -34.49 6.88 23.29
N MET A 398 -33.86 7.13 22.13
CA MET A 398 -32.41 7.02 22.07
C MET A 398 -31.73 8.39 22.02
N TYR A 399 -32.47 9.48 22.17
CA TYR A 399 -31.86 10.79 22.16
C TYR A 399 -32.00 11.54 23.48
N ALA A 400 -33.03 11.24 24.26
CA ALA A 400 -33.19 11.92 25.55
C ALA A 400 -32.00 11.64 26.46
N LYS A 401 -31.41 10.46 26.36
CA LYS A 401 -30.22 10.12 27.12
C LYS A 401 -28.94 10.35 26.33
N ARG A 402 -29.04 10.83 25.09
CA ARG A 402 -27.89 11.12 24.24
C ARG A 402 -26.99 9.89 24.08
N ALA A 403 -27.62 8.73 23.97
CA ALA A 403 -26.87 7.49 23.80
C ALA A 403 -26.24 7.43 22.41
N PHE A 404 -25.03 6.88 22.35
CA PHE A 404 -24.26 6.69 21.12
C PHE A 404 -23.95 7.99 20.40
N VAL A 405 -24.19 9.13 21.04
CA VAL A 405 -23.94 10.42 20.39
C VAL A 405 -22.45 10.59 20.12
N HIS A 406 -21.61 10.18 21.07
CA HIS A 406 -20.17 10.37 20.92
C HIS A 406 -19.62 9.69 19.68
N TRP A 407 -20.19 8.53 19.31
CA TRP A 407 -19.71 7.82 18.13
C TRP A 407 -19.84 8.69 16.88
N TYR A 408 -21.01 9.29 16.68
CA TYR A 408 -21.21 10.13 15.49
C TYR A 408 -20.53 11.48 15.63
N VAL A 409 -20.37 11.98 16.86
CA VAL A 409 -19.63 13.23 17.06
C VAL A 409 -18.18 13.05 16.63
N GLY A 410 -17.60 11.88 16.92
CA GLY A 410 -16.22 11.63 16.55
C GLY A 410 -15.97 11.59 15.06
N GLU A 411 -17.01 11.38 14.26
CA GLU A 411 -16.87 11.30 12.82
C GLU A 411 -17.09 12.64 12.11
N GLY A 412 -17.33 13.71 12.86
CA GLY A 412 -17.50 15.03 12.28
C GLY A 412 -18.91 15.55 12.22
N MET A 413 -19.88 14.89 12.87
CA MET A 413 -21.24 15.39 12.86
C MET A 413 -21.37 16.62 13.75
N GLU A 414 -22.56 17.19 13.74
CA GLU A 414 -22.93 18.28 14.63
C GLU A 414 -24.20 17.90 15.38
N GLU A 415 -24.21 18.16 16.69
CA GLU A 415 -25.34 17.74 17.52
C GLU A 415 -26.65 18.33 17.03
N GLY A 416 -26.60 19.52 16.43
CA GLY A 416 -27.81 20.13 15.92
C GLY A 416 -28.41 19.42 14.74
N GLU A 417 -27.60 18.70 13.96
CA GLU A 417 -28.13 17.99 12.81
C GLU A 417 -29.08 16.88 13.23
N PHE A 418 -28.84 16.25 14.38
CA PHE A 418 -29.76 15.22 14.86
C PHE A 418 -31.15 15.81 15.10
N SER A 419 -31.21 16.94 15.81
CA SER A 419 -32.50 17.58 16.05
C SER A 419 -33.12 18.08 14.76
N GLU A 420 -32.30 18.59 13.85
CA GLU A 420 -32.82 19.05 12.56
C GLU A 420 -33.45 17.92 11.79
N ALA A 421 -32.79 16.76 11.74
CA ALA A 421 -33.36 15.60 11.05
C ALA A 421 -34.63 15.13 11.75
N ARG A 422 -34.63 15.14 13.09
CA ARG A 422 -35.81 14.70 13.82
C ARG A 422 -37.01 15.58 13.51
N GLU A 423 -36.82 16.90 13.54
CA GLU A 423 -37.93 17.80 13.23
C GLU A 423 -38.34 17.70 11.76
N ASP A 424 -37.37 17.49 10.87
CA ASP A 424 -37.70 17.32 9.46
C ASP A 424 -38.58 16.09 9.25
N LEU A 425 -38.24 14.98 9.91
CA LEU A 425 -39.05 13.79 9.75
C LEU A 425 -40.38 13.91 10.48
N ALA A 426 -40.43 14.69 11.56
CA ALA A 426 -41.73 15.00 12.16
C ALA A 426 -42.60 15.78 11.19
N ALA A 427 -42.02 16.74 10.47
CA ALA A 427 -42.76 17.46 9.45
C ALA A 427 -43.23 16.53 8.35
N LEU A 428 -42.37 15.61 7.93
CA LEU A 428 -42.76 14.62 6.93
C LEU A 428 -43.93 13.78 7.41
N GLU A 429 -43.88 13.36 8.68
CA GLU A 429 -44.96 12.54 9.22
C GLU A 429 -46.27 13.29 9.27
N LYS A 430 -46.25 14.52 9.81
CA LYS A 430 -47.49 15.27 9.93
C LYS A 430 -47.99 15.81 8.59
N ASP A 431 -47.19 15.69 7.52
CA ASP A 431 -47.68 16.07 6.20
C ASP A 431 -48.82 15.18 5.73
N TYR A 432 -48.92 13.96 6.24
CA TYR A 432 -49.98 13.06 5.86
C TYR A 432 -51.34 13.59 6.32
N MET B 1 -4.62 -6.11 5.14
CA MET B 1 -6.07 -6.00 5.16
C MET B 1 -6.56 -6.18 6.60
N ARG B 2 -6.73 -5.07 7.30
CA ARG B 2 -7.25 -5.06 8.67
C ARG B 2 -6.46 -6.02 9.56
N GLU B 3 -5.14 -5.99 9.44
CA GLU B 3 -4.30 -6.86 10.24
C GLU B 3 -4.45 -6.52 11.72
N ILE B 4 -4.22 -7.51 12.57
CA ILE B 4 -4.39 -7.35 14.01
C ILE B 4 -3.12 -7.78 14.71
N VAL B 5 -2.66 -6.98 15.66
CA VAL B 5 -1.45 -7.24 16.42
C VAL B 5 -1.84 -7.86 17.75
N HIS B 6 -1.19 -8.96 18.11
CA HIS B 6 -1.46 -9.67 19.35
C HIS B 6 -0.35 -9.39 20.35
N ILE B 7 -0.73 -8.94 21.54
CA ILE B 7 0.23 -8.62 22.60
C ILE B 7 -0.25 -9.28 23.89
N GLN B 8 0.66 -9.95 24.58
CA GLN B 8 0.34 -10.67 25.81
C GLN B 8 1.32 -10.26 26.91
N ALA B 9 0.82 -10.16 28.13
CA ALA B 9 1.62 -9.76 29.28
C ALA B 9 1.35 -10.70 30.44
N GLY B 10 2.39 -10.99 31.22
CA GLY B 10 2.26 -11.84 32.39
C GLY B 10 2.13 -13.30 32.04
N GLN B 11 2.23 -14.14 33.07
CA GLN B 11 2.13 -15.58 32.86
C GLN B 11 0.75 -15.95 32.29
N CYS B 12 -0.31 -15.42 32.90
CA CYS B 12 -1.66 -15.71 32.43
C CYS B 12 -1.86 -15.23 31.00
N GLY B 13 -1.43 -14.01 30.71
CA GLY B 13 -1.58 -13.48 29.36
C GLY B 13 -0.84 -14.31 28.34
N ASN B 14 0.40 -14.69 28.65
CA ASN B 14 1.19 -15.46 27.70
C ASN B 14 0.59 -16.85 27.47
N GLN B 15 0.15 -17.50 28.54
CA GLN B 15 -0.44 -18.83 28.38
C GLN B 15 -1.73 -18.76 27.57
N ILE B 16 -2.59 -17.78 27.88
CA ILE B 16 -3.84 -17.64 27.13
C ILE B 16 -3.55 -17.33 25.68
N GLY B 17 -2.56 -16.48 25.42
CA GLY B 17 -2.21 -16.16 24.04
C GLY B 17 -1.68 -17.37 23.30
N ALA B 18 -0.87 -18.19 23.97
CA ALA B 18 -0.39 -19.42 23.34
C ALA B 18 -1.55 -20.33 22.96
N LYS B 19 -2.47 -20.54 23.91
CA LYS B 19 -3.63 -21.38 23.63
C LYS B 19 -4.44 -20.81 22.47
N PHE B 20 -4.64 -19.49 22.46
CA PHE B 20 -5.36 -18.84 21.39
C PHE B 20 -4.67 -19.04 20.05
N TRP B 21 -3.34 -19.04 20.04
CA TRP B 21 -2.62 -19.23 18.79
C TRP B 21 -2.76 -20.66 18.28
N GLU B 22 -2.72 -21.65 19.18
CA GLU B 22 -2.97 -23.01 18.71
C GLU B 22 -4.40 -23.15 18.17
N ILE B 23 -5.37 -22.51 18.83
CA ILE B 23 -6.74 -22.57 18.35
C ILE B 23 -6.86 -21.95 16.97
N ILE B 24 -6.26 -20.78 16.77
CA ILE B 24 -6.34 -20.11 15.48
C ILE B 24 -5.65 -20.95 14.41
N SER B 25 -4.48 -21.51 14.71
CA SER B 25 -3.78 -22.34 13.74
C SER B 25 -4.61 -23.56 13.37
N ASP B 26 -5.30 -24.15 14.35
CA ASP B 26 -6.23 -25.23 14.05
C ASP B 26 -7.34 -24.74 13.12
N GLU B 27 -7.89 -23.56 13.39
CA GLU B 27 -8.98 -23.04 12.57
C GLU B 27 -8.53 -22.76 11.15
N HIS B 28 -7.32 -22.23 10.98
CA HIS B 28 -6.79 -21.90 9.67
C HIS B 28 -6.05 -23.05 9.01
N GLY B 29 -6.02 -24.23 9.64
CA GLY B 29 -5.34 -25.37 9.06
C GLY B 29 -3.83 -25.22 8.96
N ILE B 30 -3.19 -24.71 10.00
CA ILE B 30 -1.75 -24.51 10.03
C ILE B 30 -1.12 -25.64 10.82
N ASP B 31 -0.05 -26.22 10.28
CA ASP B 31 0.61 -27.34 10.93
C ASP B 31 1.35 -26.87 12.19
N ALA B 32 2.04 -27.81 12.83
CA ALA B 32 2.78 -27.50 14.05
C ALA B 32 3.97 -26.57 13.80
N THR B 33 4.37 -26.38 12.55
CA THR B 33 5.48 -25.50 12.21
C THR B 33 5.04 -24.15 11.67
N GLY B 34 4.10 -24.14 10.73
CA GLY B 34 3.67 -22.91 10.11
C GLY B 34 3.41 -23.08 8.62
N ALA B 35 3.67 -24.28 8.11
CA ALA B 35 3.37 -24.58 6.73
C ALA B 35 1.86 -24.67 6.52
N TYR B 36 1.38 -24.16 5.39
CA TYR B 36 -0.04 -24.17 5.11
C TYR B 36 -0.51 -25.58 4.78
N HIS B 37 -1.61 -26.00 5.42
CA HIS B 37 -2.21 -27.29 5.14
C HIS B 37 -3.73 -27.20 5.14
N GLY B 38 -4.27 -26.05 4.74
CA GLY B 38 -5.70 -25.86 4.75
C GLY B 38 -6.41 -26.70 3.71
N ASP B 39 -7.71 -26.88 3.93
CA ASP B 39 -8.55 -27.67 3.04
C ASP B 39 -9.42 -26.83 2.12
N SER B 40 -9.59 -25.54 2.42
CA SER B 40 -10.42 -24.65 1.62
C SER B 40 -9.68 -23.36 1.36
N ASP B 41 -10.03 -22.71 0.25
CA ASP B 41 -9.39 -21.44 -0.10
C ASP B 41 -9.70 -20.35 0.92
N LEU B 42 -10.87 -20.42 1.57
CA LEU B 42 -11.24 -19.42 2.55
C LEU B 42 -10.32 -19.43 3.77
N GLN B 43 -9.63 -20.55 4.02
CA GLN B 43 -8.66 -20.58 5.10
C GLN B 43 -7.51 -19.60 4.85
N LEU B 44 -7.01 -19.55 3.61
CA LEU B 44 -5.95 -18.63 3.24
C LEU B 44 -6.47 -17.32 2.68
N GLU B 45 -7.79 -17.18 2.53
CA GLU B 45 -8.36 -15.95 1.97
C GLU B 45 -8.07 -14.75 2.87
N ARG B 46 -8.18 -14.94 4.18
CA ARG B 46 -7.91 -13.89 5.15
C ARG B 46 -6.80 -14.31 6.11
N ILE B 47 -5.92 -15.21 5.66
CA ILE B 47 -4.85 -15.71 6.53
C ILE B 47 -3.95 -14.58 6.99
N ASN B 48 -3.83 -13.53 6.19
CA ASN B 48 -2.93 -12.43 6.52
C ASN B 48 -3.41 -11.61 7.72
N VAL B 49 -4.64 -11.79 8.17
CA VAL B 49 -5.12 -11.01 9.32
C VAL B 49 -4.35 -11.39 10.58
N TYR B 50 -3.96 -12.66 10.73
CA TYR B 50 -3.21 -13.11 11.89
C TYR B 50 -1.87 -13.74 11.50
N TYR B 51 -1.41 -13.54 10.28
CA TYR B 51 -0.19 -14.19 9.83
C TYR B 51 0.52 -13.31 8.81
N ASN B 52 1.81 -13.58 8.64
CA ASN B 52 2.59 -12.95 7.58
C ASN B 52 3.26 -14.03 6.75
N GLU B 53 3.28 -13.82 5.44
CA GLU B 53 3.81 -14.82 4.51
C GLU B 53 5.34 -14.74 4.53
N ALA B 54 5.96 -15.68 5.23
CA ALA B 54 7.40 -15.81 5.18
C ALA B 54 7.83 -16.50 3.89
N SER B 55 9.13 -16.51 3.64
CA SER B 55 9.65 -17.06 2.39
C SER B 55 9.54 -18.58 2.39
N GLY B 56 8.92 -19.12 1.34
CA GLY B 56 8.86 -20.56 1.14
C GLY B 56 7.64 -21.23 1.73
N GLY B 57 6.46 -20.70 1.44
CA GLY B 57 5.23 -21.33 1.89
C GLY B 57 5.12 -21.45 3.39
N LYS B 58 5.48 -20.40 4.11
CA LYS B 58 5.52 -20.41 5.56
C LYS B 58 4.71 -19.23 6.09
N TYR B 59 4.13 -19.40 7.27
CA TYR B 59 3.36 -18.34 7.89
C TYR B 59 3.74 -18.21 9.36
N VAL B 60 3.95 -16.97 9.80
CA VAL B 60 4.29 -16.69 11.18
C VAL B 60 3.22 -15.79 11.77
N PRO B 61 2.81 -16.04 13.03
CA PRO B 61 1.76 -15.22 13.63
C PRO B 61 2.22 -13.79 13.86
N ARG B 62 1.25 -12.87 13.83
CA ARG B 62 1.49 -11.47 14.12
C ARG B 62 1.36 -11.25 15.63
N ALA B 63 2.36 -11.75 16.35
CA ALA B 63 2.30 -11.82 17.80
C ALA B 63 3.52 -11.17 18.43
N VAL B 64 3.33 -10.64 19.63
CA VAL B 64 4.39 -10.07 20.45
C VAL B 64 4.24 -10.59 21.86
N LEU B 65 5.33 -11.05 22.46
CA LEU B 65 5.33 -11.57 23.82
C LEU B 65 6.14 -10.64 24.71
N VAL B 66 5.56 -10.24 25.84
CA VAL B 66 6.18 -9.30 26.76
C VAL B 66 6.14 -9.90 28.16
N ASP B 67 7.27 -9.82 28.86
CA ASP B 67 7.34 -10.28 30.24
C ASP B 67 8.53 -9.65 30.93
N LEU B 68 8.47 -9.58 32.25
CA LEU B 68 9.57 -9.10 33.07
C LEU B 68 10.42 -10.22 33.64
N GLU B 69 10.11 -11.47 33.32
CA GLU B 69 10.92 -12.60 33.74
C GLU B 69 11.09 -13.53 32.54
N PRO B 70 12.25 -14.14 32.38
CA PRO B 70 12.52 -14.89 31.14
C PRO B 70 12.10 -16.35 31.22
N GLY B 71 11.28 -16.70 32.19
CA GLY B 71 10.91 -18.09 32.39
C GLY B 71 9.72 -18.57 31.57
N THR B 72 8.57 -17.91 31.73
CA THR B 72 7.37 -18.42 31.09
C THR B 72 7.44 -18.28 29.57
N MET B 73 8.15 -17.28 29.06
CA MET B 73 8.36 -17.21 27.62
C MET B 73 9.22 -18.35 27.13
N ASP B 74 10.16 -18.81 27.95
CA ASP B 74 10.91 -20.00 27.61
C ASP B 74 10.00 -21.22 27.52
N SER B 75 9.02 -21.31 28.43
CA SER B 75 8.05 -22.39 28.34
C SER B 75 7.22 -22.29 27.06
N VAL B 76 6.85 -21.08 26.68
CA VAL B 76 6.13 -20.88 25.42
C VAL B 76 6.98 -21.35 24.25
N ARG B 77 8.26 -21.00 24.26
CA ARG B 77 9.16 -21.44 23.20
C ARG B 77 9.25 -22.95 23.14
N SER B 78 9.36 -23.60 24.30
CA SER B 78 9.48 -25.05 24.36
C SER B 78 8.13 -25.76 24.28
N GLY B 79 7.03 -25.03 24.40
CA GLY B 79 5.72 -25.63 24.37
C GLY B 79 5.29 -26.02 22.97
N PRO B 80 4.09 -26.56 22.87
CA PRO B 80 3.55 -26.91 21.55
C PRO B 80 3.42 -25.66 20.68
N PHE B 81 3.62 -25.86 19.38
CA PHE B 81 3.62 -24.77 18.41
C PHE B 81 4.66 -23.71 18.77
N GLY B 82 5.77 -24.13 19.37
CA GLY B 82 6.80 -23.19 19.76
C GLY B 82 7.63 -22.65 18.62
N GLN B 83 7.69 -23.37 17.50
CA GLN B 83 8.50 -22.93 16.37
C GLN B 83 7.75 -22.00 15.43
N ILE B 84 6.44 -21.83 15.61
CA ILE B 84 5.69 -20.97 14.71
C ILE B 84 6.05 -19.50 14.93
N PHE B 85 6.41 -19.12 16.15
CA PHE B 85 6.70 -17.74 16.44
C PHE B 85 8.07 -17.33 15.89
N ARG B 86 8.20 -16.06 15.56
CA ARG B 86 9.49 -15.52 15.17
C ARG B 86 10.30 -15.26 16.43
N PRO B 87 11.49 -15.86 16.57
CA PRO B 87 12.21 -15.76 17.85
C PRO B 87 12.53 -14.34 18.28
N ASP B 88 12.81 -13.45 17.33
CA ASP B 88 13.15 -12.08 17.69
C ASP B 88 11.96 -11.30 18.22
N ASN B 89 10.73 -11.70 17.89
CA ASN B 89 9.57 -11.00 18.42
C ASN B 89 9.47 -11.12 19.94
N PHE B 90 10.07 -12.13 20.53
CA PHE B 90 10.03 -12.29 21.97
C PHE B 90 10.77 -11.14 22.66
N VAL B 91 10.13 -10.56 23.66
CA VAL B 91 10.70 -9.48 24.45
C VAL B 91 10.50 -9.82 25.92
N PHE B 92 11.61 -9.86 26.67
CA PHE B 92 11.57 -10.28 28.06
C PHE B 92 12.39 -9.33 28.92
N GLY B 93 11.94 -9.14 30.15
CA GLY B 93 12.69 -8.42 31.14
C GLY B 93 13.64 -9.33 31.89
N GLN B 94 14.24 -8.80 32.95
CA GLN B 94 15.16 -9.57 33.77
C GLN B 94 14.96 -9.41 35.26
N SER B 95 14.00 -8.59 35.70
CA SER B 95 13.80 -8.33 37.12
C SER B 95 12.55 -9.00 37.66
N GLY B 96 11.40 -8.73 37.06
CA GLY B 96 10.14 -9.24 37.57
C GLY B 96 9.50 -8.29 38.55
N ALA B 97 8.31 -7.78 38.21
CA ALA B 97 7.64 -6.81 39.05
C ALA B 97 7.23 -7.38 40.40
N GLY B 98 7.02 -8.69 40.49
CA GLY B 98 6.65 -9.31 41.74
C GLY B 98 5.30 -8.87 42.27
N ASN B 99 4.29 -8.87 41.39
CA ASN B 99 2.93 -8.50 41.75
C ASN B 99 2.87 -7.08 42.32
N ASN B 100 3.64 -6.18 41.73
CA ASN B 100 3.68 -4.78 42.14
C ASN B 100 3.40 -3.91 40.92
N TRP B 101 2.29 -3.17 40.95
CA TRP B 101 1.94 -2.34 39.81
C TRP B 101 2.95 -1.20 39.62
N ALA B 102 3.41 -0.59 40.72
CA ALA B 102 4.38 0.48 40.60
C ALA B 102 5.68 -0.02 39.98
N LYS B 103 6.13 -1.21 40.38
CA LYS B 103 7.32 -1.80 39.77
C LYS B 103 7.07 -2.13 38.30
N GLY B 104 5.86 -2.58 37.98
CA GLY B 104 5.55 -2.96 36.61
C GLY B 104 5.17 -1.80 35.72
N HIS B 105 5.13 -0.58 36.23
CA HIS B 105 4.74 0.57 35.43
C HIS B 105 5.70 1.75 35.50
N TYR B 106 6.56 1.82 36.51
CA TYR B 106 7.43 2.98 36.66
C TYR B 106 8.90 2.60 36.77
N THR B 107 9.19 1.49 37.46
CA THR B 107 10.57 1.12 37.73
C THR B 107 11.11 0.16 36.67
N GLU B 108 10.48 -1.01 36.52
CA GLU B 108 10.96 -2.02 35.59
C GLU B 108 10.30 -1.96 34.23
N GLY B 109 9.15 -1.30 34.10
CA GLY B 109 8.55 -1.13 32.79
C GLY B 109 9.17 -0.03 31.98
N ALA B 110 9.85 0.91 32.62
CA ALA B 110 10.38 2.08 31.93
C ALA B 110 11.46 1.73 30.92
N GLU B 111 12.05 0.54 31.01
CA GLU B 111 13.08 0.12 30.07
C GLU B 111 12.57 -0.86 29.02
N LEU B 112 11.61 -1.72 29.38
CA LEU B 112 11.03 -2.62 28.38
C LEU B 112 10.00 -1.92 27.52
N VAL B 113 9.51 -0.75 27.94
CA VAL B 113 8.51 -0.02 27.16
C VAL B 113 9.08 0.38 25.81
N ASP B 114 10.34 0.80 25.78
CA ASP B 114 10.96 1.20 24.52
C ASP B 114 11.00 0.04 23.54
N SER B 115 11.43 -1.13 24.00
CA SER B 115 11.53 -2.30 23.13
C SER B 115 10.14 -2.73 22.65
N VAL B 116 9.15 -2.74 23.53
CA VAL B 116 7.83 -3.23 23.13
C VAL B 116 7.17 -2.25 22.16
N LEU B 117 7.34 -0.95 22.38
CA LEU B 117 6.82 0.02 21.41
C LEU B 117 7.55 -0.09 20.08
N ASP B 118 8.86 -0.32 20.10
CA ASP B 118 9.58 -0.51 18.85
C ASP B 118 9.04 -1.71 18.07
N VAL B 119 8.84 -2.83 18.76
CA VAL B 119 8.37 -4.03 18.06
C VAL B 119 6.93 -3.87 17.60
N VAL B 120 6.09 -3.19 18.38
CA VAL B 120 4.71 -3.01 17.97
C VAL B 120 4.62 -2.06 16.78
N ARG B 121 5.47 -1.02 16.75
CA ARG B 121 5.53 -0.16 15.58
C ARG B 121 6.04 -0.91 14.36
N LYS B 122 7.02 -1.80 14.57
CA LYS B 122 7.50 -2.66 13.50
C LYS B 122 6.35 -3.47 12.91
N GLU B 123 5.59 -4.14 13.78
CA GLU B 123 4.48 -4.97 13.31
C GLU B 123 3.41 -4.12 12.62
N ALA B 124 3.13 -2.94 13.17
CA ALA B 124 2.10 -2.08 12.59
C ALA B 124 2.49 -1.60 11.20
N GLU B 125 3.69 -1.03 11.06
CA GLU B 125 4.07 -0.46 9.78
C GLU B 125 4.39 -1.53 8.75
N SER B 126 4.92 -2.68 9.18
CA SER B 126 5.21 -3.75 8.24
C SER B 126 3.95 -4.33 7.61
N CYS B 127 2.79 -4.07 8.17
CA CYS B 127 1.53 -4.56 7.65
C CYS B 127 0.87 -3.52 6.75
N ASP B 128 -0.23 -3.93 6.11
CA ASP B 128 -0.96 -3.03 5.22
C ASP B 128 -1.80 -2.04 6.00
N CYS B 129 -2.78 -2.55 6.74
CA CYS B 129 -3.69 -1.68 7.50
C CYS B 129 -3.97 -2.38 8.83
N LEU B 130 -3.59 -1.74 9.93
CA LEU B 130 -3.82 -2.32 11.25
C LEU B 130 -5.21 -1.91 11.75
N GLN B 131 -6.12 -2.87 11.78
CA GLN B 131 -7.47 -2.58 12.26
C GLN B 131 -7.47 -2.23 13.73
N GLY B 132 -6.74 -2.98 14.54
CA GLY B 132 -6.73 -2.73 15.97
C GLY B 132 -5.77 -3.66 16.68
N PHE B 133 -5.72 -3.50 18.01
CA PHE B 133 -4.87 -4.30 18.87
C PHE B 133 -5.73 -5.08 19.85
N GLN B 134 -5.44 -6.37 20.00
CA GLN B 134 -6.06 -7.19 21.02
C GLN B 134 -5.00 -7.60 22.03
N LEU B 135 -5.25 -7.31 23.30
CA LEU B 135 -4.29 -7.59 24.37
C LEU B 135 -4.81 -8.74 25.22
N THR B 136 -3.91 -9.32 26.00
CA THR B 136 -4.24 -10.41 26.91
C THR B 136 -3.36 -10.30 28.14
N HIS B 137 -3.98 -10.04 29.30
CA HIS B 137 -3.24 -9.89 30.54
C HIS B 137 -4.22 -10.04 31.70
N SER B 138 -3.69 -9.93 32.92
CA SER B 138 -4.50 -10.01 34.12
C SER B 138 -4.18 -8.84 35.02
N LEU B 139 -5.22 -8.27 35.64
CA LEU B 139 -5.04 -7.10 36.48
C LEU B 139 -4.53 -7.43 37.87
N GLY B 140 -4.61 -8.69 38.29
CA GLY B 140 -4.14 -9.05 39.62
C GLY B 140 -2.63 -8.90 39.77
N GLY B 141 -1.88 -9.34 38.77
CA GLY B 141 -0.44 -9.32 38.85
C GLY B 141 0.15 -7.93 38.65
N GLY B 142 1.47 -7.85 38.85
CA GLY B 142 2.16 -6.59 38.76
C GLY B 142 2.60 -6.24 37.35
N THR B 143 3.41 -7.11 36.74
CA THR B 143 3.92 -6.81 35.41
C THR B 143 2.80 -6.81 34.37
N GLY B 144 1.80 -7.68 34.54
CA GLY B 144 0.71 -7.74 33.60
C GLY B 144 -0.06 -6.44 33.49
N SER B 145 -0.65 -6.00 34.61
CA SER B 145 -1.46 -4.79 34.60
C SER B 145 -0.62 -3.57 34.25
N GLY B 146 0.56 -3.45 34.84
CA GLY B 146 1.40 -2.28 34.58
C GLY B 146 1.82 -2.19 33.12
N MET B 147 2.30 -3.31 32.56
CA MET B 147 2.69 -3.32 31.16
C MET B 147 1.50 -3.04 30.25
N GLY B 148 0.34 -3.62 30.57
CA GLY B 148 -0.84 -3.36 29.75
C GLY B 148 -1.23 -1.90 29.76
N THR B 149 -1.21 -1.27 30.94
CA THR B 149 -1.55 0.14 31.04
C THR B 149 -0.54 1.00 30.27
N LEU B 150 0.74 0.69 30.41
CA LEU B 150 1.75 1.47 29.69
C LEU B 150 1.58 1.33 28.19
N LEU B 151 1.34 0.10 27.72
CA LEU B 151 1.18 -0.14 26.29
C LEU B 151 -0.06 0.56 25.74
N ILE B 152 -1.18 0.50 26.47
CA ILE B 152 -2.38 1.16 25.97
C ILE B 152 -2.19 2.66 25.94
N SER B 153 -1.52 3.22 26.95
CA SER B 153 -1.27 4.66 26.94
C SER B 153 -0.42 5.06 25.73
N LYS B 154 0.69 4.35 25.51
CA LYS B 154 1.57 4.71 24.40
C LYS B 154 0.87 4.52 23.05
N ILE B 155 0.14 3.42 22.89
CA ILE B 155 -0.54 3.18 21.63
C ILE B 155 -1.61 4.24 21.38
N ARG B 156 -2.40 4.56 22.40
CA ARG B 156 -3.45 5.55 22.24
C ARG B 156 -2.89 6.91 21.88
N GLU B 157 -1.80 7.32 22.53
CA GLU B 157 -1.20 8.59 22.14
C GLU B 157 -0.51 8.49 20.78
N GLU B 158 -0.22 7.27 20.32
CA GLU B 158 0.38 7.07 19.00
C GLU B 158 -0.66 6.84 17.92
N TYR B 159 -1.64 5.99 18.17
CA TYR B 159 -2.71 5.69 17.20
C TYR B 159 -4.05 6.00 17.85
N PRO B 160 -4.55 7.23 17.75
CA PRO B 160 -5.89 7.55 18.26
C PRO B 160 -7.03 7.12 17.35
N ASP B 161 -6.75 6.35 16.30
CA ASP B 161 -7.75 5.95 15.33
C ASP B 161 -8.19 4.51 15.46
N ARG B 162 -7.28 3.59 15.79
CA ARG B 162 -7.58 2.17 15.78
C ARG B 162 -8.08 1.74 17.16
N ILE B 163 -9.21 1.05 17.17
CA ILE B 163 -9.80 0.58 18.42
C ILE B 163 -8.99 -0.59 18.96
N MET B 164 -8.89 -0.68 20.28
CA MET B 164 -8.21 -1.80 20.92
C MET B 164 -9.13 -2.38 21.99
N ASN B 165 -9.11 -3.71 22.08
CA ASN B 165 -9.86 -4.44 23.09
C ASN B 165 -8.91 -5.23 23.96
N THR B 166 -9.18 -5.22 25.27
CA THR B 166 -8.33 -5.88 26.25
C THR B 166 -9.10 -7.02 26.90
N TYR B 167 -8.53 -8.23 26.85
CA TYR B 167 -9.12 -9.39 27.49
C TYR B 167 -8.53 -9.57 28.88
N SER B 168 -8.69 -8.53 29.70
CA SER B 168 -8.14 -8.54 31.04
C SER B 168 -8.88 -9.54 31.91
N VAL B 169 -8.11 -10.29 32.72
CA VAL B 169 -8.68 -11.24 33.67
C VAL B 169 -8.89 -10.52 34.99
N VAL B 170 -10.16 -10.34 35.36
CA VAL B 170 -10.48 -9.65 36.61
C VAL B 170 -10.02 -10.50 37.78
N PRO B 171 -9.48 -9.91 38.85
CA PRO B 171 -9.14 -10.70 40.04
C PRO B 171 -10.38 -11.35 40.62
N SER B 172 -10.22 -12.58 41.10
CA SER B 172 -11.35 -13.34 41.59
C SER B 172 -11.83 -12.78 42.93
N PRO B 173 -13.11 -12.40 43.05
CA PRO B 173 -13.61 -11.94 44.34
C PRO B 173 -13.55 -13.00 45.43
N LYS B 174 -13.60 -14.29 45.08
CA LYS B 174 -13.73 -15.32 46.11
C LYS B 174 -12.43 -15.50 46.90
N VAL B 175 -11.28 -15.26 46.29
CA VAL B 175 -10.00 -15.33 46.99
C VAL B 175 -9.15 -14.14 46.57
N SER B 176 -8.53 -13.48 47.55
CA SER B 176 -7.56 -12.42 47.27
C SER B 176 -6.24 -13.10 46.95
N ASP B 177 -5.99 -13.32 45.66
CA ASP B 177 -4.79 -14.05 45.25
C ASP B 177 -3.53 -13.36 45.75
N THR B 178 -3.47 -12.04 45.61
CA THR B 178 -2.40 -11.24 46.18
C THR B 178 -3.02 -10.16 47.04
N VAL B 179 -2.39 -9.90 48.20
CA VAL B 179 -2.93 -8.93 49.14
C VAL B 179 -3.03 -7.55 48.49
N VAL B 180 -2.18 -7.28 47.52
CA VAL B 180 -2.14 -5.98 46.87
C VAL B 180 -2.94 -5.99 45.57
N GLU B 181 -3.79 -6.99 45.34
CA GLU B 181 -4.51 -7.02 44.08
C GLU B 181 -5.58 -5.93 43.96
N PRO B 182 -6.23 -5.47 45.04
CA PRO B 182 -7.14 -4.33 44.85
C PRO B 182 -6.45 -3.08 44.33
N TYR B 183 -5.22 -2.81 44.78
CA TYR B 183 -4.49 -1.65 44.29
C TYR B 183 -4.20 -1.77 42.80
N ASN B 184 -3.68 -2.93 42.40
CA ASN B 184 -3.36 -3.15 40.99
C ASN B 184 -4.62 -3.07 40.14
N ALA B 185 -5.72 -3.66 40.60
CA ALA B 185 -6.96 -3.59 39.86
C ALA B 185 -7.42 -2.15 39.71
N THR B 186 -7.36 -1.37 40.79
CA THR B 186 -7.81 0.02 40.73
C THR B 186 -6.98 0.83 39.74
N LEU B 187 -5.65 0.71 39.82
CA LEU B 187 -4.81 1.47 38.90
C LEU B 187 -5.00 1.04 37.46
N SER B 188 -5.07 -0.27 37.23
CA SER B 188 -5.27 -0.77 35.87
C SER B 188 -6.59 -0.30 35.30
N VAL B 189 -7.67 -0.34 36.10
CA VAL B 189 -8.96 0.12 35.63
C VAL B 189 -8.93 1.61 35.35
N HIS B 190 -8.26 2.38 36.22
CA HIS B 190 -8.19 3.83 36.01
C HIS B 190 -7.46 4.17 34.72
N GLN B 191 -6.47 3.35 34.34
CA GLN B 191 -5.82 3.59 33.06
C GLN B 191 -6.66 3.09 31.90
N LEU B 192 -7.34 1.95 32.07
CA LEU B 192 -8.12 1.36 30.99
C LEU B 192 -9.29 2.24 30.60
N VAL B 193 -9.96 2.82 31.59
CA VAL B 193 -11.17 3.61 31.31
C VAL B 193 -10.85 4.78 30.39
N GLU B 194 -9.66 5.35 30.50
CA GLU B 194 -9.27 6.46 29.65
C GLU B 194 -8.56 6.05 28.38
N ASN B 195 -7.79 4.96 28.40
CA ASN B 195 -6.94 4.62 27.26
C ASN B 195 -7.33 3.30 26.59
N THR B 196 -8.53 2.79 26.84
CA THR B 196 -8.97 1.57 26.20
C THR B 196 -10.41 1.72 25.72
N ASP B 197 -10.68 1.26 24.51
CA ASP B 197 -12.01 1.40 23.93
C ASP B 197 -13.01 0.45 24.56
N GLU B 198 -12.58 -0.75 24.93
CA GLU B 198 -13.48 -1.71 25.59
C GLU B 198 -12.66 -2.76 26.31
N THR B 199 -13.31 -3.44 27.24
CA THR B 199 -12.68 -4.46 28.04
C THR B 199 -13.67 -5.61 28.26
N TYR B 200 -13.14 -6.82 28.39
CA TYR B 200 -13.94 -7.98 28.74
C TYR B 200 -13.49 -8.49 30.10
N CYS B 201 -14.44 -8.74 31.00
CA CYS B 201 -14.12 -9.22 32.34
C CYS B 201 -14.27 -10.74 32.37
N ILE B 202 -13.19 -11.43 32.75
CA ILE B 202 -13.18 -12.89 32.84
C ILE B 202 -12.60 -13.27 34.19
N ASP B 203 -13.31 -14.12 34.93
CA ASP B 203 -12.91 -14.53 36.27
C ASP B 203 -12.69 -16.03 36.32
N ASN B 204 -11.62 -16.43 37.02
CA ASN B 204 -11.26 -17.84 37.11
C ASN B 204 -12.31 -18.66 37.84
N GLU B 205 -12.98 -18.07 38.84
CA GLU B 205 -13.97 -18.83 39.58
C GLU B 205 -15.15 -19.21 38.69
N ALA B 206 -15.55 -18.31 37.78
CA ALA B 206 -16.63 -18.64 36.86
C ALA B 206 -16.23 -19.77 35.93
N LEU B 207 -14.99 -19.76 35.45
CA LEU B 207 -14.52 -20.85 34.61
C LEU B 207 -14.49 -22.16 35.38
N TYR B 208 -14.09 -22.12 36.65
CA TYR B 208 -14.13 -23.31 37.50
C TYR B 208 -15.57 -23.82 37.63
N ASP B 209 -16.51 -22.92 37.86
CA ASP B 209 -17.90 -23.32 37.99
C ASP B 209 -18.40 -23.98 36.70
N ILE B 210 -18.05 -23.40 35.56
CA ILE B 210 -18.45 -23.98 34.28
C ILE B 210 -17.82 -25.35 34.09
N CYS B 211 -16.54 -25.48 34.42
CA CYS B 211 -15.85 -26.76 34.24
C CYS B 211 -16.46 -27.85 35.10
N PHE B 212 -16.73 -27.53 36.37
CA PHE B 212 -17.26 -28.55 37.28
C PHE B 212 -18.72 -28.86 36.97
N ARG B 213 -19.53 -27.83 36.74
CA ARG B 213 -20.96 -28.00 36.56
C ARG B 213 -21.36 -28.11 35.09
N THR B 214 -21.08 -27.06 34.31
CA THR B 214 -21.55 -27.05 32.92
C THR B 214 -20.78 -28.05 32.08
N LEU B 215 -19.44 -28.06 32.19
CA LEU B 215 -18.65 -28.98 31.42
C LEU B 215 -18.55 -30.36 32.07
N LYS B 216 -18.76 -30.44 33.38
CA LYS B 216 -18.74 -31.71 34.12
C LYS B 216 -17.39 -32.42 33.95
N LEU B 217 -16.35 -31.77 34.45
CA LEU B 217 -15.00 -32.32 34.45
C LEU B 217 -14.51 -32.43 35.88
N THR B 218 -13.87 -33.56 36.21
CA THR B 218 -13.44 -33.80 37.57
C THR B 218 -12.24 -32.93 37.94
N THR B 219 -11.26 -32.82 37.04
CA THR B 219 -10.04 -32.07 37.31
C THR B 219 -9.88 -30.89 36.35
N PRO B 220 -10.25 -29.69 36.76
CA PRO B 220 -9.98 -28.52 35.92
C PRO B 220 -8.49 -28.27 35.82
N THR B 221 -8.08 -27.71 34.68
CA THR B 221 -6.70 -27.31 34.45
C THR B 221 -6.69 -25.96 33.77
N TYR B 222 -5.58 -25.23 33.94
CA TYR B 222 -5.46 -23.93 33.31
C TYR B 222 -5.51 -24.04 31.79
N GLY B 223 -5.11 -25.20 31.26
CA GLY B 223 -5.22 -25.41 29.82
C GLY B 223 -6.65 -25.32 29.32
N ASP B 224 -7.58 -25.96 30.04
CA ASP B 224 -8.98 -25.91 29.64
C ASP B 224 -9.54 -24.50 29.74
N LEU B 225 -9.20 -23.79 30.81
CA LEU B 225 -9.67 -22.42 30.98
C LEU B 225 -9.17 -21.53 29.84
N ASN B 226 -7.87 -21.62 29.54
CA ASN B 226 -7.33 -20.87 28.42
C ASN B 226 -7.99 -21.28 27.11
N HIS B 227 -8.33 -22.56 26.97
CA HIS B 227 -9.00 -23.03 25.76
C HIS B 227 -10.37 -22.37 25.61
N LEU B 228 -11.12 -22.27 26.71
CA LEU B 228 -12.42 -21.62 26.64
C LEU B 228 -12.30 -20.15 26.29
N VAL B 229 -11.34 -19.46 26.92
CA VAL B 229 -11.17 -18.03 26.62
C VAL B 229 -10.73 -17.86 25.16
N SER B 230 -9.87 -18.74 24.68
CA SER B 230 -9.44 -18.69 23.28
C SER B 230 -10.59 -18.96 22.33
N LEU B 231 -11.47 -19.89 22.69
CA LEU B 231 -12.65 -20.15 21.87
C LEU B 231 -13.53 -18.91 21.80
N THR B 232 -13.69 -18.22 22.93
CA THR B 232 -14.44 -16.97 22.92
C THR B 232 -13.79 -15.95 21.99
N MET B 233 -12.47 -15.80 22.07
CA MET B 233 -11.77 -14.84 21.22
C MET B 233 -11.92 -15.18 19.75
N SER B 234 -11.74 -16.46 19.40
CA SER B 234 -11.88 -16.89 18.02
C SER B 234 -13.30 -16.70 17.50
N GLY B 235 -14.29 -16.98 18.34
CA GLY B 235 -15.67 -16.71 17.94
C GLY B 235 -15.93 -15.23 17.71
N VAL B 236 -15.31 -14.37 18.52
CA VAL B 236 -15.45 -12.94 18.29
C VAL B 236 -14.86 -12.55 16.95
N THR B 237 -13.66 -13.05 16.64
CA THR B 237 -12.95 -12.61 15.45
C THR B 237 -13.36 -13.34 14.18
N THR B 238 -14.16 -14.41 14.28
CA THR B 238 -14.52 -15.16 13.08
C THR B 238 -15.37 -14.33 12.13
N CYS B 239 -16.07 -13.32 12.65
CA CYS B 239 -16.84 -12.44 11.78
C CYS B 239 -15.92 -11.71 10.81
N LEU B 240 -14.80 -11.21 11.30
CA LEU B 240 -13.84 -10.54 10.43
C LEU B 240 -13.06 -11.53 9.59
N ARG B 241 -12.61 -12.65 10.18
CA ARG B 241 -11.67 -13.53 9.49
C ARG B 241 -12.32 -14.45 8.48
N PHE B 242 -13.62 -14.73 8.61
CA PHE B 242 -14.31 -15.61 7.68
C PHE B 242 -15.54 -14.90 7.13
N PRO B 243 -15.96 -15.26 5.91
CA PRO B 243 -17.17 -14.66 5.35
C PRO B 243 -18.39 -15.06 6.16
N GLY B 244 -19.36 -14.16 6.23
CA GLY B 244 -20.59 -14.42 6.95
C GLY B 244 -21.81 -13.94 6.21
N GLN B 245 -22.94 -14.63 6.40
CA GLN B 245 -24.19 -14.18 5.78
C GLN B 245 -24.59 -12.79 6.27
N LEU B 246 -24.17 -12.41 7.47
CA LEU B 246 -24.29 -11.05 7.97
C LEU B 246 -22.95 -10.73 8.65
N ASN B 247 -22.05 -10.10 7.89
CA ASN B 247 -20.70 -9.90 8.37
C ASN B 247 -20.66 -8.87 9.49
N ALA B 248 -19.54 -8.89 10.22
CA ALA B 248 -19.31 -7.95 11.31
C ALA B 248 -17.81 -7.86 11.53
N ASP B 249 -17.40 -6.85 12.31
CA ASP B 249 -16.01 -6.70 12.69
C ASP B 249 -15.93 -6.05 14.06
N LEU B 250 -14.70 -5.72 14.48
CA LEU B 250 -14.50 -5.14 15.80
C LEU B 250 -15.20 -3.80 15.93
N ARG B 251 -15.15 -2.98 14.87
CA ARG B 251 -15.79 -1.68 14.93
C ARG B 251 -17.30 -1.81 15.07
N LYS B 252 -17.89 -2.80 14.41
CA LYS B 252 -19.32 -3.02 14.55
C LYS B 252 -19.69 -3.32 16.00
N LEU B 253 -18.94 -4.23 16.62
CA LEU B 253 -19.21 -4.57 18.03
C LEU B 253 -19.01 -3.35 18.92
N ALA B 254 -17.95 -2.59 18.69
CA ALA B 254 -17.68 -1.42 19.51
C ALA B 254 -18.82 -0.41 19.41
N VAL B 255 -19.23 -0.08 18.18
CA VAL B 255 -20.28 0.92 17.99
C VAL B 255 -21.60 0.43 18.56
N ASN B 256 -21.95 -0.84 18.33
CA ASN B 256 -23.23 -1.34 18.82
C ASN B 256 -23.27 -1.41 20.33
N MET B 257 -22.17 -1.85 20.96
CA MET B 257 -22.17 -2.19 22.37
C MET B 257 -21.69 -1.07 23.27
N VAL B 258 -21.34 0.09 22.72
CA VAL B 258 -20.84 1.18 23.56
C VAL B 258 -21.84 2.33 23.49
N PRO B 259 -22.70 2.49 24.51
CA PRO B 259 -23.60 3.64 24.53
C PRO B 259 -22.94 4.92 25.04
N PHE B 260 -21.85 4.80 25.78
CA PHE B 260 -21.14 5.95 26.32
C PHE B 260 -19.64 5.65 26.32
N PRO B 261 -18.80 6.68 26.17
CA PRO B 261 -17.36 6.43 26.04
C PRO B 261 -16.75 5.72 27.23
N ARG B 262 -17.28 5.94 28.43
CA ARG B 262 -16.68 5.37 29.64
C ARG B 262 -17.36 4.08 30.09
N LEU B 263 -18.54 3.76 29.56
CA LEU B 263 -19.26 2.55 29.95
C LEU B 263 -19.02 1.49 28.88
N HIS B 264 -17.83 0.89 28.93
CA HIS B 264 -17.37 -0.01 27.87
C HIS B 264 -16.76 -1.28 28.45
N PHE B 265 -17.46 -1.90 29.38
CA PHE B 265 -17.03 -3.17 29.97
C PHE B 265 -18.05 -4.25 29.62
N PHE B 266 -17.55 -5.45 29.32
CA PHE B 266 -18.38 -6.49 28.72
C PHE B 266 -18.16 -7.83 29.40
N MET B 267 -19.15 -8.70 29.22
CA MET B 267 -19.26 -10.05 29.73
C MET B 267 -19.20 -11.02 28.56
N PRO B 268 -18.32 -12.01 28.59
CA PRO B 268 -18.32 -13.04 27.55
C PRO B 268 -19.17 -14.23 27.92
N GLY B 269 -19.62 -14.94 26.89
CA GLY B 269 -20.36 -16.18 27.09
C GLY B 269 -20.24 -17.09 25.89
N PHE B 270 -20.26 -18.40 26.12
CA PHE B 270 -20.06 -19.35 25.03
C PHE B 270 -21.11 -20.45 25.10
N ALA B 271 -21.42 -21.01 23.93
CA ALA B 271 -22.34 -22.14 23.85
C ALA B 271 -22.09 -22.86 22.54
N PRO B 272 -22.27 -24.19 22.47
CA PRO B 272 -22.63 -25.07 23.58
C PRO B 272 -21.43 -25.52 24.38
N LEU B 273 -21.65 -25.85 25.65
CA LEU B 273 -20.61 -26.40 26.52
C LEU B 273 -21.21 -27.60 27.24
N THR B 274 -20.94 -28.79 26.73
CA THR B 274 -21.54 -30.01 27.25
C THR B 274 -20.45 -31.01 27.61
N SER B 275 -20.79 -31.93 28.51
CA SER B 275 -19.87 -32.97 28.93
C SER B 275 -19.78 -34.03 27.82
N ARG B 276 -19.10 -35.14 28.10
CA ARG B 276 -18.90 -36.16 27.08
C ARG B 276 -20.21 -36.87 26.75
N GLY B 277 -20.99 -37.24 27.76
CA GLY B 277 -22.19 -38.02 27.54
C GLY B 277 -23.42 -37.20 27.17
N SER B 278 -23.42 -35.91 27.53
CA SER B 278 -24.59 -35.07 27.30
C SER B 278 -24.80 -34.75 25.83
N GLN B 279 -23.77 -34.87 25.00
CA GLN B 279 -23.87 -34.43 23.61
C GLN B 279 -24.96 -35.17 22.84
N GLN B 280 -25.22 -36.43 23.21
CA GLN B 280 -26.22 -37.22 22.51
C GLN B 280 -27.61 -37.07 23.11
N TYR B 281 -27.79 -36.24 24.12
CA TYR B 281 -29.10 -36.06 24.74
C TYR B 281 -29.67 -34.67 24.53
N ARG B 282 -29.00 -33.81 23.77
CA ARG B 282 -29.49 -32.48 23.48
C ARG B 282 -29.29 -32.19 22.00
N ALA B 283 -30.35 -31.77 21.33
CA ALA B 283 -30.28 -31.47 19.91
C ALA B 283 -29.44 -30.23 19.66
N LEU B 284 -28.69 -30.24 18.55
CA LEU B 284 -27.84 -29.11 18.18
C LEU B 284 -28.64 -28.11 17.36
N THR B 285 -29.59 -27.47 18.02
CA THR B 285 -30.45 -26.47 17.41
C THR B 285 -30.24 -25.11 18.05
N VAL B 286 -30.64 -24.07 17.31
CA VAL B 286 -30.50 -22.70 17.83
C VAL B 286 -31.25 -22.50 19.13
N PRO B 287 -32.51 -22.94 19.29
CA PRO B 287 -33.17 -22.77 20.60
C PRO B 287 -32.41 -23.44 21.75
N GLU B 288 -31.80 -24.60 21.49
CA GLU B 288 -31.00 -25.26 22.51
C GLU B 288 -29.80 -24.42 22.92
N LEU B 289 -29.37 -23.50 22.07
CA LEU B 289 -28.30 -22.58 22.44
C LEU B 289 -28.84 -21.32 23.09
N THR B 290 -29.97 -20.80 22.61
CA THR B 290 -30.49 -19.58 23.19
C THR B 290 -30.96 -19.79 24.61
N GLN B 291 -31.41 -21.01 24.94
CA GLN B 291 -31.69 -21.32 26.33
C GLN B 291 -30.43 -21.33 27.18
N GLN B 292 -29.28 -21.63 26.58
CA GLN B 292 -28.02 -21.72 27.30
C GLN B 292 -27.25 -20.42 27.38
N MET B 293 -27.48 -19.46 26.49
CA MET B 293 -26.70 -18.22 26.55
C MET B 293 -27.18 -17.26 27.61
N PHE B 294 -28.47 -17.24 27.90
CA PHE B 294 -29.04 -16.24 28.80
C PHE B 294 -29.26 -16.86 30.17
N ASP B 295 -28.22 -16.82 31.00
CA ASP B 295 -28.27 -17.29 32.37
C ASP B 295 -27.00 -16.85 33.07
N ALA B 296 -27.12 -16.58 34.37
CA ALA B 296 -25.95 -16.15 35.13
C ALA B 296 -24.92 -17.25 35.27
N LYS B 297 -25.30 -18.50 35.06
CA LYS B 297 -24.35 -19.60 35.23
C LYS B 297 -23.31 -19.60 34.12
N ASN B 298 -23.70 -19.22 32.91
CA ASN B 298 -22.81 -19.27 31.76
C ASN B 298 -22.07 -17.98 31.49
N MET B 299 -22.21 -16.97 32.35
CA MET B 299 -21.46 -15.73 32.25
C MET B 299 -20.15 -15.87 32.99
N MET B 300 -19.04 -15.61 32.32
CA MET B 300 -17.73 -15.68 32.97
C MET B 300 -17.41 -14.44 33.79
N ALA B 301 -18.42 -13.62 34.10
CA ALA B 301 -18.24 -12.47 34.99
C ALA B 301 -18.87 -12.79 36.34
N ALA B 302 -18.10 -12.59 37.41
CA ALA B 302 -18.55 -12.93 38.76
C ALA B 302 -19.55 -11.88 39.25
N CYS B 303 -20.69 -11.84 38.57
CA CYS B 303 -21.77 -10.93 38.92
C CYS B 303 -23.05 -11.33 38.20
N ASP B 304 -24.13 -11.52 38.94
CA ASP B 304 -25.38 -11.99 38.36
C ASP B 304 -26.06 -10.84 37.62
N PRO B 305 -26.30 -10.97 36.30
CA PRO B 305 -27.00 -9.90 35.59
C PRO B 305 -28.45 -9.73 36.02
N ARG B 306 -29.06 -10.74 36.64
CA ARG B 306 -30.46 -10.63 37.02
C ARG B 306 -30.67 -9.55 38.07
N HIS B 307 -29.69 -9.33 38.94
CA HIS B 307 -29.80 -8.24 39.91
C HIS B 307 -29.86 -6.89 39.21
N GLY B 308 -29.04 -6.69 38.20
CA GLY B 308 -29.01 -5.47 37.42
C GLY B 308 -29.82 -5.58 36.15
N ARG B 309 -29.46 -4.76 35.16
CA ARG B 309 -30.15 -4.73 33.88
C ARG B 309 -29.14 -4.78 32.75
N TYR B 310 -29.56 -5.36 31.64
CA TYR B 310 -28.73 -5.41 30.43
C TYR B 310 -28.83 -4.09 29.69
N LEU B 311 -27.70 -3.40 29.55
CA LEU B 311 -27.66 -2.24 28.67
C LEU B 311 -27.76 -2.66 27.21
N THR B 312 -26.83 -3.50 26.77
CA THR B 312 -26.83 -4.00 25.40
C THR B 312 -26.37 -5.45 25.38
N VAL B 313 -26.75 -6.14 24.31
CA VAL B 313 -26.39 -7.54 24.11
C VAL B 313 -26.00 -7.72 22.65
N ALA B 314 -24.92 -8.44 22.40
CA ALA B 314 -24.50 -8.81 21.06
C ALA B 314 -24.32 -10.32 21.00
N ALA B 315 -24.76 -10.92 19.90
CA ALA B 315 -24.73 -12.38 19.76
C ALA B 315 -24.18 -12.72 18.39
N ILE B 316 -23.06 -13.44 18.37
CA ILE B 316 -22.45 -13.92 17.14
C ILE B 316 -22.65 -15.43 17.09
N PHE B 317 -22.97 -15.93 15.90
CA PHE B 317 -23.25 -17.34 15.72
C PHE B 317 -22.39 -17.90 14.60
N ARG B 318 -22.15 -19.20 14.64
CA ARG B 318 -21.34 -19.88 13.63
C ARG B 318 -21.98 -21.20 13.26
N GLY B 319 -22.09 -21.46 11.96
CA GLY B 319 -22.64 -22.71 11.48
C GLY B 319 -23.71 -22.56 10.41
N ARG B 320 -24.67 -23.47 10.40
CA ARG B 320 -25.75 -23.51 9.42
C ARG B 320 -27.05 -23.12 10.09
N MET B 321 -27.41 -21.84 10.01
CA MET B 321 -28.64 -21.32 10.59
C MET B 321 -29.45 -20.62 9.53
N SER B 322 -30.77 -20.72 9.65
CA SER B 322 -31.69 -19.87 8.92
C SER B 322 -32.06 -18.74 9.88
N MET B 323 -31.21 -17.74 9.94
CA MET B 323 -31.22 -16.78 11.03
C MET B 323 -32.47 -15.90 11.09
N LYS B 324 -33.50 -16.05 10.27
CA LYS B 324 -34.77 -15.45 10.65
C LYS B 324 -35.28 -16.09 11.92
N GLU B 325 -35.01 -17.39 12.10
CA GLU B 325 -35.30 -18.06 13.36
C GLU B 325 -34.52 -17.40 14.49
N VAL B 326 -33.28 -17.02 14.23
CA VAL B 326 -32.50 -16.29 15.23
C VAL B 326 -33.18 -14.96 15.55
N ASP B 327 -33.74 -14.31 14.54
CA ASP B 327 -34.43 -13.03 14.76
C ASP B 327 -35.64 -13.22 15.67
N GLU B 328 -36.51 -14.18 15.36
CA GLU B 328 -37.67 -14.39 16.21
C GLU B 328 -37.27 -14.89 17.58
N GLN B 329 -36.15 -15.63 17.67
CA GLN B 329 -35.65 -16.05 18.97
C GLN B 329 -35.21 -14.85 19.80
N MET B 330 -34.55 -13.89 19.18
CA MET B 330 -34.17 -12.67 19.89
C MET B 330 -35.41 -11.89 20.30
N LEU B 331 -36.46 -11.94 19.48
CA LEU B 331 -37.74 -11.37 19.88
C LEU B 331 -38.28 -12.04 21.14
N ASN B 332 -38.20 -13.37 21.20
CA ASN B 332 -38.65 -14.07 22.40
C ASN B 332 -37.83 -13.65 23.61
N ILE B 333 -36.51 -13.51 23.43
CA ILE B 333 -35.66 -13.09 24.54
C ILE B 333 -36.04 -11.69 24.99
N GLN B 334 -36.30 -10.79 24.05
CA GLN B 334 -36.71 -9.44 24.43
C GLN B 334 -38.05 -9.45 25.16
N ASN B 335 -38.97 -10.32 24.74
CA ASN B 335 -40.29 -10.34 25.33
C ASN B 335 -40.25 -10.91 26.75
N LYS B 336 -39.84 -12.17 26.88
CA LYS B 336 -39.88 -12.82 28.18
C LYS B 336 -38.94 -12.16 29.19
N ASN B 337 -37.74 -11.79 28.77
CA ASN B 337 -36.73 -11.21 29.65
C ASN B 337 -36.80 -9.68 29.65
N SER B 338 -37.99 -9.12 29.46
CA SER B 338 -38.14 -7.67 29.37
C SER B 338 -37.68 -6.99 30.65
N SER B 339 -37.91 -7.62 31.80
CA SER B 339 -37.51 -7.01 33.06
C SER B 339 -36.00 -6.82 33.14
N TYR B 340 -35.24 -7.83 32.70
CA TYR B 340 -33.79 -7.76 32.79
C TYR B 340 -33.18 -6.83 31.75
N PHE B 341 -33.95 -6.35 30.79
CA PHE B 341 -33.44 -5.50 29.73
C PHE B 341 -33.77 -4.04 30.00
N VAL B 342 -32.87 -3.16 29.58
CA VAL B 342 -33.09 -1.72 29.71
C VAL B 342 -34.24 -1.30 28.81
N GLU B 343 -34.93 -0.23 29.20
CA GLU B 343 -36.13 0.22 28.49
C GLU B 343 -35.86 1.31 27.47
N TRP B 344 -34.90 2.20 27.71
CA TRP B 344 -34.66 3.31 26.80
C TRP B 344 -33.70 2.96 25.67
N ILE B 345 -33.53 1.68 25.37
CA ILE B 345 -32.76 1.24 24.22
C ILE B 345 -33.62 0.28 23.42
N PRO B 346 -34.42 0.76 22.48
CA PRO B 346 -35.31 -0.14 21.73
C PRO B 346 -34.51 -1.13 20.90
N ASN B 347 -34.94 -2.40 20.96
CA ASN B 347 -34.28 -3.50 20.26
C ASN B 347 -32.78 -3.50 20.55
N ASN B 348 -32.46 -3.76 21.81
CA ASN B 348 -31.11 -3.66 22.34
C ASN B 348 -30.24 -4.86 22.01
N VAL B 349 -30.62 -5.68 21.03
CA VAL B 349 -29.89 -6.90 20.70
C VAL B 349 -29.30 -6.76 19.31
N LYS B 350 -27.99 -6.98 19.21
CA LYS B 350 -27.27 -7.03 17.94
C LYS B 350 -26.98 -8.49 17.62
N THR B 351 -27.11 -8.85 16.35
CA THR B 351 -26.97 -10.24 15.92
C THR B 351 -26.09 -10.32 14.68
N ALA B 352 -25.22 -11.33 14.64
CA ALA B 352 -24.40 -11.55 13.46
C ALA B 352 -24.15 -13.05 13.31
N VAL B 353 -23.94 -13.47 12.07
CA VAL B 353 -23.75 -14.88 11.74
C VAL B 353 -22.54 -15.01 10.81
N CYS B 354 -21.64 -15.93 11.15
CA CYS B 354 -20.49 -16.27 10.32
C CYS B 354 -20.70 -17.67 9.76
N ASP B 355 -20.42 -17.83 8.46
CA ASP B 355 -20.74 -19.08 7.78
C ASP B 355 -19.97 -20.25 8.37
N ILE B 356 -18.65 -20.12 8.48
CA ILE B 356 -17.81 -21.25 8.86
C ILE B 356 -17.97 -21.55 10.35
N PRO B 357 -18.32 -22.77 10.72
CA PRO B 357 -18.41 -23.13 12.14
C PRO B 357 -17.01 -23.36 12.71
N PRO B 358 -16.87 -23.30 14.03
CA PRO B 358 -15.57 -23.61 14.63
C PRO B 358 -15.23 -25.07 14.45
N ARG B 359 -13.93 -25.36 14.47
CA ARG B 359 -13.47 -26.72 14.26
C ARG B 359 -13.97 -27.63 15.38
N GLY B 360 -14.62 -28.72 14.99
CA GLY B 360 -15.12 -29.71 15.93
C GLY B 360 -16.58 -29.56 16.31
N LEU B 361 -17.16 -28.37 16.12
CA LEU B 361 -18.56 -28.12 16.47
C LEU B 361 -19.29 -27.62 15.22
N LYS B 362 -20.41 -28.27 14.91
CA LYS B 362 -21.14 -27.91 13.70
C LYS B 362 -21.79 -26.54 13.81
N MET B 363 -22.09 -26.08 15.02
CA MET B 363 -22.78 -24.81 15.21
C MET B 363 -22.59 -24.37 16.64
N SER B 364 -22.28 -23.09 16.84
CA SER B 364 -22.02 -22.54 18.16
C SER B 364 -22.43 -21.08 18.19
N ALA B 365 -22.40 -20.50 19.39
CA ALA B 365 -22.76 -19.11 19.60
C ALA B 365 -21.89 -18.51 20.70
N THR B 366 -21.68 -17.20 20.59
CA THR B 366 -20.91 -16.43 21.55
C THR B 366 -21.69 -15.18 21.88
N PHE B 367 -21.60 -14.77 23.14
CA PHE B 367 -22.41 -13.72 23.73
C PHE B 367 -21.51 -12.64 24.31
N ILE B 368 -21.82 -11.38 24.00
CA ILE B 368 -21.12 -10.24 24.57
C ILE B 368 -22.15 -9.33 25.22
N GLY B 369 -22.08 -9.17 26.53
CA GLY B 369 -23.10 -8.42 27.23
C GLY B 369 -22.60 -7.23 28.01
N ASN B 370 -23.22 -6.07 27.80
CA ASN B 370 -22.96 -4.89 28.63
C ASN B 370 -24.15 -4.69 29.55
N SER B 371 -23.92 -4.83 30.85
CA SER B 371 -24.98 -4.77 31.83
C SER B 371 -24.48 -4.07 33.10
N THR B 372 -25.37 -3.94 34.08
CA THR B 372 -25.06 -3.27 35.33
C THR B 372 -24.63 -4.23 36.43
N ALA B 373 -24.50 -5.52 36.13
CA ALA B 373 -24.04 -6.46 37.16
C ALA B 373 -22.57 -6.23 37.48
N ILE B 374 -21.73 -5.96 36.47
CA ILE B 374 -20.32 -5.73 36.70
C ILE B 374 -20.10 -4.60 37.68
N GLN B 375 -21.00 -3.61 37.69
CA GLN B 375 -20.98 -2.56 38.70
C GLN B 375 -20.68 -3.14 40.08
N GLU B 376 -21.46 -4.14 40.51
CA GLU B 376 -21.25 -4.74 41.82
C GLU B 376 -19.80 -5.13 42.02
N LEU B 377 -19.24 -5.88 41.06
CA LEU B 377 -17.82 -6.20 41.10
C LEU B 377 -17.00 -4.96 41.38
N PHE B 378 -17.07 -3.96 40.50
CA PHE B 378 -16.35 -2.72 40.72
C PHE B 378 -16.70 -2.13 42.07
N LYS B 379 -18.00 -2.06 42.37
CA LYS B 379 -18.42 -1.53 43.66
C LYS B 379 -17.70 -2.27 44.78
N ARG B 380 -17.74 -3.61 44.74
CA ARG B 380 -17.09 -4.39 45.78
C ARG B 380 -15.63 -4.01 45.92
N ILE B 381 -14.92 -3.92 44.79
CA ILE B 381 -13.50 -3.63 44.83
C ILE B 381 -13.25 -2.36 45.63
N SER B 382 -14.11 -1.36 45.45
CA SER B 382 -13.94 -0.09 46.14
C SER B 382 -13.80 -0.31 47.64
N GLU B 383 -14.75 -1.04 48.25
CA GLU B 383 -14.65 -1.20 49.70
C GLU B 383 -13.36 -1.91 50.06
N GLN B 384 -13.00 -2.95 49.32
CA GLN B 384 -11.74 -3.63 49.60
C GLN B 384 -10.59 -2.64 49.56
N PHE B 385 -10.54 -1.80 48.52
CA PHE B 385 -9.51 -0.77 48.47
C PHE B 385 -9.55 0.09 49.71
N THR B 386 -10.74 0.57 50.08
CA THR B 386 -10.87 1.34 51.31
C THR B 386 -10.43 0.51 52.50
N ALA B 387 -10.87 -0.75 52.56
CA ALA B 387 -10.51 -1.59 53.70
C ALA B 387 -9.01 -1.82 53.75
N MET B 388 -8.32 -1.65 52.61
CA MET B 388 -6.88 -1.82 52.60
C MET B 388 -6.14 -0.49 52.50
N PHE B 389 -6.85 0.63 52.57
CA PHE B 389 -6.18 1.93 52.48
C PHE B 389 -6.22 2.71 53.78
N ARG B 390 -7.27 2.55 54.59
CA ARG B 390 -7.36 3.27 55.85
C ARG B 390 -6.23 2.87 56.79
N ARG B 391 -5.92 1.58 56.85
CA ARG B 391 -4.82 1.08 57.67
C ARG B 391 -3.47 1.31 57.04
N LYS B 392 -3.42 1.81 55.80
CA LYS B 392 -2.18 2.05 55.07
C LYS B 392 -1.34 0.78 54.96
N ALA B 393 -2.00 -0.33 54.66
CA ALA B 393 -1.32 -1.61 54.54
C ALA B 393 -0.68 -1.74 53.16
N PHE B 394 0.60 -2.13 53.14
CA PHE B 394 1.36 -2.35 51.92
C PHE B 394 1.52 -1.09 51.08
N LEU B 395 1.45 0.08 51.71
CA LEU B 395 1.70 1.32 50.99
C LEU B 395 3.18 1.61 50.79
N HIS B 396 4.07 0.95 51.54
CA HIS B 396 5.49 1.25 51.43
C HIS B 396 6.03 0.89 50.06
N TRP B 397 5.61 -0.27 49.51
CA TRP B 397 6.14 -0.70 48.23
C TRP B 397 5.80 0.28 47.12
N TYR B 398 4.54 0.74 47.07
CA TYR B 398 4.14 1.67 46.02
C TYR B 398 4.69 3.07 46.28
N THR B 399 4.74 3.49 47.54
CA THR B 399 5.24 4.82 47.86
C THR B 399 6.71 4.95 47.51
N GLY B 400 7.50 3.91 47.78
CA GLY B 400 8.94 3.99 47.53
C GLY B 400 9.29 3.97 46.06
N GLU B 401 8.41 3.49 45.20
CA GLU B 401 8.70 3.36 43.78
C GLU B 401 8.36 4.61 42.98
N GLY B 402 7.87 5.67 43.63
CA GLY B 402 7.59 6.92 42.95
C GLY B 402 6.14 7.31 42.87
N MET B 403 5.23 6.49 43.39
CA MET B 403 3.81 6.84 43.38
C MET B 403 3.51 7.83 44.50
N ASP B 404 2.24 8.04 44.78
CA ASP B 404 1.84 8.98 45.82
C ASP B 404 0.46 8.62 46.32
N GLU B 405 0.15 9.08 47.53
CA GLU B 405 -1.21 8.91 48.07
C GLU B 405 -2.24 9.66 47.23
N MET B 406 -1.87 10.81 46.68
CA MET B 406 -2.79 11.54 45.83
C MET B 406 -3.14 10.74 44.58
N GLU B 407 -2.19 9.95 44.07
CA GLU B 407 -2.47 9.11 42.91
C GLU B 407 -3.54 8.08 43.25
N PHE B 408 -3.42 7.42 44.41
CA PHE B 408 -4.43 6.46 44.82
C PHE B 408 -5.77 7.14 45.06
N THR B 409 -5.74 8.35 45.63
CA THR B 409 -6.99 9.07 45.86
C THR B 409 -7.69 9.39 44.55
N GLU B 410 -6.93 9.85 43.56
CA GLU B 410 -7.53 10.15 42.25
C GLU B 410 -8.06 8.89 41.59
N ALA B 411 -7.32 7.79 41.67
CA ALA B 411 -7.78 6.54 41.08
C ALA B 411 -9.08 6.06 41.74
N GLU B 412 -9.14 6.13 43.07
CA GLU B 412 -10.35 5.73 43.78
C GLU B 412 -11.51 6.65 43.43
N SER B 413 -11.25 7.95 43.29
CA SER B 413 -12.31 8.88 42.91
C SER B 413 -12.85 8.55 41.53
N ASN B 414 -11.96 8.23 40.58
CA ASN B 414 -12.42 7.87 39.24
C ASN B 414 -13.22 6.57 39.28
N MET B 415 -12.77 5.59 40.06
CA MET B 415 -13.52 4.34 40.19
C MET B 415 -14.91 4.59 40.76
N ASN B 416 -14.99 5.43 41.79
CA ASN B 416 -16.28 5.74 42.39
C ASN B 416 -17.18 6.47 41.40
N ASP B 417 -16.61 7.39 40.62
CA ASP B 417 -17.40 8.07 39.60
C ASP B 417 -17.94 7.09 38.58
N LEU B 418 -17.11 6.13 38.16
CA LEU B 418 -17.55 5.15 37.17
C LEU B 418 -18.66 4.27 37.71
N VAL B 419 -18.51 3.77 38.94
CA VAL B 419 -19.55 2.92 39.50
C VAL B 419 -20.82 3.73 39.75
N SER B 420 -20.68 5.01 40.11
CA SER B 420 -21.85 5.86 40.28
C SER B 420 -22.57 6.07 38.94
N GLU B 421 -21.81 6.21 37.85
CA GLU B 421 -22.45 6.35 36.54
C GLU B 421 -23.20 5.09 36.16
N TYR B 422 -22.60 3.91 36.38
CA TYR B 422 -23.32 2.67 36.13
C TYR B 422 -24.58 2.58 36.96
N GLN B 423 -24.51 2.95 38.25
CA GLN B 423 -25.71 2.88 39.08
C GLN B 423 -26.77 3.87 38.62
N GLN B 424 -26.35 5.08 38.26
CA GLN B 424 -27.29 6.12 37.84
C GLN B 424 -27.99 5.72 36.55
N TYR B 425 -27.28 5.07 35.63
CA TYR B 425 -27.92 4.66 34.38
C TYR B 425 -28.76 3.40 34.54
N GLN B 426 -29.08 3.00 35.76
CA GLN B 426 -29.93 1.84 35.99
C GLN B 426 -31.36 2.29 36.25
N MET C 1 13.57 4.50 -48.64
CA MET C 1 13.41 5.78 -49.31
C MET C 1 13.23 6.90 -48.29
N ARG C 2 12.06 6.97 -47.68
CA ARG C 2 11.76 7.99 -46.67
C ARG C 2 12.27 7.52 -45.31
N GLU C 3 13.58 7.60 -45.15
CA GLU C 3 14.23 7.06 -43.97
C GLU C 3 14.15 8.04 -42.80
N CYS C 4 14.34 7.50 -41.60
CA CYS C 4 14.46 8.28 -40.38
C CYS C 4 15.62 7.75 -39.57
N ILE C 5 16.34 8.66 -38.90
CA ILE C 5 17.56 8.32 -38.18
C ILE C 5 17.29 8.35 -36.69
N SER C 6 17.66 7.27 -36.01
CA SER C 6 17.44 7.14 -34.57
C SER C 6 18.75 7.34 -33.83
N ILE C 7 18.68 8.00 -32.68
CA ILE C 7 19.82 8.28 -31.82
C ILE C 7 19.42 7.99 -30.39
N HIS C 8 20.29 7.32 -29.65
CA HIS C 8 20.02 6.94 -28.27
C HIS C 8 21.20 7.36 -27.41
N VAL C 9 20.93 8.14 -26.36
CA VAL C 9 21.98 8.70 -25.52
C VAL C 9 21.72 8.26 -24.09
N GLY C 10 22.76 7.73 -23.44
CA GLY C 10 22.65 7.30 -22.07
C GLY C 10 22.03 5.92 -21.94
N GLN C 11 22.00 5.44 -20.69
CA GLN C 11 21.45 4.12 -20.42
C GLN C 11 19.97 4.05 -20.76
N ALA C 12 19.23 5.10 -20.43
CA ALA C 12 17.81 5.14 -20.79
C ALA C 12 17.63 5.06 -22.29
N GLY C 13 18.42 5.83 -23.04
CA GLY C 13 18.35 5.76 -24.49
C GLY C 13 18.68 4.38 -25.01
N VAL C 14 19.69 3.74 -24.43
CA VAL C 14 20.10 2.42 -24.90
C VAL C 14 18.99 1.40 -24.67
N GLN C 15 18.42 1.39 -23.47
CA GLN C 15 17.37 0.42 -23.18
C GLN C 15 16.13 0.66 -24.03
N ILE C 16 15.73 1.92 -24.15
CA ILE C 16 14.56 2.24 -24.96
C ILE C 16 14.79 1.87 -26.41
N GLY C 17 16.01 2.09 -26.91
CA GLY C 17 16.33 1.70 -28.27
C GLY C 17 16.28 0.20 -28.46
N ASN C 18 16.83 -0.55 -27.51
CA ASN C 18 16.75 -2.00 -27.60
C ASN C 18 15.31 -2.46 -27.71
N ALA C 19 14.45 -1.95 -26.83
CA ALA C 19 13.04 -2.35 -26.86
C ALA C 19 12.38 -1.94 -28.18
N CYS C 20 12.61 -0.71 -28.62
CA CYS C 20 11.93 -0.22 -29.81
C CYS C 20 12.37 -0.98 -31.05
N TRP C 21 13.67 -1.26 -31.18
CA TRP C 21 14.12 -1.98 -32.36
C TRP C 21 13.70 -3.45 -32.34
N GLU C 22 13.67 -4.10 -31.17
CA GLU C 22 13.14 -5.45 -31.17
C GLU C 22 11.66 -5.43 -31.54
N LEU C 23 10.92 -4.40 -31.11
CA LEU C 23 9.53 -4.27 -31.48
C LEU C 23 9.37 -4.10 -32.99
N TYR C 24 10.18 -3.23 -33.60
CA TYR C 24 10.09 -3.04 -35.04
C TYR C 24 10.44 -4.32 -35.79
N CYS C 25 11.50 -5.00 -35.38
CA CYS C 25 11.89 -6.23 -36.04
C CYS C 25 10.80 -7.29 -35.94
N LEU C 26 10.12 -7.34 -34.79
CA LEU C 26 8.95 -8.20 -34.69
C LEU C 26 7.86 -7.77 -35.65
N GLU C 27 7.64 -6.44 -35.77
CA GLU C 27 6.55 -5.94 -36.59
C GLU C 27 6.73 -6.34 -38.06
N HIS C 28 7.94 -6.19 -38.59
CA HIS C 28 8.21 -6.52 -39.97
C HIS C 28 8.58 -7.98 -40.16
N GLY C 29 8.56 -8.78 -39.10
CA GLY C 29 8.99 -10.17 -39.21
C GLY C 29 10.48 -10.32 -39.38
N ILE C 30 11.25 -9.33 -38.97
CA ILE C 30 12.70 -9.39 -39.13
C ILE C 30 13.29 -10.34 -38.09
N GLN C 31 14.10 -11.28 -38.56
CA GLN C 31 14.79 -12.19 -37.66
C GLN C 31 15.84 -11.44 -36.86
N PRO C 32 16.25 -11.98 -35.72
CA PRO C 32 17.40 -11.40 -35.01
C PRO C 32 18.66 -11.39 -35.87
N ASP C 33 18.77 -12.33 -36.82
CA ASP C 33 19.84 -12.26 -37.81
C ASP C 33 19.67 -11.08 -38.75
N GLY C 34 18.46 -10.52 -38.85
CA GLY C 34 18.17 -9.43 -39.75
C GLY C 34 17.49 -9.83 -41.04
N GLN C 35 17.22 -11.12 -41.23
CA GLN C 35 16.58 -11.60 -42.44
C GLN C 35 15.07 -11.68 -42.22
N MET C 36 14.36 -12.32 -43.15
CA MET C 36 12.91 -12.49 -43.03
C MET C 36 12.43 -13.66 -43.86
N ASP C 47 7.79 -3.27 -47.97
CA ASP C 47 8.72 -2.33 -48.57
C ASP C 47 9.07 -1.19 -47.61
N SER C 48 8.13 -0.86 -46.74
CA SER C 48 8.33 0.23 -45.79
C SER C 48 9.45 -0.05 -44.81
N PHE C 49 9.89 -1.30 -44.68
CA PHE C 49 11.04 -1.62 -43.84
C PHE C 49 12.28 -0.85 -44.28
N ASN C 50 12.36 -0.44 -45.54
CA ASN C 50 13.46 0.38 -46.01
C ASN C 50 13.57 1.70 -45.25
N THR C 51 12.48 2.14 -44.63
CA THR C 51 12.50 3.39 -43.89
C THR C 51 13.31 3.31 -42.60
N PHE C 52 13.58 2.09 -42.12
CA PHE C 52 14.36 1.93 -40.90
C PHE C 52 15.48 0.91 -41.00
N PHE C 53 15.43 -0.02 -41.94
CA PHE C 53 16.45 -1.06 -42.05
C PHE C 53 16.99 -1.05 -43.48
N SER C 54 18.31 -0.99 -43.59
CA SER C 54 18.96 -0.90 -44.90
C SER C 54 19.34 -2.32 -45.35
N GLU C 55 18.59 -2.84 -46.32
CA GLU C 55 18.92 -4.13 -46.92
C GLU C 55 20.26 -4.00 -47.63
N THR C 56 21.25 -4.77 -47.20
CA THR C 56 22.59 -4.72 -47.77
C THR C 56 23.10 -6.13 -48.03
N GLY C 57 23.74 -6.30 -49.18
CA GLY C 57 24.41 -7.54 -49.53
C GLY C 57 23.48 -8.61 -50.06
N ALA C 58 22.79 -9.31 -49.17
CA ALA C 58 21.85 -10.35 -49.58
C ALA C 58 20.90 -10.63 -48.42
N GLY C 59 19.64 -10.23 -48.57
CA GLY C 59 18.61 -10.53 -47.60
C GLY C 59 18.92 -10.18 -46.16
N LYS C 60 19.98 -9.39 -45.93
CA LYS C 60 20.40 -9.01 -44.60
C LYS C 60 20.09 -7.53 -44.38
N HIS C 61 19.25 -7.26 -43.40
CA HIS C 61 18.82 -5.90 -43.10
C HIS C 61 19.36 -5.49 -41.74
N VAL C 62 19.90 -4.27 -41.67
CA VAL C 62 20.50 -3.75 -40.46
C VAL C 62 19.82 -2.43 -40.11
N PRO C 63 19.54 -2.18 -38.84
CA PRO C 63 18.86 -0.93 -38.47
C PRO C 63 19.76 0.28 -38.68
N ARG C 64 19.12 1.43 -38.90
CA ARG C 64 19.83 2.71 -38.94
C ARG C 64 19.81 3.34 -37.55
N ALA C 65 20.45 2.65 -36.61
CA ALA C 65 20.47 3.06 -35.22
C ALA C 65 21.91 3.29 -34.76
N VAL C 66 22.09 4.31 -33.93
CA VAL C 66 23.39 4.62 -33.34
C VAL C 66 23.22 4.63 -31.82
N PHE C 67 23.99 3.80 -31.13
CA PHE C 67 23.99 3.75 -29.68
C PHE C 67 25.26 4.40 -29.18
N VAL C 68 25.12 5.43 -28.34
CA VAL C 68 26.28 6.16 -27.82
C VAL C 68 26.14 6.30 -26.32
N ASP C 69 27.25 6.13 -25.61
CA ASP C 69 27.28 6.27 -24.16
C ASP C 69 28.71 6.53 -23.72
N LEU C 70 28.85 7.27 -22.62
CA LEU C 70 30.16 7.52 -22.05
C LEU C 70 30.66 6.37 -21.19
N GLU C 71 29.78 5.44 -20.83
CA GLU C 71 30.13 4.25 -20.08
C GLU C 71 29.82 3.00 -20.89
N PRO C 72 30.74 2.04 -20.95
CA PRO C 72 30.59 0.89 -21.85
C PRO C 72 29.75 -0.24 -21.30
N THR C 73 28.97 -0.04 -20.24
CA THR C 73 28.21 -1.13 -19.66
C THR C 73 27.07 -1.56 -20.57
N VAL C 74 26.12 -0.65 -20.81
CA VAL C 74 24.90 -1.01 -21.53
C VAL C 74 25.19 -1.34 -22.99
N VAL C 75 26.14 -0.62 -23.59
CA VAL C 75 26.49 -0.89 -24.98
C VAL C 75 27.08 -2.29 -25.11
N ASP C 76 27.96 -2.68 -24.18
CA ASP C 76 28.49 -4.04 -24.18
C ASP C 76 27.39 -5.06 -23.96
N GLU C 77 26.44 -4.75 -23.07
CA GLU C 77 25.31 -5.65 -22.87
C GLU C 77 24.52 -5.82 -24.16
N VAL C 78 24.40 -4.76 -24.94
CA VAL C 78 23.78 -4.85 -26.26
C VAL C 78 24.60 -5.76 -27.16
N ARG C 79 25.93 -5.62 -27.11
CA ARG C 79 26.80 -6.48 -27.90
C ARG C 79 26.60 -7.95 -27.56
N THR C 80 26.26 -8.24 -26.30
CA THR C 80 26.01 -9.61 -25.88
C THR C 80 24.55 -10.00 -25.96
N GLY C 81 23.67 -9.09 -26.39
CA GLY C 81 22.26 -9.38 -26.47
C GLY C 81 21.92 -10.34 -27.60
N THR C 82 20.65 -10.76 -27.61
CA THR C 82 20.19 -11.66 -28.65
C THR C 82 20.28 -11.03 -30.03
N TYR C 83 20.19 -9.70 -30.10
CA TYR C 83 20.25 -8.96 -31.36
C TYR C 83 21.67 -8.54 -31.71
N ARG C 84 22.67 -9.28 -31.23
CA ARG C 84 24.06 -8.94 -31.52
C ARG C 84 24.33 -8.95 -33.02
N GLN C 85 23.92 -10.03 -33.70
CA GLN C 85 24.14 -10.13 -35.14
C GLN C 85 23.20 -9.26 -35.94
N LEU C 86 22.15 -8.70 -35.31
CA LEU C 86 21.28 -7.76 -36.01
C LEU C 86 22.04 -6.51 -36.42
N PHE C 87 22.86 -5.98 -35.51
CA PHE C 87 23.68 -4.83 -35.83
C PHE C 87 25.03 -5.27 -36.38
N HIS C 88 25.48 -4.62 -37.43
CA HIS C 88 26.90 -4.71 -37.75
C HIS C 88 27.69 -3.98 -36.66
N PRO C 89 28.68 -4.63 -36.07
CA PRO C 89 29.21 -4.18 -34.78
C PRO C 89 29.81 -2.77 -34.77
N GLU C 90 29.84 -2.08 -35.90
CA GLU C 90 30.44 -0.75 -35.94
C GLU C 90 29.50 0.36 -35.47
N GLN C 91 28.19 0.10 -35.40
CA GLN C 91 27.26 1.16 -34.99
C GLN C 91 27.31 1.45 -33.49
N LEU C 92 27.61 0.45 -32.67
CA LEU C 92 27.62 0.62 -31.22
C LEU C 92 28.85 1.42 -30.81
N ILE C 93 28.66 2.44 -30.00
CA ILE C 93 29.72 3.34 -29.57
C ILE C 93 29.84 3.27 -28.06
N THR C 94 31.08 3.23 -27.57
CA THR C 94 31.36 3.17 -26.14
C THR C 94 32.31 4.28 -25.74
N GLY C 95 32.05 4.87 -24.58
CA GLY C 95 32.97 5.79 -23.95
C GLY C 95 33.85 5.09 -22.94
N LYS C 96 34.52 5.89 -22.11
CA LYS C 96 35.34 5.36 -21.04
C LYS C 96 34.88 5.81 -19.67
N GLU C 97 34.60 7.10 -19.48
CA GLU C 97 34.13 7.63 -18.20
C GLU C 97 32.77 8.28 -18.41
N ASP C 98 31.80 7.85 -17.61
CA ASP C 98 30.47 8.45 -17.67
C ASP C 98 30.49 9.85 -17.04
N ALA C 99 29.54 10.68 -17.47
CA ALA C 99 29.40 12.00 -16.86
C ALA C 99 28.99 11.89 -15.40
N ALA C 100 28.36 10.79 -15.01
CA ALA C 100 27.94 10.54 -13.63
C ALA C 100 26.99 11.64 -13.13
N ASN C 101 25.84 11.73 -13.81
CA ASN C 101 24.78 12.66 -13.43
C ASN C 101 25.30 14.10 -13.40
N ASN C 102 26.19 14.43 -14.33
CA ASN C 102 26.82 15.74 -14.38
C ASN C 102 26.76 16.24 -15.81
N TYR C 103 25.87 17.20 -16.07
CA TYR C 103 25.72 17.73 -17.43
C TYR C 103 27.02 18.37 -17.91
N ALA C 104 27.72 19.06 -17.02
CA ALA C 104 28.99 19.67 -17.41
C ALA C 104 30.00 18.62 -17.84
N ARG C 105 30.04 17.49 -17.14
CA ARG C 105 30.95 16.41 -17.53
C ARG C 105 30.62 15.88 -18.92
N GLY C 106 29.32 15.68 -19.19
CA GLY C 106 28.91 15.15 -20.48
C GLY C 106 28.89 16.17 -21.59
N HIS C 107 29.10 17.44 -21.29
CA HIS C 107 29.10 18.48 -22.31
C HIS C 107 30.49 19.03 -22.61
N TYR C 108 31.36 19.11 -21.61
CA TYR C 108 32.65 19.77 -21.76
C TYR C 108 33.83 18.81 -21.63
N THR C 109 33.75 17.87 -20.69
CA THR C 109 34.92 17.03 -20.40
C THR C 109 35.13 15.98 -21.47
N ILE C 110 34.15 15.10 -21.66
CA ILE C 110 34.31 13.96 -22.56
C ILE C 110 33.58 14.14 -23.88
N GLY C 111 32.39 14.74 -23.87
CA GLY C 111 31.64 14.88 -25.11
C GLY C 111 32.34 15.74 -26.15
N LYS C 112 33.09 16.75 -25.70
CA LYS C 112 33.71 17.68 -26.63
C LYS C 112 34.69 17.02 -27.59
N GLU C 113 35.23 15.86 -27.23
CA GLU C 113 36.20 15.17 -28.06
C GLU C 113 35.68 13.85 -28.63
N ILE C 114 34.44 13.46 -28.31
CA ILE C 114 33.86 12.23 -28.81
C ILE C 114 32.58 12.47 -29.60
N VAL C 115 32.09 13.71 -29.66
CA VAL C 115 30.91 14.00 -30.46
C VAL C 115 31.20 13.80 -31.94
N ASP C 116 32.46 13.99 -32.36
CA ASP C 116 32.80 13.88 -33.77
C ASP C 116 32.61 12.46 -34.28
N LEU C 117 32.85 11.46 -33.45
CA LEU C 117 32.68 10.07 -33.87
C LEU C 117 31.23 9.80 -34.26
N VAL C 118 30.29 10.12 -33.36
CA VAL C 118 28.88 9.90 -33.67
C VAL C 118 28.42 10.82 -34.79
N LEU C 119 29.01 12.00 -34.91
CA LEU C 119 28.68 12.87 -36.04
C LEU C 119 29.04 12.21 -37.35
N ASP C 120 30.23 11.62 -37.44
CA ASP C 120 30.63 10.92 -38.66
C ASP C 120 29.74 9.70 -38.90
N ARG C 121 29.38 8.99 -37.83
CA ARG C 121 28.50 7.83 -37.98
C ARG C 121 27.18 8.23 -38.62
N ILE C 122 26.52 9.24 -38.04
CA ILE C 122 25.23 9.67 -38.58
C ILE C 122 25.40 10.29 -39.96
N ARG C 123 26.55 10.91 -40.24
CA ARG C 123 26.77 11.48 -41.56
C ARG C 123 26.82 10.40 -42.63
N LYS C 124 27.59 9.33 -42.38
CA LYS C 124 27.64 8.29 -43.38
C LYS C 124 26.34 7.50 -43.44
N LEU C 125 25.58 7.43 -42.34
CA LEU C 125 24.26 6.81 -42.43
C LEU C 125 23.31 7.67 -43.27
N ALA C 126 23.40 8.99 -43.17
CA ALA C 126 22.56 9.88 -43.95
C ALA C 126 22.98 9.96 -45.41
N ASP C 127 24.27 9.74 -45.71
CA ASP C 127 24.73 9.83 -47.09
C ASP C 127 24.13 8.72 -47.96
N GLN C 128 23.83 7.58 -47.37
CA GLN C 128 23.22 6.48 -48.10
C GLN C 128 21.69 6.54 -48.08
N CYS C 129 21.11 7.58 -47.51
CA CYS C 129 19.67 7.79 -47.51
C CYS C 129 19.35 9.07 -48.26
N THR C 130 18.36 9.01 -49.15
CA THR C 130 18.00 10.15 -49.98
C THR C 130 16.76 10.87 -49.50
N GLY C 131 15.87 10.21 -48.78
CA GLY C 131 14.64 10.83 -48.32
C GLY C 131 14.55 10.91 -46.81
N LEU C 132 15.66 11.26 -46.17
CA LEU C 132 15.72 11.33 -44.71
C LEU C 132 14.68 12.30 -44.16
N GLN C 133 13.67 11.77 -43.48
CA GLN C 133 12.63 12.62 -42.92
C GLN C 133 13.15 13.44 -41.75
N GLY C 134 13.86 12.80 -40.82
CA GLY C 134 14.34 13.51 -39.66
C GLY C 134 14.99 12.56 -38.67
N PHE C 135 15.17 13.07 -37.46
CA PHE C 135 15.85 12.35 -36.39
C PHE C 135 14.94 12.16 -35.20
N LEU C 136 14.91 10.94 -34.67
CA LEU C 136 14.36 10.66 -33.36
C LEU C 136 15.51 10.54 -32.38
N ILE C 137 15.40 11.20 -31.24
CA ILE C 137 16.43 11.17 -30.21
C ILE C 137 15.81 10.73 -28.91
N PHE C 138 16.44 9.76 -28.25
CA PHE C 138 15.97 9.24 -26.97
C PHE C 138 17.05 9.48 -25.93
N HIS C 139 16.65 9.99 -24.77
CA HIS C 139 17.58 10.27 -23.68
C HIS C 139 16.76 10.68 -22.45
N SER C 140 17.46 10.92 -21.36
CA SER C 140 16.85 11.32 -20.10
C SER C 140 17.51 12.59 -19.59
N PHE C 141 16.69 13.50 -19.06
CA PHE C 141 17.23 14.75 -18.53
C PHE C 141 18.10 14.51 -17.31
N GLY C 142 17.69 13.60 -16.43
CA GLY C 142 18.43 13.38 -15.20
C GLY C 142 19.82 12.83 -15.44
N GLY C 143 19.95 11.89 -16.37
CA GLY C 143 21.26 11.33 -16.65
C GLY C 143 22.21 12.38 -17.20
N GLY C 144 23.45 12.35 -16.71
CA GLY C 144 24.43 13.31 -17.17
C GLY C 144 24.72 13.17 -18.66
N THR C 145 24.89 11.93 -19.11
CA THR C 145 25.09 11.70 -20.54
C THR C 145 23.88 12.15 -21.33
N GLY C 146 22.69 11.67 -20.95
CA GLY C 146 21.47 11.95 -21.67
C GLY C 146 21.11 13.42 -21.74
N SER C 147 21.73 14.26 -20.91
CA SER C 147 21.59 15.70 -21.02
C SER C 147 22.73 16.31 -21.83
N GLY C 148 23.97 16.13 -21.37
CA GLY C 148 25.09 16.83 -21.99
C GLY C 148 25.35 16.37 -23.42
N PHE C 149 25.50 15.06 -23.62
CA PHE C 149 25.82 14.57 -24.95
C PHE C 149 24.66 14.80 -25.91
N THR C 150 23.42 14.63 -25.42
CA THR C 150 22.26 14.93 -26.25
C THR C 150 22.28 16.37 -26.71
N SER C 151 22.51 17.30 -25.77
CA SER C 151 22.57 18.70 -26.12
C SER C 151 23.64 18.96 -27.18
N LEU C 152 24.85 18.47 -26.93
CA LEU C 152 25.96 18.75 -27.84
C LEU C 152 25.69 18.21 -29.23
N LEU C 153 25.35 16.92 -29.31
CA LEU C 153 25.02 16.30 -30.58
C LEU C 153 23.88 17.03 -31.27
N MET C 154 22.95 17.57 -30.49
CA MET C 154 21.77 18.18 -31.09
C MET C 154 22.11 19.55 -31.68
N GLU C 155 22.98 20.32 -31.01
CA GLU C 155 23.45 21.55 -31.66
C GLU C 155 24.26 21.22 -32.90
N ARG C 156 25.05 20.15 -32.86
CA ARG C 156 25.81 19.78 -34.06
C ARG C 156 24.87 19.45 -35.21
N LEU C 157 23.81 18.67 -34.94
CA LEU C 157 22.84 18.36 -35.98
C LEU C 157 22.14 19.62 -36.49
N SER C 158 21.77 20.51 -35.58
CA SER C 158 21.06 21.73 -35.98
C SER C 158 21.94 22.60 -36.87
N VAL C 159 23.20 22.77 -36.51
CA VAL C 159 24.08 23.61 -37.32
C VAL C 159 24.50 22.93 -38.60
N ASP C 160 24.48 21.59 -38.65
CA ASP C 160 24.82 20.88 -39.87
C ASP C 160 23.62 20.71 -40.79
N TYR C 161 22.41 20.93 -40.31
CA TYR C 161 21.21 20.69 -41.10
C TYR C 161 20.21 21.84 -41.12
N GLY C 162 20.31 22.81 -40.22
CA GLY C 162 19.40 23.92 -40.25
C GLY C 162 17.97 23.55 -39.91
N LYS C 163 17.11 23.54 -40.93
CA LYS C 163 15.68 23.36 -40.74
C LYS C 163 15.24 21.90 -40.76
N LYS C 164 16.17 20.95 -40.82
CA LYS C 164 15.79 19.54 -40.80
C LYS C 164 15.08 19.21 -39.50
N SER C 165 13.98 18.47 -39.61
CA SER C 165 13.14 18.18 -38.45
C SER C 165 13.87 17.29 -37.47
N LYS C 166 13.71 17.59 -36.18
CA LYS C 166 14.31 16.81 -35.10
C LYS C 166 13.25 16.56 -34.03
N LEU C 167 13.20 15.33 -33.53
CA LEU C 167 12.24 14.94 -32.51
C LEU C 167 12.99 14.44 -31.28
N GLU C 168 12.57 14.90 -30.10
CA GLU C 168 13.23 14.57 -28.85
C GLU C 168 12.27 13.76 -27.97
N PHE C 169 12.75 12.62 -27.49
CA PHE C 169 12.00 11.76 -26.58
C PHE C 169 12.72 11.80 -25.24
N ALA C 170 12.39 12.80 -24.43
CA ALA C 170 13.08 13.05 -23.17
C ALA C 170 12.34 12.36 -22.04
N ILE C 171 13.09 11.74 -21.13
CA ILE C 171 12.53 11.15 -19.93
C ILE C 171 12.53 12.21 -18.83
N TYR C 172 11.47 13.00 -18.77
CA TYR C 172 11.40 14.10 -17.82
C TYR C 172 11.40 13.52 -16.40
N PRO C 173 12.38 13.86 -15.57
CA PRO C 173 12.38 13.34 -14.20
C PRO C 173 11.17 13.81 -13.42
N ALA C 174 10.63 12.90 -12.61
CA ALA C 174 9.47 13.23 -11.79
C ALA C 174 9.88 14.19 -10.67
N PRO C 175 8.93 14.97 -10.15
CA PRO C 175 9.25 15.86 -9.03
C PRO C 175 9.75 15.12 -7.80
N GLN C 176 9.28 13.90 -7.55
CA GLN C 176 9.72 13.14 -6.38
C GLN C 176 10.37 11.81 -6.73
N VAL C 177 10.12 11.25 -7.91
CA VAL C 177 10.82 10.05 -8.37
C VAL C 177 11.97 10.55 -9.25
N SER C 178 13.14 10.72 -8.65
CA SER C 178 14.33 11.19 -9.36
C SER C 178 15.54 10.49 -8.76
N THR C 179 16.22 9.69 -9.57
CA THR C 179 17.36 8.93 -9.07
C THR C 179 18.47 9.86 -8.59
N ALA C 180 19.04 10.65 -9.50
CA ALA C 180 20.12 11.55 -9.14
C ALA C 180 19.58 12.73 -8.34
N VAL C 181 20.24 13.05 -7.23
CA VAL C 181 19.82 14.19 -6.43
C VAL C 181 20.19 15.49 -7.11
N VAL C 182 21.09 15.46 -8.09
CA VAL C 182 21.49 16.64 -8.83
C VAL C 182 20.70 16.78 -10.14
N GLU C 183 19.56 16.11 -10.24
CA GLU C 183 18.75 16.21 -11.44
C GLU C 183 18.28 17.63 -11.77
N PRO C 184 17.89 18.49 -10.81
CA PRO C 184 17.41 19.82 -11.23
C PRO C 184 18.45 20.63 -11.97
N TYR C 185 19.71 20.58 -11.53
CA TYR C 185 20.76 21.36 -12.19
C TYR C 185 20.92 20.93 -13.65
N ASN C 186 21.08 19.63 -13.87
CA ASN C 186 21.26 19.13 -15.22
C ASN C 186 20.02 19.40 -16.07
N SER C 187 18.83 19.23 -15.50
CA SER C 187 17.62 19.45 -16.26
C SER C 187 17.51 20.91 -16.70
N ILE C 188 17.75 21.84 -15.79
CA ILE C 188 17.67 23.26 -16.14
C ILE C 188 18.71 23.60 -17.20
N LEU C 189 19.95 23.14 -16.99
CA LEU C 189 21.01 23.46 -17.94
C LEU C 189 20.69 22.93 -19.33
N THR C 190 20.31 21.66 -19.42
CA THR C 190 20.06 21.06 -20.73
C THR C 190 18.81 21.65 -21.38
N THR C 191 17.79 21.98 -20.60
CA THR C 191 16.60 22.60 -21.18
C THR C 191 16.93 23.97 -21.74
N HIS C 192 17.73 24.75 -21.02
CA HIS C 192 18.16 26.04 -21.56
C HIS C 192 19.00 25.85 -22.82
N THR C 193 19.86 24.83 -22.83
CA THR C 193 20.79 24.68 -23.95
C THR C 193 20.08 24.17 -25.20
N THR C 194 19.04 23.37 -25.04
CA THR C 194 18.34 22.80 -26.19
C THR C 194 17.04 23.50 -26.50
N LEU C 195 16.69 24.55 -25.76
CA LEU C 195 15.40 25.23 -25.98
C LEU C 195 15.31 25.78 -27.39
N GLU C 196 16.38 26.44 -27.86
CA GLU C 196 16.34 27.08 -29.17
C GLU C 196 16.16 26.07 -30.28
N HIS C 197 16.85 24.93 -30.20
CA HIS C 197 16.84 23.96 -31.29
C HIS C 197 15.74 22.92 -31.14
N SER C 198 15.08 22.83 -29.99
CA SER C 198 14.09 21.78 -29.75
C SER C 198 12.87 22.03 -30.61
N ASP C 199 12.79 21.32 -31.74
CA ASP C 199 11.62 21.43 -32.60
C ASP C 199 10.38 20.92 -31.88
N CYS C 200 10.46 19.73 -31.29
CA CYS C 200 9.33 19.16 -30.57
C CYS C 200 9.85 18.11 -29.61
N ALA C 201 9.77 18.37 -28.32
CA ALA C 201 10.26 17.46 -27.29
C ALA C 201 9.10 16.91 -26.49
N PHE C 202 9.15 15.61 -26.18
CA PHE C 202 8.09 14.93 -25.46
C PHE C 202 8.54 14.63 -24.04
N MET C 203 7.72 15.01 -23.06
CA MET C 203 7.98 14.70 -21.67
C MET C 203 7.41 13.34 -21.31
N VAL C 204 8.09 12.65 -20.39
CA VAL C 204 7.66 11.36 -19.88
C VAL C 204 8.06 11.27 -18.42
N ASP C 205 7.07 11.11 -17.53
CA ASP C 205 7.32 11.06 -16.10
C ASP C 205 7.17 9.64 -15.60
N ASN C 206 8.26 9.09 -15.04
CA ASN C 206 8.32 7.66 -14.76
C ASN C 206 7.23 7.23 -13.78
N GLU C 207 6.95 8.05 -12.77
CA GLU C 207 5.93 7.68 -11.79
C GLU C 207 4.57 7.53 -12.44
N ALA C 208 4.29 8.33 -13.47
CA ALA C 208 3.03 8.21 -14.17
C ALA C 208 2.91 6.86 -14.86
N ILE C 209 3.98 6.40 -15.52
CA ILE C 209 3.95 5.07 -16.12
C ILE C 209 3.83 4.00 -15.05
N TYR C 210 4.51 4.18 -13.91
CA TYR C 210 4.36 3.24 -12.82
C TYR C 210 2.91 3.09 -12.43
N ASP C 211 2.22 4.20 -12.21
CA ASP C 211 0.82 4.16 -11.83
C ASP C 211 -0.02 3.50 -12.92
N ILE C 212 0.14 3.97 -14.16
CA ILE C 212 -0.69 3.48 -15.25
C ILE C 212 -0.54 1.97 -15.40
N CYS C 213 0.69 1.47 -15.25
CA CYS C 213 0.89 0.04 -15.29
C CYS C 213 0.25 -0.65 -14.09
N ARG C 214 0.37 -0.06 -12.89
CA ARG C 214 -0.03 -0.79 -11.70
C ARG C 214 -1.54 -0.90 -11.55
N ARG C 215 -2.30 0.17 -11.82
CA ARG C 215 -3.74 0.07 -11.60
C ARG C 215 -4.57 0.02 -12.87
N ASN C 216 -3.96 -0.08 -14.04
CA ASN C 216 -4.69 -0.43 -15.27
C ASN C 216 -4.30 -1.81 -15.77
N LEU C 217 -3.00 -2.08 -15.89
CA LEU C 217 -2.55 -3.40 -16.30
C LEU C 217 -2.53 -4.39 -15.14
N ASP C 218 -2.78 -3.93 -13.91
CA ASP C 218 -2.88 -4.78 -12.73
C ASP C 218 -1.58 -5.54 -12.47
N ILE C 219 -0.45 -4.95 -12.85
CA ILE C 219 0.85 -5.56 -12.58
C ILE C 219 1.37 -4.96 -11.28
N GLU C 220 1.58 -5.82 -10.28
CA GLU C 220 2.01 -5.34 -8.97
C GLU C 220 3.46 -4.88 -9.00
N ARG C 221 4.32 -5.61 -9.70
CA ARG C 221 5.77 -5.37 -9.67
C ARG C 221 6.31 -5.32 -11.08
N PRO C 222 6.24 -4.17 -11.74
CA PRO C 222 6.85 -4.01 -13.07
C PRO C 222 8.27 -3.49 -13.02
N THR C 223 9.05 -3.94 -13.99
CA THR C 223 10.43 -3.50 -14.21
C THR C 223 10.46 -2.60 -15.45
N TYR C 224 11.60 -1.93 -15.66
CA TYR C 224 11.79 -1.11 -16.85
C TYR C 224 11.50 -1.84 -18.15
N THR C 225 11.40 -3.18 -18.14
CA THR C 225 11.00 -3.89 -19.35
C THR C 225 9.64 -3.44 -19.83
N ASN C 226 8.67 -3.36 -18.91
CA ASN C 226 7.32 -2.97 -19.31
C ASN C 226 7.26 -1.50 -19.71
N LEU C 227 7.99 -0.64 -19.00
CA LEU C 227 8.06 0.76 -19.39
C LEU C 227 8.60 0.90 -20.81
N ASN C 228 9.66 0.17 -21.11
CA ASN C 228 10.22 0.21 -22.45
C ASN C 228 9.25 -0.37 -23.47
N ARG C 229 8.46 -1.38 -23.10
CA ARG C 229 7.44 -1.89 -23.99
C ARG C 229 6.44 -0.79 -24.35
N LEU C 230 5.97 -0.06 -23.35
CA LEU C 230 5.03 1.03 -23.60
C LEU C 230 5.64 2.11 -24.47
N ILE C 231 6.89 2.48 -24.18
CA ILE C 231 7.54 3.53 -24.97
C ILE C 231 7.72 3.11 -26.42
N GLY C 232 8.15 1.86 -26.63
CA GLY C 232 8.27 1.35 -27.99
C GLY C 232 6.93 1.31 -28.69
N GLN C 233 5.86 0.96 -27.97
CA GLN C 233 4.54 1.00 -28.57
C GLN C 233 4.17 2.41 -28.99
N ILE C 234 4.49 3.40 -28.17
CA ILE C 234 4.21 4.79 -28.51
C ILE C 234 4.96 5.18 -29.79
N VAL C 235 6.24 4.85 -29.86
CA VAL C 235 7.02 5.24 -31.02
C VAL C 235 6.55 4.51 -32.26
N SER C 236 6.16 3.24 -32.13
CA SER C 236 5.61 2.51 -33.26
C SER C 236 4.31 3.15 -33.74
N SER C 237 3.45 3.57 -32.82
CA SER C 237 2.22 4.25 -33.20
C SER C 237 2.51 5.55 -33.93
N ILE C 238 3.54 6.28 -33.48
CA ILE C 238 3.90 7.52 -34.15
C ILE C 238 4.42 7.25 -35.56
N THR C 239 5.29 6.25 -35.71
CA THR C 239 5.96 6.00 -36.98
C THR C 239 5.15 5.14 -37.95
N ALA C 240 4.01 4.59 -37.51
CA ALA C 240 3.22 3.76 -38.40
C ALA C 240 2.75 4.53 -39.63
N SER C 241 2.61 5.85 -39.52
CA SER C 241 2.21 6.64 -40.68
C SER C 241 3.25 6.55 -41.78
N LEU C 242 4.53 6.62 -41.43
CA LEU C 242 5.59 6.48 -42.42
C LEU C 242 5.80 5.02 -42.82
N ARG C 243 5.67 4.10 -41.88
CA ARG C 243 5.93 2.69 -42.15
C ARG C 243 4.71 1.93 -42.62
N PHE C 244 3.54 2.57 -42.71
CA PHE C 244 2.34 1.89 -43.17
C PHE C 244 1.37 2.91 -43.74
N ASP C 245 0.43 2.42 -44.54
CA ASP C 245 -0.54 3.28 -45.17
C ASP C 245 -1.79 3.44 -44.31
N GLY C 246 -2.58 4.45 -44.62
CA GLY C 246 -3.80 4.71 -43.88
C GLY C 246 -4.65 5.71 -44.62
N ALA C 247 -5.84 5.94 -44.05
CA ALA C 247 -6.77 6.89 -44.66
C ALA C 247 -6.19 8.29 -44.69
N LEU C 248 -5.52 8.70 -43.61
CA LEU C 248 -4.93 10.03 -43.51
C LEU C 248 -3.55 9.88 -42.87
N ASN C 249 -2.54 9.72 -43.72
CA ASN C 249 -1.17 9.60 -43.22
C ASN C 249 -0.62 10.95 -42.82
N VAL C 250 0.27 10.93 -41.83
CA VAL C 250 0.87 12.15 -41.28
C VAL C 250 2.38 12.04 -41.38
N ASP C 251 3.02 13.14 -41.80
CA ASP C 251 4.47 13.20 -41.91
C ASP C 251 5.07 13.84 -40.68
N LEU C 252 6.38 13.63 -40.50
CA LEU C 252 7.06 14.12 -39.31
C LEU C 252 7.07 15.64 -39.24
N THR C 253 7.22 16.31 -40.38
CA THR C 253 7.20 17.77 -40.39
C THR C 253 5.84 18.30 -39.92
N GLU C 254 4.77 17.54 -40.13
CA GLU C 254 3.45 18.00 -39.77
C GLU C 254 3.29 18.17 -38.26
N PHE C 255 4.02 17.39 -37.46
CA PHE C 255 3.92 17.55 -36.01
C PHE C 255 4.47 18.90 -35.56
N GLN C 256 5.67 19.26 -36.02
CA GLN C 256 6.19 20.58 -35.68
C GLN C 256 5.47 21.68 -36.41
N THR C 257 4.71 21.36 -37.46
CA THR C 257 3.86 22.35 -38.11
C THR C 257 2.61 22.62 -37.30
N ASN C 258 2.06 21.60 -36.64
CA ASN C 258 0.78 21.70 -35.96
C ASN C 258 0.93 22.11 -34.50
N LEU C 259 1.70 21.35 -33.72
CA LEU C 259 1.73 21.47 -32.28
C LEU C 259 2.71 22.52 -31.78
N VAL C 260 3.05 23.51 -32.60
CA VAL C 260 3.96 24.57 -32.20
C VAL C 260 3.28 25.90 -32.47
N PRO C 261 2.40 26.36 -31.57
CA PRO C 261 1.78 27.68 -31.76
C PRO C 261 2.80 28.79 -31.82
N TYR C 262 3.85 28.69 -31.03
CA TYR C 262 4.99 29.60 -31.09
C TYR C 262 6.25 28.78 -30.83
N PRO C 263 7.39 29.19 -31.41
CA PRO C 263 8.59 28.36 -31.28
C PRO C 263 9.03 28.11 -29.86
N ARG C 264 8.74 29.03 -28.94
CA ARG C 264 9.21 28.86 -27.57
C ARG C 264 8.54 27.67 -26.88
N ILE C 265 7.22 27.60 -26.94
CA ILE C 265 6.46 26.58 -26.22
C ILE C 265 6.31 25.38 -27.16
N HIS C 266 7.16 24.38 -26.97
CA HIS C 266 7.18 23.20 -27.82
C HIS C 266 7.40 21.94 -26.99
N PHE C 267 6.65 21.81 -25.89
CA PHE C 267 6.78 20.68 -24.98
C PHE C 267 5.44 19.99 -24.81
N PRO C 268 5.01 19.22 -25.82
CA PRO C 268 3.76 18.47 -25.70
C PRO C 268 3.96 17.14 -24.99
N LEU C 269 2.94 16.75 -24.22
CA LEU C 269 2.93 15.47 -23.54
C LEU C 269 2.16 14.45 -24.37
N VAL C 270 2.24 13.18 -23.95
CA VAL C 270 1.71 12.07 -24.72
C VAL C 270 0.83 11.21 -23.83
N THR C 271 -0.05 10.44 -24.48
CA THR C 271 -0.96 9.53 -23.80
C THR C 271 -1.24 8.36 -24.73
N TYR C 272 -1.59 7.22 -24.14
CA TYR C 272 -1.86 6.01 -24.89
C TYR C 272 -3.16 5.37 -24.41
N ALA C 273 -3.83 4.66 -25.33
CA ALA C 273 -5.00 3.89 -24.92
C ALA C 273 -5.26 2.82 -25.96
N PRO C 274 -5.77 1.65 -25.56
CA PRO C 274 -5.99 1.24 -24.17
C PRO C 274 -4.74 0.64 -23.55
N VAL C 275 -4.69 0.61 -22.22
CA VAL C 275 -3.59 -0.04 -21.49
C VAL C 275 -4.21 -1.09 -20.59
N ILE C 276 -4.36 -2.31 -21.12
CA ILE C 276 -5.03 -3.40 -20.41
C ILE C 276 -4.34 -4.72 -20.77
N SER C 277 -4.66 -5.74 -19.99
CA SER C 277 -4.21 -7.10 -20.26
C SER C 277 -5.33 -7.90 -20.92
N ALA C 278 -4.98 -9.12 -21.34
CA ALA C 278 -5.96 -9.97 -22.00
C ALA C 278 -7.11 -10.33 -21.06
N GLU C 279 -6.82 -10.41 -19.75
CA GLU C 279 -7.84 -10.78 -18.79
C GLU C 279 -9.00 -9.79 -18.80
N LYS C 280 -8.70 -8.50 -18.87
CA LYS C 280 -9.74 -7.51 -19.09
C LYS C 280 -10.21 -7.50 -20.54
N ALA C 281 -9.32 -7.85 -21.48
CA ALA C 281 -9.63 -7.69 -22.89
C ALA C 281 -10.67 -8.68 -23.36
N TYR C 282 -10.83 -9.81 -22.68
CA TYR C 282 -11.86 -10.78 -23.07
C TYR C 282 -13.25 -10.16 -22.96
N HIS C 283 -13.52 -9.43 -21.87
CA HIS C 283 -14.86 -8.94 -21.60
C HIS C 283 -15.03 -7.46 -21.96
N GLU C 284 -14.07 -6.87 -22.67
CA GLU C 284 -14.13 -5.48 -23.06
C GLU C 284 -14.01 -5.34 -24.57
N GLN C 285 -14.87 -4.53 -25.16
CA GLN C 285 -14.77 -4.22 -26.59
C GLN C 285 -14.04 -2.89 -26.77
N LEU C 286 -13.72 -2.57 -28.02
CA LEU C 286 -13.02 -1.34 -28.33
C LEU C 286 -13.79 -0.57 -29.40
N SER C 287 -14.08 0.69 -29.11
CA SER C 287 -14.63 1.63 -30.07
C SER C 287 -13.88 2.95 -29.94
N VAL C 288 -14.02 3.80 -30.94
CA VAL C 288 -13.25 5.05 -30.95
C VAL C 288 -13.66 5.94 -29.78
N ALA C 289 -14.95 5.97 -29.45
CA ALA C 289 -15.43 6.89 -28.43
C ALA C 289 -14.87 6.54 -27.05
N GLU C 290 -14.97 5.26 -26.67
CA GLU C 290 -14.51 4.87 -25.34
C GLU C 290 -13.02 5.09 -25.19
N ILE C 291 -12.23 4.65 -26.16
CA ILE C 291 -10.79 4.81 -26.06
C ILE C 291 -10.40 6.28 -26.08
N THR C 292 -11.12 7.09 -26.86
CA THR C 292 -10.76 8.49 -26.96
C THR C 292 -11.08 9.25 -25.67
N ASN C 293 -12.25 8.97 -25.07
CA ASN C 293 -12.56 9.64 -23.82
C ASN C 293 -11.71 9.13 -22.67
N ALA C 294 -11.31 7.85 -22.71
CA ALA C 294 -10.37 7.36 -21.72
C ALA C 294 -9.01 8.03 -21.88
N CYS C 295 -8.56 8.24 -23.12
CA CYS C 295 -7.30 8.91 -23.36
C CYS C 295 -7.35 10.36 -22.90
N PHE C 296 -8.47 11.04 -23.15
CA PHE C 296 -8.59 12.43 -22.72
C PHE C 296 -8.67 12.58 -21.22
N GLU C 297 -8.86 11.49 -20.48
CA GLU C 297 -8.88 11.56 -19.03
C GLU C 297 -7.49 11.91 -18.52
N PRO C 298 -7.36 12.87 -17.60
CA PRO C 298 -6.01 13.33 -17.21
C PRO C 298 -5.12 12.26 -16.62
N ALA C 299 -5.66 11.34 -15.82
CA ALA C 299 -4.81 10.36 -15.13
C ALA C 299 -4.22 9.34 -16.08
N ASN C 300 -4.77 9.19 -17.28
CA ASN C 300 -4.21 8.26 -18.25
C ASN C 300 -2.93 8.82 -18.89
N GLN C 301 -2.66 10.11 -18.73
CA GLN C 301 -1.46 10.69 -19.30
C GLN C 301 -0.23 10.24 -18.53
N MET C 302 0.84 9.95 -19.27
CA MET C 302 2.11 9.54 -18.68
C MET C 302 3.00 10.72 -18.32
N VAL C 303 2.41 11.91 -18.17
CA VAL C 303 3.10 13.07 -17.62
C VAL C 303 2.30 13.55 -16.42
N LYS C 304 2.99 13.71 -15.28
CA LYS C 304 2.29 13.99 -14.04
C LYS C 304 1.86 15.46 -13.99
N CYS C 305 0.73 15.75 -14.63
CA CYS C 305 0.11 17.07 -14.58
C CYS C 305 -1.39 16.90 -14.72
N ASP C 306 -2.15 17.89 -14.25
CA ASP C 306 -3.58 17.94 -14.50
C ASP C 306 -3.84 18.98 -15.57
N PRO C 307 -4.19 18.58 -16.79
CA PRO C 307 -4.41 19.59 -17.84
C PRO C 307 -5.54 20.55 -17.53
N ARG C 308 -6.49 20.15 -16.69
CA ARG C 308 -7.57 21.05 -16.31
C ARG C 308 -7.07 22.28 -15.57
N HIS C 309 -5.91 22.18 -14.92
CA HIS C 309 -5.30 23.35 -14.30
C HIS C 309 -4.89 24.39 -15.35
N GLY C 310 -4.68 23.97 -16.59
CA GLY C 310 -4.32 24.89 -17.64
C GLY C 310 -5.27 24.85 -18.82
N LYS C 311 -4.74 24.96 -20.03
CA LYS C 311 -5.57 24.94 -21.23
C LYS C 311 -4.97 23.99 -22.26
N TYR C 312 -5.55 23.97 -23.46
CA TYR C 312 -5.06 23.15 -24.56
C TYR C 312 -4.77 24.05 -25.75
N MET C 313 -3.60 23.89 -26.36
CA MET C 313 -3.31 24.57 -27.60
C MET C 313 -3.49 23.69 -28.83
N ALA C 314 -3.11 22.42 -28.76
CA ALA C 314 -3.25 21.55 -29.92
C ALA C 314 -3.32 20.10 -29.46
N CYS C 315 -3.98 19.29 -30.28
CA CYS C 315 -4.10 17.86 -30.02
C CYS C 315 -3.95 17.11 -31.33
N CYS C 316 -3.24 15.98 -31.28
CA CYS C 316 -3.04 15.14 -32.44
C CYS C 316 -3.26 13.70 -32.02
N MET C 317 -4.29 13.06 -32.57
CA MET C 317 -4.64 11.70 -32.22
C MET C 317 -4.39 10.78 -33.41
N LEU C 318 -3.63 9.73 -33.17
CA LEU C 318 -3.34 8.72 -34.18
C LEU C 318 -4.09 7.45 -33.78
N TYR C 319 -5.07 7.09 -34.59
CA TYR C 319 -5.81 5.86 -34.40
C TYR C 319 -5.30 4.80 -35.37
N ARG C 320 -4.76 3.73 -34.83
CA ARG C 320 -4.25 2.64 -35.64
C ARG C 320 -5.14 1.42 -35.46
N GLY C 321 -5.40 0.74 -36.59
CA GLY C 321 -6.33 -0.36 -36.63
C GLY C 321 -7.40 -0.13 -37.69
N ASP C 322 -8.60 -0.67 -37.42
CA ASP C 322 -9.73 -0.53 -38.33
C ASP C 322 -10.81 0.32 -37.68
N VAL C 323 -10.67 1.63 -37.84
CA VAL C 323 -11.57 2.60 -37.23
C VAL C 323 -12.18 3.46 -38.33
N VAL C 324 -13.51 3.58 -38.31
CA VAL C 324 -14.21 4.32 -39.35
C VAL C 324 -13.97 5.82 -39.16
N PRO C 325 -13.60 6.56 -40.20
CA PRO C 325 -13.36 8.01 -40.04
C PRO C 325 -14.57 8.77 -39.52
N LYS C 326 -15.78 8.38 -39.91
CA LYS C 326 -16.97 9.04 -39.39
C LYS C 326 -17.08 8.87 -37.88
N ASP C 327 -16.75 7.67 -37.38
CA ASP C 327 -16.76 7.44 -35.94
C ASP C 327 -15.75 8.33 -35.24
N VAL C 328 -14.56 8.47 -35.82
CA VAL C 328 -13.54 9.35 -35.25
C VAL C 328 -14.06 10.77 -35.19
N ASN C 329 -14.66 11.25 -36.28
CA ASN C 329 -15.16 12.61 -36.32
C ASN C 329 -16.24 12.82 -35.27
N ALA C 330 -17.16 11.86 -35.14
CA ALA C 330 -18.23 12.00 -34.15
C ALA C 330 -17.67 12.04 -32.74
N ALA C 331 -16.73 11.15 -32.42
CA ALA C 331 -16.15 11.13 -31.08
C ALA C 331 -15.41 12.43 -30.79
N ILE C 332 -14.63 12.91 -31.74
CA ILE C 332 -13.86 14.13 -31.53
C ILE C 332 -14.78 15.33 -31.35
N ALA C 333 -15.83 15.42 -32.16
CA ALA C 333 -16.77 16.52 -32.02
C ALA C 333 -17.47 16.47 -30.67
N THR C 334 -17.89 15.27 -30.24
CA THR C 334 -18.56 15.15 -28.95
C THR C 334 -17.65 15.57 -27.81
N ILE C 335 -16.38 15.15 -27.85
CA ILE C 335 -15.45 15.55 -26.80
C ILE C 335 -15.19 17.05 -26.86
N LYS C 336 -15.14 17.61 -28.07
CA LYS C 336 -15.00 19.05 -28.20
C LYS C 336 -16.16 19.78 -27.54
N THR C 337 -17.37 19.24 -27.66
CA THR C 337 -18.52 19.82 -26.99
C THR C 337 -18.46 19.66 -25.48
N LYS C 338 -17.72 18.68 -24.98
CA LYS C 338 -17.61 18.48 -23.55
C LYS C 338 -16.85 19.64 -22.90
N ARG C 339 -17.40 20.13 -21.78
CA ARG C 339 -16.82 21.28 -21.09
C ARG C 339 -15.59 20.92 -20.28
N THR C 340 -15.36 19.64 -19.99
CA THR C 340 -14.27 19.25 -19.10
C THR C 340 -12.91 19.63 -19.66
N ILE C 341 -12.81 19.87 -20.96
CA ILE C 341 -11.57 20.29 -21.60
C ILE C 341 -11.78 21.68 -22.18
N GLN C 342 -10.89 22.61 -21.82
CA GLN C 342 -10.97 23.98 -22.30
C GLN C 342 -9.79 24.27 -23.22
N PHE C 343 -10.08 24.93 -24.34
CA PHE C 343 -9.09 25.26 -25.34
C PHE C 343 -8.88 26.77 -25.37
N VAL C 344 -7.67 27.17 -25.75
CA VAL C 344 -7.34 28.59 -25.80
C VAL C 344 -8.17 29.28 -26.88
N ASP C 345 -8.50 30.54 -26.64
CA ASP C 345 -9.44 31.25 -27.50
C ASP C 345 -8.90 31.39 -28.92
N TRP C 346 -7.64 31.77 -29.08
CA TRP C 346 -7.11 32.06 -30.40
C TRP C 346 -6.78 30.81 -31.21
N CYS C 347 -7.05 29.62 -30.67
CA CYS C 347 -6.83 28.37 -31.40
C CYS C 347 -8.11 27.53 -31.34
N PRO C 348 -9.14 27.94 -32.08
CA PRO C 348 -10.40 27.17 -32.06
C PRO C 348 -10.29 25.84 -32.78
N THR C 349 -9.46 25.73 -33.80
CA THR C 349 -9.29 24.50 -34.58
C THR C 349 -7.85 24.05 -34.44
N GLY C 350 -7.57 23.30 -33.37
CA GLY C 350 -6.23 22.79 -33.14
C GLY C 350 -6.17 21.28 -33.07
N PHE C 351 -6.90 20.62 -33.96
CA PHE C 351 -7.01 19.17 -33.95
C PHE C 351 -6.37 18.57 -35.19
N LYS C 352 -5.70 17.44 -35.00
CA LYS C 352 -5.22 16.64 -36.11
C LYS C 352 -5.54 15.18 -35.84
N VAL C 353 -5.97 14.48 -36.87
CA VAL C 353 -6.36 13.07 -36.76
C VAL C 353 -5.64 12.28 -37.83
N GLY C 354 -4.98 11.20 -37.42
CA GLY C 354 -4.31 10.33 -38.36
C GLY C 354 -4.76 8.88 -38.21
N ILE C 355 -5.41 8.36 -39.24
CA ILE C 355 -5.93 7.00 -39.22
C ILE C 355 -4.96 6.11 -39.98
N ASN C 356 -4.55 5.02 -39.35
CA ASN C 356 -3.65 4.04 -39.97
C ASN C 356 -4.27 2.66 -39.86
N TYR C 357 -4.14 1.88 -40.92
CA TYR C 357 -4.78 0.57 -41.00
C TYR C 357 -3.95 -0.53 -40.36
N GLN C 358 -2.77 -0.22 -39.83
CA GLN C 358 -1.92 -1.23 -39.23
C GLN C 358 -2.33 -1.45 -37.78
N PRO C 359 -2.75 -2.65 -37.40
CA PRO C 359 -3.05 -2.91 -35.99
C PRO C 359 -1.78 -2.83 -35.15
N PRO C 360 -1.89 -2.45 -33.88
CA PRO C 360 -0.69 -2.34 -33.05
C PRO C 360 -0.09 -3.71 -32.77
N THR C 361 1.21 -3.81 -33.00
CA THR C 361 1.92 -5.06 -32.81
C THR C 361 2.06 -5.36 -31.32
N VAL C 362 1.92 -6.63 -30.96
CA VAL C 362 2.05 -7.09 -29.59
C VAL C 362 3.35 -7.89 -29.46
N VAL C 363 4.17 -7.53 -28.48
CA VAL C 363 5.41 -8.23 -28.22
C VAL C 363 5.12 -9.50 -27.45
N PRO C 364 5.73 -10.63 -27.79
CA PRO C 364 5.51 -11.86 -27.02
C PRO C 364 5.91 -11.67 -25.56
N GLY C 365 5.11 -12.22 -24.66
CA GLY C 365 5.34 -12.03 -23.24
C GLY C 365 5.07 -10.63 -22.74
N GLY C 366 4.53 -9.76 -23.59
CA GLY C 366 4.31 -8.39 -23.18
C GLY C 366 3.04 -8.24 -22.36
N ASP C 367 3.05 -7.20 -21.51
CA ASP C 367 1.89 -6.91 -20.69
C ASP C 367 0.69 -6.51 -21.52
N LEU C 368 0.92 -5.72 -22.57
CA LEU C 368 -0.16 -5.28 -23.43
C LEU C 368 -0.80 -6.45 -24.16
N ALA C 369 -2.11 -6.37 -24.36
CA ALA C 369 -2.89 -7.40 -25.03
C ALA C 369 -3.22 -6.96 -26.45
N LYS C 370 -3.06 -7.88 -27.39
CA LYS C 370 -3.35 -7.57 -28.78
C LYS C 370 -4.81 -7.19 -28.95
N VAL C 371 -5.04 -6.05 -29.62
CA VAL C 371 -6.38 -5.55 -29.87
C VAL C 371 -6.43 -4.97 -31.28
N GLN C 372 -7.64 -4.80 -31.79
CA GLN C 372 -7.80 -4.30 -33.15
C GLN C 372 -7.53 -2.80 -33.23
N ARG C 373 -7.97 -2.03 -32.24
CA ARG C 373 -7.84 -0.59 -32.27
C ARG C 373 -6.87 -0.10 -31.21
N ALA C 374 -6.22 1.01 -31.48
CA ALA C 374 -5.37 1.67 -30.51
C ALA C 374 -5.28 3.15 -30.86
N VAL C 375 -5.09 3.99 -29.84
CA VAL C 375 -4.99 5.43 -30.02
C VAL C 375 -3.76 5.94 -29.27
N CYS C 376 -2.97 6.76 -29.94
CA CYS C 376 -1.86 7.48 -29.34
C CYS C 376 -2.11 8.96 -29.51
N MET C 377 -2.13 9.70 -28.41
CA MET C 377 -2.52 11.10 -28.41
C MET C 377 -1.33 11.96 -27.98
N LEU C 378 -1.14 13.07 -28.67
CA LEU C 378 -0.07 14.02 -28.37
C LEU C 378 -0.70 15.40 -28.22
N SER C 379 -0.63 15.95 -27.02
CA SER C 379 -1.30 17.22 -26.76
C SER C 379 -0.31 18.24 -26.22
N ASN C 380 -0.53 19.49 -26.59
CA ASN C 380 0.18 20.62 -26.00
C ASN C 380 -0.76 21.27 -25.00
N THR C 381 -0.54 21.00 -23.72
CA THR C 381 -1.33 21.60 -22.66
C THR C 381 -0.50 22.62 -21.90
N THR C 382 -1.19 23.46 -21.13
CA THR C 382 -0.52 24.48 -20.35
C THR C 382 -0.01 23.94 -19.01
N ALA C 383 -0.61 22.88 -18.49
CA ALA C 383 -0.22 22.36 -17.18
C ALA C 383 1.25 22.00 -17.11
N ILE C 384 1.87 21.66 -18.24
CA ILE C 384 3.30 21.36 -18.26
C ILE C 384 4.10 22.51 -17.68
N ALA C 385 3.77 23.76 -18.05
CA ALA C 385 4.46 24.92 -17.49
C ALA C 385 4.47 24.86 -15.98
N GLU C 386 3.35 24.46 -15.38
CA GLU C 386 3.29 24.28 -13.93
C GLU C 386 4.50 23.51 -13.43
N ALA C 387 4.69 22.29 -13.94
CA ALA C 387 5.84 21.49 -13.51
C ALA C 387 7.14 22.27 -13.68
N TRP C 388 7.31 22.91 -14.85
CA TRP C 388 8.51 23.70 -15.08
C TRP C 388 8.72 24.70 -13.96
N ALA C 389 7.68 25.48 -13.64
CA ALA C 389 7.79 26.43 -12.54
C ALA C 389 8.22 25.71 -11.27
N ARG C 390 7.55 24.61 -10.93
CA ARG C 390 7.94 23.83 -9.77
C ARG C 390 9.41 23.41 -9.89
N LEU C 391 9.80 22.91 -11.06
CA LEU C 391 11.20 22.56 -11.26
C LEU C 391 12.09 23.75 -11.02
N ASP C 392 11.73 24.91 -11.59
CA ASP C 392 12.51 26.11 -11.35
C ASP C 392 12.60 26.41 -9.87
N HIS C 393 11.48 26.26 -9.15
CA HIS C 393 11.50 26.45 -7.70
C HIS C 393 12.54 25.55 -7.06
N LYS C 394 12.56 24.27 -7.45
CA LYS C 394 13.56 23.36 -6.90
C LYS C 394 14.96 23.90 -7.12
N PHE C 395 15.23 24.44 -8.30
CA PHE C 395 16.54 25.01 -8.58
C PHE C 395 16.92 26.03 -7.51
N ASP C 396 15.98 26.93 -7.18
CA ASP C 396 16.27 27.92 -6.15
C ASP C 396 16.61 27.25 -4.84
N LEU C 397 15.84 26.24 -4.45
CA LEU C 397 16.10 25.57 -3.18
C LEU C 397 17.44 24.87 -3.19
N MET C 398 17.96 24.57 -4.38
CA MET C 398 19.28 23.95 -4.46
C MET C 398 20.35 24.92 -4.94
N TYR C 399 20.04 26.21 -5.07
CA TYR C 399 21.03 27.19 -5.49
C TYR C 399 21.25 28.31 -4.49
N ALA C 400 20.28 28.58 -3.63
CA ALA C 400 20.45 29.63 -2.63
C ALA C 400 21.61 29.31 -1.69
N LYS C 401 21.87 28.04 -1.45
CA LYS C 401 23.01 27.61 -0.65
C LYS C 401 24.21 27.26 -1.51
N ARG C 402 24.11 27.39 -2.83
CA ARG C 402 25.20 27.08 -3.75
C ARG C 402 25.67 25.64 -3.59
N ALA C 403 24.73 24.73 -3.35
CA ALA C 403 25.07 23.33 -3.18
C ALA C 403 25.49 22.72 -4.51
N PHE C 404 26.45 21.80 -4.46
CA PHE C 404 26.98 21.07 -5.61
C PHE C 404 27.59 21.98 -6.67
N VAL C 405 27.81 23.25 -6.35
CA VAL C 405 28.37 24.17 -7.34
C VAL C 405 29.78 23.76 -7.71
N HIS C 406 30.59 23.34 -6.72
CA HIS C 406 31.98 23.00 -6.99
C HIS C 406 32.10 21.86 -7.99
N TRP C 407 31.16 20.91 -7.98
CA TRP C 407 31.23 19.80 -8.91
C TRP C 407 31.19 20.28 -10.35
N TYR C 408 30.28 21.20 -10.66
CA TYR C 408 30.19 21.72 -12.02
C TYR C 408 31.29 22.73 -12.31
N VAL C 409 31.75 23.48 -11.31
CA VAL C 409 32.85 24.41 -11.52
C VAL C 409 34.11 23.65 -11.93
N GLY C 410 34.32 22.46 -11.35
CA GLY C 410 35.49 21.66 -11.68
C GLY C 410 35.53 21.22 -13.13
N GLU C 411 34.39 21.17 -13.81
CA GLU C 411 34.34 20.75 -15.20
C GLU C 411 34.39 21.92 -16.18
N GLY C 412 34.56 23.15 -15.69
CA GLY C 412 34.69 24.30 -16.55
C GLY C 412 33.47 25.19 -16.67
N MET C 413 32.45 24.99 -15.84
CA MET C 413 31.29 25.85 -15.88
C MET C 413 31.61 27.25 -15.36
N GLU C 414 30.68 28.16 -15.59
CA GLU C 414 30.76 29.51 -15.05
C GLU C 414 29.50 29.78 -14.24
N GLU C 415 29.68 30.43 -13.08
CA GLU C 415 28.55 30.65 -12.19
C GLU C 415 27.44 31.44 -12.86
N GLY C 416 27.77 32.26 -13.85
CA GLY C 416 26.75 33.01 -14.56
C GLY C 416 25.85 32.14 -15.42
N GLU C 417 26.34 30.97 -15.85
CA GLU C 417 25.51 30.09 -16.65
C GLU C 417 24.29 29.62 -15.87
N PHE C 418 24.47 29.30 -14.59
CA PHE C 418 23.33 28.87 -13.77
C PHE C 418 22.27 29.97 -13.69
N SER C 419 22.70 31.20 -13.41
CA SER C 419 21.75 32.30 -13.29
C SER C 419 21.06 32.59 -14.61
N GLU C 420 21.80 32.58 -15.72
CA GLU C 420 21.19 32.86 -17.00
C GLU C 420 20.21 31.76 -17.41
N ALA C 421 20.54 30.50 -17.10
CA ALA C 421 19.59 29.42 -17.38
C ALA C 421 18.35 29.57 -16.53
N ARG C 422 18.51 29.94 -15.25
CA ARG C 422 17.37 30.11 -14.37
C ARG C 422 16.45 31.21 -14.89
N GLU C 423 17.01 32.35 -15.26
CA GLU C 423 16.17 33.43 -15.78
C GLU C 423 15.56 33.08 -17.12
N ASP C 424 16.29 32.32 -17.96
CA ASP C 424 15.73 31.90 -19.24
C ASP C 424 14.52 31.01 -19.04
N LEU C 425 14.60 30.07 -18.09
CA LEU C 425 13.46 29.20 -17.86
C LEU C 425 12.34 29.93 -17.13
N ALA C 426 12.67 30.95 -16.33
CA ALA C 426 11.62 31.81 -15.80
C ALA C 426 10.89 32.53 -16.92
N ALA C 427 11.63 33.02 -17.92
CA ALA C 427 11.01 33.64 -19.08
C ALA C 427 10.14 32.65 -19.84
N LEU C 428 10.61 31.41 -19.97
CA LEU C 428 9.80 30.39 -20.60
C LEU C 428 8.51 30.15 -19.83
N GLU C 429 8.61 30.07 -18.50
CA GLU C 429 7.42 29.83 -17.68
C GLU C 429 6.41 30.95 -17.81
N LYS C 430 6.87 32.20 -17.71
CA LYS C 430 5.94 33.31 -17.78
C LYS C 430 5.46 33.59 -19.20
N ASP C 431 6.03 32.92 -20.20
CA ASP C 431 5.51 33.05 -21.55
C ASP C 431 4.11 32.49 -21.68
N TYR C 432 3.73 31.55 -20.83
CA TYR C 432 2.40 30.96 -20.90
C TYR C 432 1.33 31.97 -20.49
N MET D 1 40.02 -0.93 -18.24
CA MET D 1 38.70 -0.31 -18.19
C MET D 1 38.35 0.04 -16.75
N ARG D 2 38.61 1.30 -16.38
CA ARG D 2 38.29 1.82 -15.07
C ARG D 2 38.85 0.94 -13.95
N GLU D 3 40.10 0.51 -14.13
CA GLU D 3 40.74 -0.34 -13.13
C GLU D 3 40.89 0.41 -11.82
N ILE D 4 40.90 -0.36 -10.72
CA ILE D 4 40.95 0.21 -9.38
C ILE D 4 42.14 -0.40 -8.65
N VAL D 5 42.92 0.46 -7.99
CA VAL D 5 44.07 0.04 -7.20
C VAL D 5 43.66 -0.11 -5.75
N HIS D 6 44.01 -1.23 -5.14
CA HIS D 6 43.70 -1.51 -3.75
C HIS D 6 44.96 -1.36 -2.90
N ILE D 7 44.87 -0.52 -1.87
CA ILE D 7 46.00 -0.26 -0.98
C ILE D 7 45.52 -0.37 0.46
N GLN D 8 46.28 -1.08 1.29
CA GLN D 8 45.92 -1.32 2.68
C GLN D 8 47.09 -0.97 3.58
N ALA D 9 46.79 -0.44 4.76
CA ALA D 9 47.80 -0.03 5.72
C ALA D 9 47.43 -0.55 7.10
N GLY D 10 48.44 -0.86 7.90
CA GLY D 10 48.24 -1.32 9.25
C GLY D 10 47.65 -2.71 9.31
N GLN D 11 47.68 -3.29 10.51
CA GLN D 11 47.15 -4.65 10.70
C GLN D 11 45.67 -4.72 10.35
N CYS D 12 44.90 -3.75 10.85
CA CYS D 12 43.47 -3.73 10.58
C CYS D 12 43.19 -3.61 9.09
N GLY D 13 43.85 -2.65 8.43
CA GLY D 13 43.65 -2.47 7.01
C GLY D 13 44.02 -3.69 6.20
N ASN D 14 45.16 -4.31 6.54
CA ASN D 14 45.61 -5.48 5.79
C ASN D 14 44.65 -6.65 5.97
N GLN D 15 44.18 -6.88 7.20
CA GLN D 15 43.24 -7.98 7.42
C GLN D 15 41.92 -7.72 6.69
N ILE D 16 41.41 -6.49 6.76
CA ILE D 16 40.17 -6.16 6.09
C ILE D 16 40.32 -6.33 4.58
N GLY D 17 41.47 -5.89 4.04
CA GLY D 17 41.70 -6.05 2.61
C GLY D 17 41.80 -7.51 2.21
N ALA D 18 42.44 -8.33 3.04
CA ALA D 18 42.49 -9.77 2.75
C ALA D 18 41.09 -10.35 2.69
N LYS D 19 40.26 -10.04 3.69
CA LYS D 19 38.89 -10.52 3.70
C LYS D 19 38.14 -10.05 2.46
N PHE D 20 38.34 -8.78 2.09
CA PHE D 20 37.71 -8.23 0.89
C PHE D 20 38.15 -8.97 -0.36
N TRP D 21 39.41 -9.37 -0.42
CA TRP D 21 39.89 -10.10 -1.59
C TRP D 21 39.28 -11.50 -1.66
N GLU D 22 39.14 -12.18 -0.52
CA GLU D 22 38.44 -13.47 -0.57
C GLU D 22 36.99 -13.28 -1.00
N ILE D 23 36.34 -12.21 -0.51
CA ILE D 23 34.95 -11.96 -0.92
C ILE D 23 34.86 -11.72 -2.42
N ILE D 24 35.77 -10.90 -2.96
CA ILE D 24 35.74 -10.61 -4.39
C ILE D 24 35.99 -11.87 -5.19
N SER D 25 36.96 -12.69 -4.76
CA SER D 25 37.24 -13.93 -5.48
C SER D 25 36.03 -14.86 -5.45
N ASP D 26 35.35 -14.94 -4.31
CA ASP D 26 34.12 -15.72 -4.24
C ASP D 26 33.08 -15.17 -5.22
N GLU D 27 32.94 -13.85 -5.28
CA GLU D 27 31.96 -13.23 -6.16
C GLU D 27 32.25 -13.53 -7.62
N HIS D 28 33.53 -13.49 -8.00
CA HIS D 28 33.92 -13.74 -9.38
C HIS D 28 34.23 -15.20 -9.65
N GLY D 29 34.07 -16.08 -8.67
CA GLY D 29 34.29 -17.50 -8.88
C GLY D 29 35.72 -17.87 -9.20
N ILE D 30 36.66 -17.31 -8.46
CA ILE D 30 38.08 -17.56 -8.66
C ILE D 30 38.56 -18.50 -7.57
N ASP D 31 39.36 -19.49 -7.95
CA ASP D 31 39.83 -20.50 -7.03
C ASP D 31 40.80 -19.89 -6.01
N ALA D 32 41.30 -20.73 -5.10
CA ALA D 32 42.24 -20.28 -4.09
C ALA D 32 43.60 -19.91 -4.67
N THR D 33 43.87 -20.25 -5.93
CA THR D 33 45.14 -19.93 -6.57
C THR D 33 45.05 -18.68 -7.44
N GLY D 34 44.03 -18.59 -8.29
CA GLY D 34 43.90 -17.47 -9.20
C GLY D 34 43.35 -17.88 -10.54
N ALA D 35 43.23 -19.18 -10.77
CA ALA D 35 42.66 -19.68 -12.02
C ALA D 35 41.18 -19.36 -12.08
N TYR D 36 40.70 -19.10 -13.29
CA TYR D 36 39.29 -18.76 -13.48
C TYR D 36 38.43 -20.01 -13.38
N HIS D 37 37.34 -19.91 -12.62
CA HIS D 37 36.38 -21.00 -12.50
C HIS D 37 34.95 -20.45 -12.46
N GLY D 38 34.70 -19.36 -13.16
CA GLY D 38 33.40 -18.74 -13.13
C GLY D 38 32.33 -19.57 -13.83
N ASP D 39 31.08 -19.19 -13.58
CA ASP D 39 29.92 -19.88 -14.12
C ASP D 39 29.22 -19.12 -15.22
N SER D 40 29.47 -17.81 -15.34
CA SER D 40 28.81 -16.98 -16.34
C SER D 40 29.83 -16.05 -16.97
N ASP D 41 29.51 -15.58 -18.19
CA ASP D 41 30.40 -14.65 -18.88
C ASP D 41 30.51 -13.33 -18.14
N LEU D 42 29.43 -12.87 -17.51
CA LEU D 42 29.47 -11.61 -16.78
C LEU D 42 30.45 -11.64 -15.63
N GLN D 43 30.81 -12.82 -15.13
CA GLN D 43 31.83 -12.90 -14.09
C GLN D 43 33.18 -12.41 -14.60
N LEU D 44 33.53 -12.77 -15.83
CA LEU D 44 34.78 -12.32 -16.44
C LEU D 44 34.60 -11.08 -17.31
N GLU D 45 33.37 -10.57 -17.42
CA GLU D 45 33.12 -9.42 -18.30
C GLU D 45 33.90 -8.20 -17.85
N ARG D 46 33.95 -7.95 -16.54
CA ARG D 46 34.71 -6.85 -15.98
C ARG D 46 35.75 -7.34 -14.99
N ILE D 47 36.25 -8.56 -15.20
CA ILE D 47 37.20 -9.15 -14.27
C ILE D 47 38.45 -8.29 -14.14
N ASN D 48 38.80 -7.57 -15.22
CA ASN D 48 40.01 -6.76 -15.21
C ASN D 48 39.93 -5.56 -14.29
N VAL D 49 38.75 -5.22 -13.77
CA VAL D 49 38.65 -4.06 -12.88
C VAL D 49 39.40 -4.31 -11.58
N TYR D 50 39.42 -5.56 -11.13
CA TYR D 50 40.11 -5.93 -9.90
C TYR D 50 41.17 -7.00 -10.12
N TYR D 51 41.54 -7.28 -11.37
CA TYR D 51 42.50 -8.33 -11.64
C TYR D 51 43.30 -7.97 -12.88
N ASN D 52 44.45 -8.62 -13.02
CA ASN D 52 45.27 -8.50 -14.21
C ASN D 52 45.57 -9.89 -14.75
N GLU D 53 45.52 -10.03 -16.07
CA GLU D 53 45.75 -11.32 -16.70
C GLU D 53 47.18 -11.77 -16.44
N ALA D 54 47.37 -13.08 -16.27
CA ALA D 54 48.68 -13.67 -16.10
C ALA D 54 48.78 -14.93 -16.97
N SER D 55 49.99 -15.16 -17.50
CA SER D 55 50.22 -16.27 -18.41
C SER D 55 49.85 -17.59 -17.75
N GLY D 56 49.22 -18.46 -18.51
CA GLY D 56 48.66 -19.68 -17.97
C GLY D 56 47.21 -19.57 -17.55
N GLY D 57 46.52 -18.52 -18.00
CA GLY D 57 45.13 -18.31 -17.63
C GLY D 57 44.95 -18.04 -16.15
N LYS D 58 45.80 -17.18 -15.60
CA LYS D 58 45.74 -16.83 -14.19
C LYS D 58 45.30 -15.38 -14.02
N TYR D 59 44.90 -15.05 -12.80
CA TYR D 59 44.50 -13.69 -12.49
C TYR D 59 45.07 -13.29 -11.14
N VAL D 60 45.71 -12.12 -11.10
CA VAL D 60 46.31 -11.61 -9.88
C VAL D 60 45.58 -10.33 -9.48
N PRO D 61 45.24 -10.16 -8.21
CA PRO D 61 44.54 -8.95 -7.79
C PRO D 61 45.41 -7.72 -7.94
N ARG D 62 44.76 -6.61 -8.24
CA ARG D 62 45.44 -5.31 -8.38
C ARG D 62 45.55 -4.66 -7.01
N ALA D 63 46.41 -5.25 -6.17
CA ALA D 63 46.51 -4.86 -4.77
C ALA D 63 47.94 -4.52 -4.41
N VAL D 64 48.08 -3.61 -3.46
CA VAL D 64 49.37 -3.23 -2.88
C VAL D 64 49.22 -3.26 -1.37
N LEU D 65 50.16 -3.93 -0.69
CA LEU D 65 50.13 -4.06 0.75
C LEU D 65 51.30 -3.29 1.36
N VAL D 66 51.01 -2.46 2.35
CA VAL D 66 51.99 -1.57 2.96
C VAL D 66 51.96 -1.74 4.47
N ASP D 67 53.13 -1.84 5.07
CA ASP D 67 53.24 -1.94 6.53
C ASP D 67 54.63 -1.51 6.96
N LEU D 68 54.76 -1.19 8.25
CA LEU D 68 56.04 -0.88 8.85
C LEU D 68 56.60 -2.03 9.68
N GLU D 69 55.91 -3.17 9.72
CA GLU D 69 56.41 -4.36 10.40
C GLU D 69 56.13 -5.56 9.51
N PRO D 70 57.02 -6.55 9.49
CA PRO D 70 56.89 -7.65 8.54
C PRO D 70 56.03 -8.81 9.05
N GLY D 71 55.26 -8.58 10.11
CA GLY D 71 54.52 -9.67 10.71
C GLY D 71 53.13 -9.90 10.14
N THR D 72 52.30 -8.86 10.09
CA THR D 72 50.93 -9.06 9.64
C THR D 72 50.87 -9.33 8.14
N MET D 73 51.78 -8.74 7.36
CA MET D 73 51.86 -9.10 5.95
C MET D 73 52.32 -10.55 5.76
N ASP D 74 53.24 -11.02 6.61
CA ASP D 74 53.62 -12.41 6.58
C ASP D 74 52.43 -13.31 6.88
N SER D 75 51.62 -12.91 7.87
CA SER D 75 50.42 -13.68 8.20
C SER D 75 49.45 -13.71 7.02
N VAL D 76 49.27 -12.58 6.36
CA VAL D 76 48.40 -12.52 5.18
C VAL D 76 48.92 -13.45 4.10
N ARG D 77 50.24 -13.43 3.86
CA ARG D 77 50.84 -14.30 2.87
C ARG D 77 50.60 -15.76 3.22
N SER D 78 50.75 -16.13 4.49
CA SER D 78 50.54 -17.50 4.94
C SER D 78 49.08 -17.83 5.15
N GLY D 79 48.19 -16.84 5.11
CA GLY D 79 46.79 -17.06 5.36
C GLY D 79 46.07 -17.63 4.14
N PRO D 80 44.75 -17.73 4.22
CA PRO D 80 43.98 -18.22 3.07
C PRO D 80 44.12 -17.29 1.88
N PHE D 81 44.07 -17.88 0.69
CA PHE D 81 44.27 -17.15 -0.57
C PHE D 81 45.61 -16.43 -0.58
N GLY D 82 46.63 -17.04 0.03
CA GLY D 82 47.95 -16.43 0.04
C GLY D 82 48.68 -16.48 -1.28
N GLN D 83 48.31 -17.41 -2.16
CA GLN D 83 48.99 -17.56 -3.44
C GLN D 83 48.38 -16.70 -4.53
N ILE D 84 47.23 -16.07 -4.29
CA ILE D 84 46.64 -15.23 -5.34
C ILE D 84 47.47 -13.97 -5.53
N PHE D 85 48.10 -13.46 -4.48
CA PHE D 85 48.93 -12.28 -4.60
C PHE D 85 50.26 -12.63 -5.24
N ARG D 86 50.70 -11.79 -6.16
CA ARG D 86 52.06 -11.93 -6.68
C ARG D 86 53.05 -11.36 -5.65
N PRO D 87 54.05 -12.14 -5.24
CA PRO D 87 54.88 -11.75 -4.09
C PRO D 87 55.59 -10.42 -4.27
N ASP D 88 55.90 -10.03 -5.51
CA ASP D 88 56.63 -8.79 -5.73
C ASP D 88 55.85 -7.56 -5.27
N ASN D 89 54.52 -7.64 -5.21
CA ASN D 89 53.73 -6.47 -4.85
C ASN D 89 53.91 -6.07 -3.40
N PHE D 90 54.19 -7.03 -2.52
CA PHE D 90 54.28 -6.75 -1.10
C PHE D 90 55.43 -5.80 -0.80
N VAL D 91 55.16 -4.79 0.02
CA VAL D 91 56.16 -3.81 0.43
C VAL D 91 55.99 -3.56 1.92
N PHE D 92 57.07 -3.63 2.68
CA PHE D 92 57.00 -3.35 4.10
C PHE D 92 58.34 -2.84 4.61
N GLY D 93 58.29 -2.10 5.71
CA GLY D 93 59.48 -1.64 6.39
C GLY D 93 59.96 -2.64 7.43
N GLN D 94 60.86 -2.17 8.28
CA GLN D 94 61.42 -3.03 9.32
C GLN D 94 61.36 -2.42 10.72
N SER D 95 60.83 -1.21 10.88
CA SER D 95 60.88 -0.50 12.15
C SER D 95 59.58 -0.63 12.94
N GLY D 96 58.46 -0.18 12.36
CA GLY D 96 57.21 -0.14 13.09
C GLY D 96 56.99 1.18 13.77
N ALA D 97 55.93 1.89 13.39
CA ALA D 97 55.69 3.22 13.95
C ALA D 97 55.35 3.16 15.43
N GLY D 98 54.80 2.06 15.90
CA GLY D 98 54.48 1.92 17.30
C GLY D 98 53.42 2.89 17.79
N ASN D 99 52.33 3.02 17.03
CA ASN D 99 51.21 3.88 17.39
C ASN D 99 51.66 5.33 17.58
N ASN D 100 52.42 5.84 16.63
CA ASN D 100 52.87 7.22 16.64
C ASN D 100 52.70 7.80 15.25
N TRP D 101 51.89 8.86 15.12
CA TRP D 101 51.65 9.47 13.83
C TRP D 101 52.91 10.11 13.27
N ALA D 102 53.67 10.80 14.12
CA ALA D 102 54.89 11.45 13.65
C ALA D 102 55.89 10.43 13.14
N LYS D 103 56.03 9.30 13.83
CA LYS D 103 56.91 8.24 13.36
C LYS D 103 56.39 7.65 12.06
N GLY D 104 55.08 7.49 11.95
CA GLY D 104 54.50 6.90 10.76
C GLY D 104 54.31 7.85 9.60
N HIS D 105 54.71 9.11 9.74
CA HIS D 105 54.55 10.09 8.68
C HIS D 105 55.80 10.90 8.35
N TYR D 106 56.79 10.95 9.25
CA TYR D 106 57.96 11.79 9.03
C TYR D 106 59.29 11.07 9.21
N THR D 107 59.37 10.05 10.05
CA THR D 107 60.63 9.36 10.31
C THR D 107 60.71 8.00 9.62
N GLU D 108 59.72 7.14 9.86
CA GLU D 108 59.71 5.81 9.27
C GLU D 108 58.96 5.73 7.95
N GLY D 109 58.14 6.73 7.62
CA GLY D 109 57.46 6.72 6.35
C GLY D 109 58.24 7.35 5.21
N ALA D 110 59.23 8.19 5.54
CA ALA D 110 59.98 8.90 4.51
C ALA D 110 60.82 7.97 3.65
N GLU D 111 61.00 6.72 4.07
CA GLU D 111 61.75 5.74 3.29
C GLU D 111 60.84 4.78 2.53
N LEU D 112 59.71 4.38 3.11
CA LEU D 112 58.78 3.52 2.40
C LEU D 112 57.92 4.28 1.40
N VAL D 113 57.90 5.61 1.50
CA VAL D 113 57.07 6.41 0.59
C VAL D 113 57.54 6.23 -0.85
N ASP D 114 58.86 6.23 -1.07
CA ASP D 114 59.37 6.10 -2.43
C ASP D 114 58.95 4.77 -3.04
N SER D 115 59.09 3.68 -2.27
CA SER D 115 58.74 2.36 -2.79
C SER D 115 57.24 2.26 -3.06
N VAL D 116 56.40 2.76 -2.15
CA VAL D 116 54.96 2.62 -2.35
C VAL D 116 54.49 3.49 -3.52
N LEU D 117 55.05 4.69 -3.67
CA LEU D 117 54.71 5.50 -4.83
C LEU D 117 55.19 4.86 -6.12
N ASP D 118 56.37 4.24 -6.11
CA ASP D 118 56.83 3.54 -7.31
C ASP D 118 55.87 2.42 -7.68
N VAL D 119 55.44 1.63 -6.70
CA VAL D 119 54.58 0.49 -7.01
C VAL D 119 53.18 0.95 -7.45
N VAL D 120 52.66 2.01 -6.83
CA VAL D 120 51.34 2.48 -7.22
C VAL D 120 51.40 3.11 -8.62
N ARG D 121 52.50 3.78 -8.95
CA ARG D 121 52.67 4.30 -10.29
C ARG D 121 52.76 3.17 -11.30
N LYS D 122 53.47 2.09 -10.95
CA LYS D 122 53.57 0.95 -11.84
C LYS D 122 52.18 0.35 -12.10
N GLU D 123 51.40 0.18 -11.03
CA GLU D 123 50.05 -0.36 -11.20
C GLU D 123 49.17 0.58 -12.02
N ALA D 124 49.31 1.88 -11.80
CA ALA D 124 48.49 2.85 -12.53
C ALA D 124 48.83 2.83 -14.02
N GLU D 125 50.10 2.93 -14.36
CA GLU D 125 50.48 3.05 -15.77
C GLU D 125 50.33 1.72 -16.50
N SER D 126 50.60 0.60 -15.82
CA SER D 126 50.48 -0.70 -16.46
C SER D 126 49.05 -1.07 -16.80
N CYS D 127 48.07 -0.36 -16.24
CA CYS D 127 46.66 -0.65 -16.49
C CYS D 127 46.13 0.23 -17.62
N ASP D 128 44.90 -0.08 -18.03
CA ASP D 128 44.26 0.67 -19.12
C ASP D 128 43.88 2.07 -18.66
N CYS D 129 42.98 2.16 -17.68
CA CYS D 129 42.51 3.46 -17.19
C CYS D 129 42.21 3.31 -15.70
N LEU D 130 42.87 4.10 -14.88
CA LEU D 130 42.68 4.04 -13.44
C LEU D 130 41.49 4.91 -13.05
N GLN D 131 40.38 4.27 -12.70
CA GLN D 131 39.20 5.02 -12.27
C GLN D 131 39.46 5.71 -10.94
N GLY D 132 40.09 5.04 -9.99
CA GLY D 132 40.34 5.63 -8.70
C GLY D 132 41.05 4.65 -7.79
N PHE D 133 41.19 5.06 -6.53
CA PHE D 133 41.85 4.27 -5.50
C PHE D 133 40.92 4.04 -4.34
N GLN D 134 40.93 2.82 -3.80
CA GLN D 134 40.23 2.50 -2.57
C GLN D 134 41.26 2.09 -1.53
N LEU D 135 41.19 2.71 -0.36
CA LEU D 135 42.16 2.50 0.70
C LEU D 135 41.49 1.88 1.90
N THR D 136 42.28 1.15 2.69
CA THR D 136 41.79 0.49 3.88
C THR D 136 42.82 0.65 5.00
N HIS D 137 42.43 1.35 6.06
CA HIS D 137 43.31 1.59 7.19
C HIS D 137 42.46 2.05 8.37
N SER D 138 43.13 2.42 9.45
CA SER D 138 42.48 2.91 10.66
C SER D 138 43.17 4.17 11.14
N LEU D 139 42.41 5.08 11.73
CA LEU D 139 42.95 6.36 12.16
C LEU D 139 43.52 6.32 13.57
N GLY D 140 43.42 5.19 14.27
CA GLY D 140 43.94 5.13 15.63
C GLY D 140 45.43 4.83 15.67
N GLY D 141 45.86 3.82 14.92
CA GLY D 141 47.24 3.37 14.97
C GLY D 141 48.21 4.36 14.34
N GLY D 142 49.48 4.05 14.50
CA GLY D 142 50.53 4.93 14.03
C GLY D 142 50.81 4.83 12.55
N THR D 143 51.25 3.65 12.10
CA THR D 143 51.59 3.49 10.69
C THR D 143 50.37 3.63 9.80
N GLY D 144 49.20 3.20 10.28
CA GLY D 144 47.99 3.27 9.49
C GLY D 144 47.66 4.68 9.04
N SER D 145 47.35 5.55 10.01
CA SER D 145 46.94 6.90 9.67
C SER D 145 48.04 7.68 8.97
N GLY D 146 49.27 7.57 9.47
CA GLY D 146 50.36 8.33 8.86
C GLY D 146 50.63 7.91 7.44
N MET D 147 50.71 6.60 7.20
CA MET D 147 50.94 6.12 5.84
C MET D 147 49.78 6.47 4.93
N GLY D 148 48.54 6.35 5.42
CA GLY D 148 47.41 6.74 4.59
C GLY D 148 47.45 8.20 4.20
N THR D 149 47.78 9.07 5.16
CA THR D 149 47.87 10.49 4.86
C THR D 149 48.98 10.78 3.87
N LEU D 150 50.13 10.13 4.03
CA LEU D 150 51.25 10.36 3.11
C LEU D 150 50.87 9.92 1.70
N LEU D 151 50.29 8.72 1.58
CA LEU D 151 49.89 8.24 0.26
C LEU D 151 48.83 9.11 -0.38
N ILE D 152 47.83 9.56 0.38
CA ILE D 152 46.81 10.40 -0.24
C ILE D 152 47.41 11.72 -0.68
N SER D 153 48.36 12.27 0.10
CA SER D 153 49.00 13.52 -0.31
C SER D 153 49.75 13.34 -1.62
N LYS D 154 50.59 12.30 -1.70
CA LYS D 154 51.37 12.10 -2.93
C LYS D 154 50.48 11.79 -4.12
N ILE D 155 49.44 10.97 -3.93
CA ILE D 155 48.55 10.64 -5.03
C ILE D 155 47.81 11.88 -5.51
N ARG D 156 47.31 12.70 -4.58
CA ARG D 156 46.58 13.89 -4.96
C ARG D 156 47.48 14.87 -5.71
N GLU D 157 48.72 15.04 -5.26
CA GLU D 157 49.62 15.89 -6.04
C GLU D 157 50.06 15.23 -7.34
N GLU D 158 49.87 13.92 -7.48
CA GLU D 158 50.19 13.22 -8.72
C GLU D 158 49.00 13.06 -9.64
N TYR D 159 47.84 12.67 -9.13
CA TYR D 159 46.62 12.51 -9.92
C TYR D 159 45.54 13.39 -9.33
N PRO D 160 45.44 14.65 -9.75
CA PRO D 160 44.36 15.52 -9.26
C PRO D 160 43.00 15.26 -9.90
N ASP D 161 42.88 14.21 -10.71
CA ASP D 161 41.63 13.92 -11.42
C ASP D 161 40.88 12.72 -10.87
N ARG D 162 41.55 11.59 -10.64
CA ARG D 162 40.88 10.38 -10.22
C ARG D 162 40.40 10.52 -8.77
N ILE D 163 39.22 9.98 -8.49
CA ILE D 163 38.64 10.08 -7.16
C ILE D 163 39.11 8.91 -6.32
N MET D 164 39.44 9.19 -5.06
CA MET D 164 39.84 8.15 -4.13
C MET D 164 38.96 8.21 -2.89
N ASN D 165 38.61 7.03 -2.39
CA ASN D 165 37.81 6.91 -1.17
C ASN D 165 38.61 6.11 -0.14
N THR D 166 38.44 6.47 1.13
CA THR D 166 39.18 5.86 2.22
C THR D 166 38.20 5.18 3.16
N TYR D 167 38.40 3.88 3.40
CA TYR D 167 37.57 3.14 4.35
C TYR D 167 38.22 3.15 5.74
N SER D 168 38.45 4.37 6.22
CA SER D 168 39.11 4.54 7.51
C SER D 168 38.23 4.04 8.65
N VAL D 169 38.86 3.36 9.61
CA VAL D 169 38.17 2.86 10.79
C VAL D 169 38.32 3.91 11.89
N VAL D 170 37.23 4.58 12.24
CA VAL D 170 37.26 5.60 13.29
C VAL D 170 37.57 4.93 14.62
N PRO D 171 38.39 5.54 15.48
CA PRO D 171 38.60 4.97 16.81
C PRO D 171 37.31 4.88 17.61
N SER D 172 37.19 3.81 18.37
CA SER D 172 35.97 3.56 19.13
C SER D 172 35.88 4.50 20.33
N PRO D 173 34.81 5.30 20.45
CA PRO D 173 34.69 6.18 21.62
C PRO D 173 34.58 5.42 22.94
N LYS D 174 34.11 4.17 22.93
CA LYS D 174 33.87 3.48 24.18
C LYS D 174 35.16 3.07 24.87
N VAL D 175 36.21 2.75 24.11
CA VAL D 175 37.52 2.44 24.67
C VAL D 175 38.58 3.19 23.87
N SER D 176 39.44 3.93 24.58
CA SER D 176 40.59 4.57 23.95
C SER D 176 41.65 3.49 23.77
N ASP D 177 41.62 2.82 22.62
CA ASP D 177 42.53 1.71 22.39
C ASP D 177 43.99 2.15 22.50
N THR D 178 44.32 3.29 21.92
CA THR D 178 45.63 3.90 22.08
C THR D 178 45.47 5.22 22.83
N VAL D 179 46.34 5.44 23.82
CA VAL D 179 46.24 6.66 24.62
C VAL D 179 46.43 7.89 23.73
N VAL D 180 47.20 7.76 22.66
CA VAL D 180 47.47 8.88 21.77
C VAL D 180 46.55 8.85 20.54
N GLU D 181 45.43 8.15 20.62
CA GLU D 181 44.56 8.06 19.45
C GLU D 181 43.89 9.39 19.08
N PRO D 182 43.58 10.30 20.03
CA PRO D 182 43.04 11.59 19.58
C PRO D 182 43.99 12.37 18.70
N TYR D 183 45.29 12.32 18.98
CA TYR D 183 46.26 13.02 18.15
C TYR D 183 46.29 12.44 16.74
N ASN D 184 46.38 11.11 16.65
CA ASN D 184 46.39 10.46 15.35
C ASN D 184 45.11 10.76 14.58
N ALA D 185 43.96 10.72 15.26
CA ALA D 185 42.71 11.02 14.60
C ALA D 185 42.70 12.44 14.08
N THR D 186 43.16 13.40 14.89
CA THR D 186 43.15 14.80 14.47
C THR D 186 44.03 15.02 13.26
N LEU D 187 45.25 14.48 13.29
CA LEU D 187 46.15 14.69 12.16
C LEU D 187 45.65 13.98 10.90
N SER D 188 45.16 12.74 11.05
CA SER D 188 44.64 12.02 9.90
C SER D 188 43.45 12.75 9.29
N VAL D 189 42.55 13.28 10.11
CA VAL D 189 41.41 14.03 9.60
C VAL D 189 41.89 15.30 8.91
N HIS D 190 42.86 15.99 9.51
CA HIS D 190 43.35 17.23 8.91
C HIS D 190 44.00 16.99 7.56
N GLN D 191 44.52 15.78 7.33
CA GLN D 191 45.04 15.49 6.00
C GLN D 191 43.94 14.99 5.06
N LEU D 192 43.03 14.16 5.57
CA LEU D 192 41.99 13.57 4.73
C LEU D 192 41.01 14.61 4.23
N VAL D 193 40.78 15.68 5.00
CA VAL D 193 39.79 16.68 4.60
C VAL D 193 40.15 17.31 3.26
N GLU D 194 41.44 17.53 3.01
CA GLU D 194 41.85 18.12 1.75
C GLU D 194 42.33 17.10 0.72
N ASN D 195 43.07 16.08 1.15
CA ASN D 195 43.73 15.17 0.22
C ASN D 195 42.90 13.94 -0.12
N THR D 196 41.67 13.84 0.41
CA THR D 196 40.81 12.70 0.10
C THR D 196 39.45 13.19 -0.33
N ASP D 197 38.93 12.61 -1.41
CA ASP D 197 37.66 13.06 -1.95
C ASP D 197 36.51 12.76 -1.00
N GLU D 198 36.50 11.58 -0.38
CA GLU D 198 35.43 11.24 0.55
C GLU D 198 35.92 10.12 1.46
N THR D 199 35.23 9.97 2.58
CA THR D 199 35.58 8.98 3.59
C THR D 199 34.33 8.29 4.10
N TYR D 200 34.48 7.04 4.50
CA TYR D 200 33.43 6.29 5.20
C TYR D 200 33.92 6.02 6.62
N CYS D 201 33.08 6.33 7.61
CA CYS D 201 33.45 6.12 9.01
C CYS D 201 32.84 4.80 9.49
N ILE D 202 33.71 3.91 9.98
CA ILE D 202 33.30 2.59 10.47
C ILE D 202 33.91 2.40 11.85
N ASP D 203 33.09 2.01 12.82
CA ASP D 203 33.52 1.86 14.20
C ASP D 203 33.43 0.40 14.63
N ASN D 204 34.37 0.00 15.50
CA ASN D 204 34.37 -1.36 16.02
C ASN D 204 33.23 -1.60 16.99
N GLU D 205 32.86 -0.60 17.78
CA GLU D 205 31.80 -0.80 18.77
C GLU D 205 30.45 -1.05 18.09
N ALA D 206 30.18 -0.34 16.99
CA ALA D 206 28.94 -0.58 16.27
C ALA D 206 28.92 -1.96 15.64
N LEU D 207 30.06 -2.41 15.14
CA LEU D 207 30.16 -3.77 14.63
C LEU D 207 29.89 -4.79 15.71
N TYR D 208 30.44 -4.56 16.91
CA TYR D 208 30.18 -5.45 18.04
C TYR D 208 28.69 -5.46 18.37
N ASP D 209 28.06 -4.29 18.38
CA ASP D 209 26.64 -4.21 18.68
C ASP D 209 25.83 -5.00 17.66
N ILE D 210 26.15 -4.83 16.38
CA ILE D 210 25.42 -5.56 15.33
C ILE D 210 25.62 -7.06 15.47
N CYS D 211 26.86 -7.49 15.75
CA CYS D 211 27.12 -8.92 15.87
C CYS D 211 26.40 -9.52 17.06
N PHE D 212 26.41 -8.83 18.20
CA PHE D 212 25.75 -9.36 19.40
C PHE D 212 24.22 -9.37 19.23
N ARG D 213 23.67 -8.27 18.72
CA ARG D 213 22.22 -8.10 18.70
C ARG D 213 21.61 -8.43 17.34
N THR D 214 22.04 -7.74 16.29
CA THR D 214 21.42 -7.93 14.98
C THR D 214 21.75 -9.30 14.41
N LEU D 215 23.03 -9.67 14.42
CA LEU D 215 23.41 -10.99 13.93
C LEU D 215 23.23 -12.08 14.97
N LYS D 216 23.11 -11.71 16.25
CA LYS D 216 22.88 -12.65 17.34
C LYS D 216 23.95 -13.74 17.36
N LEU D 217 25.20 -13.31 17.56
CA LEU D 217 26.33 -14.22 17.62
C LEU D 217 26.99 -14.10 18.98
N THR D 218 27.26 -15.24 19.61
CA THR D 218 27.81 -15.23 20.97
C THR D 218 29.30 -14.91 20.99
N THR D 219 30.02 -15.23 19.90
CA THR D 219 31.47 -15.12 19.85
C THR D 219 31.90 -14.28 18.65
N PRO D 220 31.80 -12.95 18.74
CA PRO D 220 32.31 -12.10 17.67
C PRO D 220 33.81 -12.26 17.50
N THR D 221 34.25 -12.14 16.25
CA THR D 221 35.67 -12.18 15.92
C THR D 221 35.96 -11.11 14.90
N TYR D 222 37.24 -10.73 14.81
CA TYR D 222 37.63 -9.73 13.82
C TYR D 222 37.35 -10.21 12.41
N GLY D 223 37.34 -11.53 12.20
CA GLY D 223 37.02 -12.06 10.89
C GLY D 223 35.62 -11.68 10.45
N ASP D 224 34.64 -11.79 11.34
CA ASP D 224 33.27 -11.46 10.99
C ASP D 224 33.11 -9.97 10.71
N LEU D 225 33.75 -9.13 11.51
CA LEU D 225 33.67 -7.69 11.28
C LEU D 225 34.29 -7.31 9.95
N ASN D 226 35.47 -7.87 9.66
CA ASN D 226 36.10 -7.63 8.36
C ASN D 226 35.21 -8.14 7.25
N HIS D 227 34.52 -9.26 7.47
CA HIS D 227 33.60 -9.79 6.47
C HIS D 227 32.47 -8.81 6.21
N LEU D 228 31.91 -8.21 7.25
CA LEU D 228 30.83 -7.25 7.06
C LEU D 228 31.32 -6.03 6.29
N VAL D 229 32.49 -5.51 6.65
CA VAL D 229 33.00 -4.33 5.94
C VAL D 229 33.31 -4.67 4.49
N SER D 230 33.85 -5.87 4.25
CA SER D 230 34.12 -6.31 2.89
C SER D 230 32.85 -6.47 2.08
N LEU D 231 31.79 -6.98 2.71
CA LEU D 231 30.50 -7.07 2.03
C LEU D 231 29.99 -5.68 1.65
N THR D 232 30.15 -4.72 2.56
CA THR D 232 29.77 -3.35 2.23
C THR D 232 30.56 -2.84 1.03
N MET D 233 31.87 -3.08 1.02
CA MET D 233 32.71 -2.61 -0.09
C MET D 233 32.30 -3.25 -1.41
N SER D 234 32.08 -4.57 -1.39
CA SER D 234 31.69 -5.27 -2.60
C SER D 234 30.34 -4.79 -3.11
N GLY D 235 29.39 -4.57 -2.19
CA GLY D 235 28.10 -4.02 -2.59
C GLY D 235 28.22 -2.64 -3.18
N VAL D 236 29.15 -1.82 -2.66
CA VAL D 236 29.37 -0.50 -3.24
C VAL D 236 29.90 -0.62 -4.66
N THR D 237 30.87 -1.51 -4.88
CA THR D 237 31.54 -1.60 -6.17
C THR D 237 30.79 -2.44 -7.20
N THR D 238 29.77 -3.19 -6.79
CA THR D 238 29.09 -4.07 -7.73
C THR D 238 28.39 -3.30 -8.83
N CYS D 239 28.01 -2.04 -8.57
CA CYS D 239 27.38 -1.25 -9.62
C CYS D 239 28.34 -1.02 -10.78
N LEU D 240 29.60 -0.74 -10.48
CA LEU D 240 30.59 -0.58 -11.53
C LEU D 240 30.99 -1.93 -12.12
N ARG D 241 31.19 -2.93 -11.28
CA ARG D 241 31.76 -4.19 -11.77
C ARG D 241 30.75 -5.09 -12.46
N PHE D 242 29.45 -4.92 -12.23
CA PHE D 242 28.41 -5.71 -12.87
C PHE D 242 27.39 -4.81 -13.54
N PRO D 243 26.77 -5.28 -14.61
CA PRO D 243 25.69 -4.51 -15.22
C PRO D 243 24.48 -4.42 -14.31
N GLY D 244 23.76 -3.32 -14.42
CA GLY D 244 22.58 -3.10 -13.62
C GLY D 244 21.48 -2.44 -14.42
N GLN D 245 20.24 -2.69 -14.00
CA GLN D 245 19.11 -2.03 -14.67
C GLN D 245 19.19 -0.53 -14.54
N LEU D 246 19.82 -0.03 -13.48
CA LEU D 246 20.15 1.39 -13.32
C LEU D 246 21.58 1.42 -12.79
N ASN D 247 22.53 1.53 -13.71
CA ASN D 247 23.93 1.41 -13.34
C ASN D 247 24.42 2.65 -12.60
N ALA D 248 25.55 2.49 -11.93
CA ALA D 248 26.19 3.57 -11.20
C ALA D 248 27.66 3.23 -11.04
N ASP D 249 28.47 4.23 -10.67
CA ASP D 249 29.88 4.04 -10.44
C ASP D 249 30.31 4.87 -9.24
N LEU D 250 31.62 4.91 -9.01
CA LEU D 250 32.17 5.68 -7.90
C LEU D 250 31.92 7.17 -8.10
N ARG D 251 32.06 7.66 -9.33
CA ARG D 251 31.86 9.09 -9.59
C ARG D 251 30.41 9.49 -9.37
N LYS D 252 29.46 8.62 -9.72
CA LYS D 252 28.06 8.92 -9.44
C LYS D 252 27.83 9.11 -7.95
N LEU D 253 28.38 8.20 -7.14
CA LEU D 253 28.25 8.33 -5.69
C LEU D 253 28.92 9.59 -5.19
N ALA D 254 30.10 9.90 -5.71
CA ALA D 254 30.81 11.11 -5.27
C ALA D 254 30.00 12.35 -5.57
N VAL D 255 29.44 12.45 -6.78
CA VAL D 255 28.67 13.63 -7.15
C VAL D 255 27.39 13.73 -6.34
N ASN D 256 26.70 12.60 -6.16
CA ASN D 256 25.42 12.63 -5.45
C ASN D 256 25.60 12.94 -3.97
N MET D 257 26.63 12.38 -3.35
CA MET D 257 26.77 12.42 -1.91
C MET D 257 27.56 13.63 -1.41
N VAL D 258 28.13 14.42 -2.29
CA VAL D 258 28.98 15.53 -1.87
C VAL D 258 28.32 16.85 -2.26
N PRO D 259 27.64 17.52 -1.33
CA PRO D 259 27.11 18.85 -1.63
C PRO D 259 28.15 19.95 -1.50
N PHE D 260 29.20 19.74 -0.73
CA PHE D 260 30.25 20.71 -0.52
C PHE D 260 31.59 19.99 -0.46
N PRO D 261 32.68 20.64 -0.87
CA PRO D 261 33.96 19.91 -0.99
C PRO D 261 34.44 19.30 0.31
N ARG D 262 34.20 19.95 1.44
CA ARG D 262 34.71 19.46 2.71
C ARG D 262 33.70 18.61 3.48
N LEU D 263 32.47 18.49 3.00
CA LEU D 263 31.44 17.71 3.67
C LEU D 263 31.34 16.34 2.99
N HIS D 264 32.35 15.52 3.22
CA HIS D 264 32.48 14.25 2.49
C HIS D 264 32.81 13.10 3.45
N PHE D 265 32.06 13.00 4.54
CA PHE D 265 32.20 11.90 5.48
C PHE D 265 30.87 11.19 5.58
N PHE D 266 30.88 9.87 5.42
CA PHE D 266 29.66 9.11 5.19
C PHE D 266 29.54 7.96 6.19
N MET D 267 28.31 7.48 6.32
CA MET D 267 27.93 6.40 7.20
C MET D 267 27.54 5.22 6.31
N PRO D 268 28.22 4.09 6.42
CA PRO D 268 27.79 2.90 5.68
C PRO D 268 26.89 2.00 6.50
N GLY D 269 26.00 1.30 5.80
CA GLY D 269 25.08 0.38 6.43
C GLY D 269 24.72 -0.78 5.54
N PHE D 270 24.42 -1.94 6.11
CA PHE D 270 24.18 -3.14 5.34
C PHE D 270 22.88 -3.80 5.77
N ALA D 271 22.29 -4.56 4.85
CA ALA D 271 21.05 -5.29 5.08
C ALA D 271 20.87 -6.28 3.95
N PRO D 272 20.31 -7.47 4.21
CA PRO D 272 19.87 -7.94 5.52
C PRO D 272 21.00 -8.56 6.33
N LEU D 273 20.86 -8.55 7.65
CA LEU D 273 21.82 -9.17 8.56
C LEU D 273 21.02 -9.91 9.62
N THR D 274 20.74 -11.19 9.38
CA THR D 274 19.90 -11.98 10.26
C THR D 274 20.70 -13.15 10.82
N SER D 275 20.25 -13.64 11.97
CA SER D 275 20.89 -14.76 12.63
C SER D 275 20.54 -16.05 11.89
N ARG D 276 20.93 -17.20 12.45
CA ARG D 276 20.71 -18.47 11.79
C ARG D 276 19.23 -18.81 11.69
N GLY D 277 18.45 -18.52 12.73
CA GLY D 277 17.06 -18.92 12.77
C GLY D 277 16.11 -17.97 12.07
N SER D 278 16.32 -16.67 12.24
CA SER D 278 15.39 -15.67 11.72
C SER D 278 15.31 -15.67 10.20
N GLN D 279 16.28 -16.27 9.50
CA GLN D 279 16.31 -16.21 8.05
C GLN D 279 15.08 -16.81 7.42
N GLN D 280 14.46 -17.80 8.07
CA GLN D 280 13.27 -18.44 7.53
C GLN D 280 11.98 -17.77 7.97
N TYR D 281 12.06 -16.65 8.68
CA TYR D 281 10.88 -15.94 9.16
C TYR D 281 10.77 -14.54 8.61
N ARG D 282 11.55 -14.20 7.58
CA ARG D 282 11.52 -12.89 6.96
C ARG D 282 11.28 -13.03 5.46
N ALA D 283 10.23 -12.40 4.96
CA ALA D 283 10.00 -12.36 3.53
C ALA D 283 11.05 -11.49 2.86
N LEU D 284 11.91 -12.10 2.05
CA LEU D 284 13.03 -11.39 1.44
C LEU D 284 12.50 -10.46 0.35
N THR D 285 11.88 -9.37 0.80
CA THR D 285 11.31 -8.36 -0.08
C THR D 285 11.94 -7.01 0.22
N VAL D 286 11.77 -6.08 -0.73
CA VAL D 286 12.32 -4.74 -0.55
C VAL D 286 11.76 -4.05 0.67
N PRO D 287 10.46 -4.11 0.98
CA PRO D 287 10.00 -3.50 2.25
C PRO D 287 10.70 -4.08 3.47
N GLU D 288 10.98 -5.39 3.46
CA GLU D 288 11.70 -6.00 4.57
C GLU D 288 13.09 -5.41 4.73
N LEU D 289 13.65 -4.85 3.66
CA LEU D 289 14.96 -4.20 3.78
C LEU D 289 14.83 -2.71 4.12
N THR D 290 13.79 -2.05 3.61
CA THR D 290 13.61 -0.64 3.91
C THR D 290 13.23 -0.44 5.37
N GLN D 291 12.57 -1.44 5.98
CA GLN D 291 12.31 -1.38 7.42
C GLN D 291 13.58 -1.61 8.22
N GLN D 292 14.57 -2.25 7.61
CA GLN D 292 15.90 -2.43 8.20
C GLN D 292 16.90 -1.41 7.69
N MET D 293 16.43 -0.39 6.96
CA MET D 293 17.33 0.47 6.21
C MET D 293 17.65 1.77 6.94
N PHE D 294 16.63 2.44 7.46
CA PHE D 294 16.79 3.75 8.11
C PHE D 294 16.55 3.58 9.61
N ASP D 295 17.62 3.32 10.34
CA ASP D 295 17.58 3.32 11.80
C ASP D 295 19.00 3.30 12.35
N ALA D 296 19.16 3.85 13.55
CA ALA D 296 20.49 4.00 14.14
C ALA D 296 21.11 2.66 14.51
N LYS D 297 20.29 1.63 14.76
CA LYS D 297 20.85 0.35 15.17
C LYS D 297 21.62 -0.33 14.03
N ASN D 298 21.23 -0.09 12.78
CA ASN D 298 21.86 -0.75 11.65
C ASN D 298 23.02 0.03 11.07
N MET D 299 23.24 1.26 11.53
CA MET D 299 24.38 2.05 11.07
C MET D 299 25.62 1.66 11.85
N MET D 300 26.67 1.29 11.13
CA MET D 300 27.93 0.90 11.75
C MET D 300 28.80 2.10 12.11
N ALA D 301 28.22 3.29 12.19
CA ALA D 301 28.91 4.49 12.62
C ALA D 301 28.37 4.93 13.97
N ALA D 302 29.27 5.19 14.92
CA ALA D 302 28.90 5.54 16.29
C ALA D 302 28.38 6.97 16.34
N CYS D 303 27.19 7.17 15.77
CA CYS D 303 26.54 8.46 15.77
C CYS D 303 25.07 8.26 15.41
N ASP D 304 24.18 8.71 16.28
CA ASP D 304 22.76 8.52 16.05
C ASP D 304 22.25 9.57 15.07
N PRO D 305 21.77 9.15 13.90
CA PRO D 305 21.28 10.15 12.92
C PRO D 305 20.04 10.89 13.39
N ARG D 306 19.27 10.34 14.31
CA ARG D 306 18.04 10.98 14.74
C ARG D 306 18.30 12.31 15.42
N HIS D 307 19.43 12.43 16.12
CA HIS D 307 19.80 13.71 16.72
C HIS D 307 20.04 14.78 15.65
N GLY D 308 20.73 14.40 14.58
CA GLY D 308 21.03 15.31 13.49
C GLY D 308 20.05 15.15 12.34
N ARG D 309 20.50 15.54 11.16
CA ARG D 309 19.69 15.48 9.95
C ARG D 309 20.49 14.84 8.83
N TYR D 310 19.79 14.11 7.96
CA TYR D 310 20.40 13.53 6.78
C TYR D 310 20.54 14.60 5.71
N LEU D 311 21.79 14.96 5.40
CA LEU D 311 22.01 15.84 4.25
C LEU D 311 21.64 15.13 2.95
N THR D 312 22.17 13.92 2.76
CA THR D 312 21.88 13.13 1.57
C THR D 312 21.95 11.65 1.90
N VAL D 313 21.29 10.84 1.07
CA VAL D 313 21.19 9.40 1.28
C VAL D 313 21.35 8.71 -0.07
N ALA D 314 22.09 7.61 -0.10
CA ALA D 314 22.21 6.77 -1.29
C ALA D 314 21.95 5.32 -0.91
N ALA D 315 21.26 4.60 -1.78
CA ALA D 315 20.95 3.20 -1.57
C ALA D 315 21.26 2.41 -2.82
N ILE D 316 22.11 1.40 -2.69
CA ILE D 316 22.45 0.49 -3.78
C ILE D 316 21.88 -0.89 -3.45
N PHE D 317 21.07 -1.41 -4.34
CA PHE D 317 20.41 -2.69 -4.13
C PHE D 317 20.98 -3.73 -5.10
N ARG D 318 20.88 -4.99 -4.72
CA ARG D 318 21.36 -6.09 -5.55
C ARG D 318 20.34 -7.22 -5.53
N GLY D 319 19.99 -7.70 -6.73
CA GLY D 319 19.05 -8.80 -6.85
C GLY D 319 17.98 -8.61 -7.89
N ARG D 320 16.77 -9.07 -7.59
CA ARG D 320 15.62 -9.02 -8.50
C ARG D 320 14.56 -8.11 -7.90
N MET D 321 14.56 -6.85 -8.32
CA MET D 321 13.61 -5.87 -7.83
C MET D 321 12.79 -5.32 -8.98
N SER D 322 11.55 -4.96 -8.68
CA SER D 322 10.75 -4.10 -9.55
C SER D 322 10.84 -2.71 -8.93
N MET D 323 11.87 -1.97 -9.32
CA MET D 323 12.30 -0.83 -8.53
C MET D 323 11.38 0.38 -8.63
N LYS D 324 10.25 0.29 -9.32
CA LYS D 324 9.22 1.31 -9.08
C LYS D 324 8.76 1.23 -7.63
N GLU D 325 8.71 0.02 -7.08
CA GLU D 325 8.43 -0.16 -5.67
C GLU D 325 9.51 0.49 -4.83
N VAL D 326 10.77 0.37 -5.25
CA VAL D 326 11.86 1.04 -4.54
C VAL D 326 11.68 2.55 -4.58
N ASP D 327 11.27 3.09 -5.73
CA ASP D 327 11.06 4.52 -5.85
C ASP D 327 9.96 4.99 -4.90
N GLU D 328 8.81 4.31 -4.91
CA GLU D 328 7.73 4.70 -4.02
C GLU D 328 8.11 4.48 -2.57
N GLN D 329 8.95 3.48 -2.28
CA GLN D 329 9.44 3.28 -0.92
C GLN D 329 10.29 4.46 -0.46
N MET D 330 11.16 4.95 -1.33
CA MET D 330 11.93 6.16 -1.00
C MET D 330 11.01 7.35 -0.80
N LEU D 331 9.95 7.43 -1.60
CA LEU D 331 8.96 8.48 -1.40
C LEU D 331 8.32 8.39 -0.03
N ASN D 332 7.93 7.18 0.39
CA ASN D 332 7.34 7.00 1.72
C ASN D 332 8.34 7.35 2.81
N ILE D 333 9.60 6.97 2.63
CA ILE D 333 10.63 7.30 3.60
C ILE D 333 10.78 8.81 3.73
N GLN D 334 10.76 9.51 2.60
CA GLN D 334 10.79 10.96 2.64
C GLN D 334 9.56 11.51 3.37
N ASN D 335 8.40 10.91 3.12
CA ASN D 335 7.16 11.39 3.73
C ASN D 335 7.19 11.26 5.24
N LYS D 336 7.26 10.03 5.75
CA LYS D 336 7.11 9.82 7.19
C LYS D 336 8.33 10.30 7.97
N ASN D 337 9.52 10.18 7.40
CA ASN D 337 10.75 10.59 8.07
C ASN D 337 11.19 11.98 7.65
N SER D 338 10.24 12.87 7.39
CA SER D 338 10.58 14.22 6.94
C SER D 338 11.38 14.98 7.98
N SER D 339 11.21 14.64 9.27
CA SER D 339 11.94 15.34 10.31
C SER D 339 13.44 15.11 10.18
N TYR D 340 13.86 13.88 9.89
CA TYR D 340 15.28 13.54 9.85
C TYR D 340 15.95 13.98 8.55
N PHE D 341 15.19 14.44 7.56
CA PHE D 341 15.76 14.80 6.28
C PHE D 341 15.90 16.31 6.16
N VAL D 342 16.98 16.74 5.50
CA VAL D 342 17.19 18.15 5.27
C VAL D 342 16.13 18.69 4.32
N GLU D 343 15.84 19.99 4.45
CA GLU D 343 14.75 20.61 3.71
C GLU D 343 15.20 21.24 2.40
N TRP D 344 16.39 21.82 2.33
CA TRP D 344 16.83 22.53 1.14
C TRP D 344 17.49 21.63 0.11
N ILE D 345 17.25 20.32 0.20
CA ILE D 345 17.70 19.38 -0.83
C ILE D 345 16.48 18.53 -1.23
N PRO D 346 15.67 18.99 -2.17
CA PRO D 346 14.47 18.22 -2.54
C PRO D 346 14.85 16.88 -3.14
N ASN D 347 14.11 15.85 -2.73
CA ASN D 347 14.36 14.47 -3.13
C ASN D 347 15.84 14.11 -2.93
N ASN D 348 16.24 14.10 -1.66
CA ASN D 348 17.64 13.89 -1.27
C ASN D 348 18.04 12.42 -1.26
N VAL D 349 17.27 11.55 -1.90
CA VAL D 349 17.53 10.12 -1.90
C VAL D 349 17.97 9.71 -3.30
N LYS D 350 19.10 9.03 -3.38
CA LYS D 350 19.63 8.49 -4.63
C LYS D 350 19.54 6.98 -4.57
N THR D 351 19.13 6.36 -5.69
CA THR D 351 18.87 4.93 -5.73
C THR D 351 19.52 4.31 -6.96
N ALA D 352 20.16 3.16 -6.77
CA ALA D 352 20.71 2.42 -7.89
C ALA D 352 20.58 0.92 -7.64
N VAL D 353 20.53 0.16 -8.73
CA VAL D 353 20.26 -1.27 -8.67
C VAL D 353 21.28 -2.00 -9.54
N CYS D 354 21.83 -3.09 -9.01
CA CYS D 354 22.75 -3.96 -9.73
C CYS D 354 22.10 -5.33 -9.87
N ASP D 355 22.19 -5.91 -11.07
CA ASP D 355 21.46 -7.14 -11.36
C ASP D 355 21.93 -8.29 -10.48
N ILE D 356 23.23 -8.54 -10.46
CA ILE D 356 23.76 -9.75 -9.81
C ILE D 356 23.79 -9.56 -8.31
N PRO D 357 23.14 -10.43 -7.55
CA PRO D 357 23.18 -10.34 -6.09
C PRO D 357 24.46 -10.93 -5.55
N PRO D 358 24.84 -10.58 -4.32
CA PRO D 358 26.02 -11.20 -3.72
C PRO D 358 25.79 -12.68 -3.48
N ARG D 359 26.89 -13.44 -3.47
CA ARG D 359 26.81 -14.88 -3.31
C ARG D 359 26.18 -15.23 -1.96
N GLY D 360 25.23 -16.17 -2.00
CA GLY D 360 24.55 -16.63 -0.80
C GLY D 360 23.30 -15.86 -0.45
N LEU D 361 23.11 -14.67 -1.03
CA LEU D 361 21.92 -13.85 -0.75
C LEU D 361 21.24 -13.53 -2.06
N LYS D 362 19.94 -13.82 -2.14
CA LYS D 362 19.19 -13.55 -3.36
C LYS D 362 19.03 -12.06 -3.60
N MET D 363 19.07 -11.25 -2.53
CA MET D 363 18.79 -9.83 -2.65
C MET D 363 19.24 -9.13 -1.39
N SER D 364 19.89 -7.97 -1.56
CA SER D 364 20.43 -7.21 -0.44
C SER D 364 20.46 -5.74 -0.81
N ALA D 365 20.85 -4.90 0.15
CA ALA D 365 20.94 -3.47 -0.05
C ALA D 365 22.12 -2.93 0.75
N THR D 366 22.50 -1.69 0.43
CA THR D 366 23.60 -1.02 1.11
C THR D 366 23.31 0.47 1.14
N PHE D 367 23.63 1.08 2.27
CA PHE D 367 23.25 2.46 2.60
C PHE D 367 24.50 3.31 2.76
N ILE D 368 24.50 4.48 2.12
CA ILE D 368 25.57 5.46 2.25
C ILE D 368 24.90 6.78 2.61
N GLY D 369 25.03 7.20 3.85
CA GLY D 369 24.34 8.39 4.33
C GLY D 369 25.28 9.48 4.76
N ASN D 370 25.08 10.68 4.21
CA ASN D 370 25.79 11.87 4.65
C ASN D 370 24.85 12.68 5.54
N SER D 371 25.21 12.79 6.82
CA SER D 371 24.36 13.43 7.80
C SER D 371 25.22 14.19 8.80
N THR D 372 24.54 14.84 9.75
CA THR D 372 25.20 15.64 10.78
C THR D 372 25.43 14.87 12.07
N ALA D 373 25.10 13.57 12.11
CA ALA D 373 25.34 12.81 13.32
C ALA D 373 26.83 12.66 13.61
N ILE D 374 27.63 12.36 12.57
CA ILE D 374 29.07 12.23 12.72
C ILE D 374 29.70 13.44 13.37
N GLN D 375 29.12 14.63 13.15
CA GLN D 375 29.57 15.83 13.85
C GLN D 375 29.82 15.55 15.33
N GLU D 376 28.82 14.98 16.01
CA GLU D 376 29.00 14.62 17.42
C GLU D 376 30.31 13.88 17.62
N LEU D 377 30.48 12.75 16.94
CA LEU D 377 31.75 12.04 16.96
C LEU D 377 32.92 13.00 16.80
N PHE D 378 32.95 13.72 15.67
CA PHE D 378 34.00 14.70 15.44
C PHE D 378 34.09 15.67 16.61
N LYS D 379 32.96 16.26 17.00
CA LYS D 379 32.96 17.21 18.11
C LYS D 379 33.63 16.58 19.32
N ARG D 380 33.24 15.35 19.65
CA ARG D 380 33.81 14.69 20.82
C ARG D 380 35.33 14.66 20.73
N ILE D 381 35.86 14.19 19.61
CA ILE D 381 37.30 14.08 19.47
C ILE D 381 37.96 15.41 19.80
N SER D 382 37.37 16.50 19.31
CA SER D 382 37.89 17.83 19.59
C SER D 382 38.23 17.99 21.06
N GLU D 383 37.23 17.88 21.95
CA GLU D 383 37.54 18.17 23.34
C GLU D 383 38.52 17.15 23.90
N GLN D 384 38.42 15.89 23.47
CA GLN D 384 39.37 14.91 23.94
C GLN D 384 40.79 15.33 23.58
N PHE D 385 40.98 15.81 22.34
CA PHE D 385 42.28 16.34 21.97
C PHE D 385 42.68 17.46 22.92
N THR D 386 41.76 18.40 23.15
CA THR D 386 42.04 19.47 24.12
C THR D 386 42.33 18.89 25.49
N ALA D 387 41.54 17.89 25.91
CA ALA D 387 41.75 17.30 27.23
C ALA D 387 43.13 16.67 27.34
N MET D 388 43.72 16.29 26.20
CA MET D 388 45.04 15.70 26.24
C MET D 388 46.12 16.67 25.77
N PHE D 389 45.76 17.92 25.48
CA PHE D 389 46.73 18.89 24.99
C PHE D 389 47.02 19.99 25.99
N ARG D 390 46.04 20.36 26.83
CA ARG D 390 46.27 21.42 27.80
C ARG D 390 47.33 21.02 28.80
N ARG D 391 47.33 19.76 29.24
CA ARG D 391 48.34 19.25 30.15
C ARG D 391 49.62 18.83 29.43
N LYS D 392 49.66 18.93 28.10
CA LYS D 392 50.82 18.57 27.31
C LYS D 392 51.24 17.12 27.54
N ALA D 393 50.25 16.23 27.59
CA ALA D 393 50.51 14.81 27.82
C ALA D 393 50.92 14.13 26.52
N PHE D 394 52.02 13.38 26.59
CA PHE D 394 52.54 12.60 25.46
C PHE D 394 52.97 13.47 24.28
N LEU D 395 53.33 14.73 24.54
CA LEU D 395 53.84 15.58 23.48
C LEU D 395 55.32 15.35 23.19
N HIS D 396 56.04 14.67 24.07
CA HIS D 396 57.47 14.49 23.86
C HIS D 396 57.74 13.64 22.62
N TRP D 397 56.96 12.58 22.41
CA TRP D 397 57.20 11.70 21.28
C TRP D 397 57.01 12.44 19.95
N TYR D 398 55.93 13.21 19.83
CA TYR D 398 55.69 13.93 18.58
C TYR D 398 56.66 15.09 18.42
N THR D 399 56.97 15.79 19.52
CA THR D 399 57.88 16.93 19.43
C THR D 399 59.28 16.49 19.01
N GLY D 400 59.76 15.36 19.54
CA GLY D 400 61.09 14.90 19.21
C GLY D 400 61.23 14.37 17.80
N GLU D 401 60.11 14.03 17.15
CA GLU D 401 60.14 13.44 15.83
C GLU D 401 60.02 14.46 14.71
N GLY D 402 59.95 15.75 15.03
CA GLY D 402 59.92 16.79 14.02
C GLY D 402 58.65 17.60 13.94
N MET D 403 57.63 17.25 14.71
CA MET D 403 56.38 18.02 14.69
C MET D 403 56.56 19.29 15.52
N ASP D 404 55.45 19.98 15.78
CA ASP D 404 55.49 21.22 16.54
C ASP D 404 54.12 21.46 17.15
N GLU D 405 54.11 22.31 18.19
CA GLU D 405 52.83 22.70 18.79
C GLU D 405 51.98 23.50 17.82
N MET D 406 52.62 24.30 16.95
CA MET D 406 51.86 25.05 15.94
C MET D 406 51.15 24.10 14.99
N GLU D 407 51.78 22.95 14.67
CA GLU D 407 51.12 21.97 13.82
C GLU D 407 49.83 21.46 14.44
N PHE D 408 49.89 21.10 15.73
CA PHE D 408 48.68 20.65 16.41
C PHE D 408 47.65 21.76 16.52
N THR D 409 48.11 22.99 16.74
CA THR D 409 47.17 24.11 16.82
C THR D 409 46.44 24.31 15.50
N GLU D 410 47.16 24.28 14.38
CA GLU D 410 46.53 24.43 13.08
C GLU D 410 45.58 23.28 12.79
N ALA D 411 46.00 22.05 13.12
CA ALA D 411 45.14 20.90 12.90
C ALA D 411 43.85 21.01 13.69
N GLU D 412 43.95 21.40 14.96
CA GLU D 412 42.76 21.56 15.79
C GLU D 412 41.89 22.70 15.28
N SER D 413 42.50 23.78 14.81
CA SER D 413 41.72 24.89 14.26
C SER D 413 40.92 24.45 13.05
N ASN D 414 41.54 23.70 12.14
CA ASN D 414 40.82 23.21 10.97
C ASN D 414 39.74 22.21 11.38
N MET D 415 40.03 21.38 12.38
CA MET D 415 39.05 20.40 12.85
C MET D 415 37.83 21.09 13.43
N ASN D 416 38.05 22.14 14.24
CA ASN D 416 36.96 22.91 14.79
C ASN D 416 36.20 23.66 13.71
N ASP D 417 36.90 24.13 12.68
CA ASP D 417 36.21 24.75 11.55
C ASP D 417 35.28 23.75 10.87
N LEU D 418 35.74 22.52 10.69
CA LEU D 418 34.91 21.50 10.07
C LEU D 418 33.67 21.21 10.90
N VAL D 419 33.85 21.02 12.21
CA VAL D 419 32.68 20.73 13.04
C VAL D 419 31.74 21.93 13.09
N SER D 420 32.28 23.15 13.07
CA SER D 420 31.44 24.34 13.05
C SER D 420 30.63 24.43 11.77
N GLU D 421 31.25 24.11 10.63
CA GLU D 421 30.50 24.10 9.38
C GLU D 421 29.40 23.06 9.40
N TYR D 422 29.70 21.87 9.93
CA TYR D 422 28.68 20.84 10.03
C TYR D 422 27.51 21.30 10.89
N GLN D 423 27.80 21.94 12.02
CA GLN D 423 26.75 22.44 12.88
C GLN D 423 25.97 23.57 12.21
N GLN D 424 26.67 24.44 11.48
CA GLN D 424 26.01 25.57 10.82
C GLN D 424 25.04 25.08 9.77
N TYR D 425 25.41 24.04 9.01
CA TYR D 425 24.50 23.54 7.99
C TYR D 425 23.37 22.70 8.54
N GLN D 426 23.17 22.69 9.86
CA GLN D 426 22.06 21.97 10.45
C GLN D 426 20.85 22.90 10.59
#